data_8D6K
#
_entry.id   8D6K
#
_cell.length_a   112.438
_cell.length_b   112.438
_cell.length_c   310.411
_cell.angle_alpha   90.000
_cell.angle_beta   90.000
_cell.angle_gamma   90.000
#
_symmetry.space_group_name_H-M   'P 41 21 2'
#
loop_
_entity.id
_entity.type
_entity.pdbx_description
1 polymer 'Alpha-1,4-glucan:maltose-1-phosphate maltosyltransferase 1'
2 non-polymer DI(HYDROXYETHYL)ETHER
3 non-polymer '(1R,4S,5S,6R)-4-(cyclohexylamino)-5,6-dihydroxy-2-(hydroxymethyl)cyclohex-2-en-1-yl alpha-D-glucopyranoside'
4 water water
#
_entity_poly.entity_id   1
_entity_poly.type   'polypeptide(L)'
_entity_poly.pdbx_seq_one_letter_code
;MPATHHSSATSAERPTVVGRIPVLDVRPVVQRGRRPAKAVTGESFEVSATVFREGHDAVGANVVLRDPRGRPGPWTPMRE
LAPGTDRWGATVTAGETGTWSYTVEAWGDPVTTWRHHARIKIPAGLDTDLVLEEGARLYERAAADVPGREDRRELLAAVD
ALRDESRPAASRLAAALTPQVDAVLARHPLRDLVTSSDPLPLLVERERALYGAWYEFFPRSEGTPHTPHGTFRTAARRLP
AIAAMGFDVVYLPPIHPIGTTHRKGRNNTLSATGDDVGSPWAIGSPEGGHDSIHPALGTLDDFDHFVTEAGKLGLEIALD
FALQCSPDHPWVHKHPEWFHHRPDGTIAHAENPPKKYQDIYPIAFDADPDGLATETVRILRHWMDHGVRIFRVDNPHTKP
VAFWERVIADINGTDPDVIFLAEAFTRPAMMATLAQIGFQQSYTYFTWRNTKQELTEYLTELSGEAASYMRPNFFANTPD
ILHAYLQHGGRPAFEVRAVLAATLSPTWGIYSGYELCENTPLREGSEEYLDSEKYQLKPRDWTRAAREGTTIAPLVTRLN
TIRRENPALRQLRDLHFHPTDKEEVIAYSKRQGSNTVLVVVNLDPRHTQEATVSLDMPQLGLDWHESVPVRDELTGETYH
WGRANYVRLEPGRTPAHVCTVLRPSHPQIGGSHTTALHHHHHH
;
_entity_poly.pdbx_strand_id   B,A
#
loop_
_chem_comp.id
_chem_comp.type
_chem_comp.name
_chem_comp.formula
PEG non-polymer DI(HYDROXYETHYL)ETHER 'C4 H10 O3'
RT6 non-polymer '(1R,4S,5S,6R)-4-(cyclohexylamino)-5,6-dihydroxy-2-(hydroxymethyl)cyclohex-2-en-1-yl alpha-D-glucopyranoside' 'C19 H33 N O9'
#
# COMPACT_ATOMS: atom_id res chain seq x y z
N PRO A 15 -18.11 2.83 20.74
CA PRO A 15 -17.70 1.63 19.96
C PRO A 15 -16.51 1.94 19.04
N THR A 16 -15.27 1.77 19.50
CA THR A 16 -14.12 2.31 18.79
C THR A 16 -13.61 1.30 17.75
N VAL A 17 -12.92 1.84 16.74
CA VAL A 17 -12.32 1.01 15.69
C VAL A 17 -11.04 0.34 16.16
N VAL A 18 -10.14 1.11 16.88
CA VAL A 18 -8.89 0.60 17.44
C VAL A 18 -9.20 0.00 18.81
N GLY A 19 -8.64 -1.18 19.09
CA GLY A 19 -8.81 -1.88 20.35
C GLY A 19 -7.83 -1.42 21.43
N ARG A 20 -7.85 -2.13 22.56
CA ARG A 20 -7.04 -1.71 23.72
C ARG A 20 -5.56 -1.61 23.35
N ILE A 21 -4.97 -2.68 22.84
CA ILE A 21 -3.65 -2.63 22.24
C ILE A 21 -3.83 -2.60 20.73
N PRO A 22 -3.51 -1.49 20.05
CA PRO A 22 -3.73 -1.42 18.61
C PRO A 22 -3.12 -2.60 17.88
N VAL A 23 -3.91 -3.22 17.01
CA VAL A 23 -3.43 -4.17 16.02
C VAL A 23 -4.12 -3.81 14.70
N LEU A 24 -3.31 -3.40 13.71
CA LEU A 24 -3.82 -2.80 12.48
C LEU A 24 -3.13 -3.38 11.26
N ASP A 25 -3.85 -3.27 10.12
CA ASP A 25 -3.35 -3.65 8.81
C ASP A 25 -2.78 -5.07 8.80
N VAL A 26 -3.57 -5.99 9.33
CA VAL A 26 -3.14 -7.42 9.31
C VAL A 26 -3.02 -7.85 7.86
N ARG A 27 -1.81 -8.24 7.46
CA ARG A 27 -1.58 -8.76 6.10
C ARG A 27 -1.27 -10.25 6.28
N PRO A 28 -1.43 -11.14 5.28
CA PRO A 28 -1.92 -10.78 3.95
C PRO A 28 -3.39 -10.32 3.83
N VAL A 29 -3.67 -9.44 2.87
CA VAL A 29 -5.05 -9.00 2.68
C VAL A 29 -5.32 -8.94 1.18
N VAL A 30 -6.52 -9.34 0.78
CA VAL A 30 -6.93 -9.31 -0.62
C VAL A 30 -8.19 -8.47 -0.71
N GLN A 31 -8.10 -7.35 -1.44
CA GLN A 31 -9.24 -6.45 -1.67
C GLN A 31 -9.92 -6.09 -0.35
N ARG A 32 -9.11 -5.58 0.57
CA ARG A 32 -9.60 -5.12 1.86
C ARG A 32 -10.35 -6.18 2.61
N GLY A 33 -10.09 -7.44 2.30
CA GLY A 33 -10.54 -8.56 3.10
C GLY A 33 -11.78 -9.24 2.60
N ARG A 34 -12.32 -8.82 1.46
CA ARG A 34 -13.54 -9.46 0.96
C ARG A 34 -13.29 -10.49 -0.14
N ARG A 35 -12.04 -10.83 -0.42
CA ARG A 35 -11.65 -12.02 -1.16
C ARG A 35 -10.58 -12.72 -0.32
N PRO A 36 -10.46 -14.04 -0.43
CA PRO A 36 -9.49 -14.74 0.42
C PRO A 36 -8.05 -14.60 -0.07
N ALA A 37 -7.13 -14.46 0.89
CA ALA A 37 -5.74 -14.78 0.66
C ALA A 37 -5.60 -16.28 0.37
N LYS A 38 -4.53 -16.63 -0.34
CA LYS A 38 -4.38 -17.99 -0.85
C LYS A 38 -3.22 -18.75 -0.19
N ALA A 39 -3.38 -20.07 -0.14
CA ALA A 39 -2.32 -20.96 0.34
C ALA A 39 -2.68 -22.37 -0.10
N VAL A 40 -1.71 -23.27 0.06
CA VAL A 40 -1.93 -24.69 -0.24
C VAL A 40 -1.48 -25.49 0.97
N THR A 41 -1.98 -26.73 1.04
CA THR A 41 -1.60 -27.64 2.10
C THR A 41 -0.09 -27.75 2.27
N GLY A 42 0.37 -27.53 3.49
CA GLY A 42 1.79 -27.62 3.82
C GLY A 42 2.63 -26.41 3.48
N GLU A 43 2.03 -25.31 3.03
CA GLU A 43 2.73 -24.07 2.69
C GLU A 43 2.89 -23.15 3.91
N SER A 44 4.09 -22.59 4.06
CA SER A 44 4.38 -21.58 5.08
C SER A 44 4.32 -20.20 4.45
N PHE A 45 3.72 -19.26 5.17
CA PHE A 45 3.69 -17.85 4.79
C PHE A 45 3.55 -17.03 6.07
N GLU A 46 3.92 -15.75 5.97
CA GLU A 46 4.06 -14.90 7.14
C GLU A 46 2.83 -14.00 7.29
N VAL A 47 2.12 -14.15 8.40
CA VAL A 47 1.08 -13.19 8.78
C VAL A 47 1.76 -12.04 9.50
N SER A 48 1.28 -10.82 9.25
CA SER A 48 1.93 -9.63 9.77
C SER A 48 0.86 -8.62 10.19
N ALA A 49 1.28 -7.66 11.02
CA ALA A 49 0.41 -6.66 11.61
C ALA A 49 1.27 -5.52 12.15
N THR A 50 0.71 -4.33 12.17
CA THR A 50 1.33 -3.25 12.92
C THR A 50 0.81 -3.34 14.34
N VAL A 51 1.72 -3.37 15.32
CA VAL A 51 1.37 -3.66 16.71
C VAL A 51 2.18 -2.73 17.62
N PHE A 52 1.48 -1.97 18.46
CA PHE A 52 2.14 -1.07 19.41
C PHE A 52 1.15 -0.71 20.50
N ARG A 53 1.61 0.11 21.46
CA ARG A 53 0.75 0.58 22.54
C ARG A 53 1.18 1.97 22.99
N GLU A 54 0.30 2.60 23.76
CA GLU A 54 0.65 3.88 24.37
C GLU A 54 1.68 3.65 25.45
N GLY A 55 2.57 4.62 25.60
CA GLY A 55 3.60 4.48 26.61
C GLY A 55 4.75 3.61 26.17
N HIS A 56 5.54 3.22 27.17
CA HIS A 56 6.85 2.63 26.94
C HIS A 56 6.94 1.14 27.25
N ASP A 57 5.87 0.53 27.75
CA ASP A 57 5.90 -0.87 28.13
C ASP A 57 5.92 -1.80 26.91
N ALA A 58 6.34 -3.02 27.16
CA ALA A 58 6.52 -4.00 26.10
C ALA A 58 5.17 -4.55 25.61
N VAL A 59 5.09 -4.78 24.29
CA VAL A 59 3.98 -5.46 23.62
C VAL A 59 4.45 -6.83 23.15
N GLY A 60 3.50 -7.77 23.06
CA GLY A 60 3.71 -8.99 22.34
C GLY A 60 2.58 -9.22 21.34
N ALA A 61 2.84 -10.09 20.36
CA ALA A 61 1.79 -10.43 19.42
C ALA A 61 1.93 -11.88 19.01
N ASN A 62 0.83 -12.48 18.60
CA ASN A 62 0.85 -13.85 18.13
C ASN A 62 -0.22 -14.02 17.07
N VAL A 63 -0.02 -15.00 16.17
CA VAL A 63 -0.97 -15.29 15.10
C VAL A 63 -1.80 -16.50 15.50
N VAL A 64 -3.10 -16.43 15.20
CA VAL A 64 -4.05 -17.52 15.48
C VAL A 64 -4.70 -17.97 14.17
N LEU A 65 -4.28 -19.13 13.67
CA LEU A 65 -4.87 -19.79 12.52
C LEU A 65 -6.04 -20.67 12.95
N ARG A 66 -7.14 -20.61 12.21
CA ARG A 66 -8.31 -21.45 12.47
C ARG A 66 -8.58 -22.31 11.23
N ASP A 67 -8.64 -23.63 11.44
CA ASP A 67 -8.96 -24.54 10.37
C ASP A 67 -10.46 -24.40 10.05
N PRO A 68 -10.97 -25.06 9.01
CA PRO A 68 -12.34 -24.73 8.56
C PRO A 68 -13.44 -25.09 9.56
N ARG A 69 -13.09 -25.70 10.68
CA ARG A 69 -14.04 -26.08 11.72
C ARG A 69 -14.02 -25.19 12.95
N GLY A 70 -13.13 -24.21 13.04
CA GLY A 70 -12.99 -23.41 14.24
C GLY A 70 -11.70 -23.68 15.00
N ARG A 71 -11.05 -24.81 14.74
CA ARG A 71 -10.00 -25.29 15.65
C ARG A 71 -8.74 -24.47 15.46
N PRO A 72 -8.13 -23.95 16.53
CA PRO A 72 -6.95 -23.08 16.40
C PRO A 72 -5.64 -23.85 16.34
N GLY A 73 -4.66 -23.22 15.69
CA GLY A 73 -3.35 -23.84 15.55
C GLY A 73 -2.48 -23.60 16.76
N PRO A 74 -1.23 -24.04 16.67
CA PRO A 74 -0.29 -23.86 17.78
C PRO A 74 -0.10 -22.40 18.15
N TRP A 75 0.30 -22.17 19.40
CA TRP A 75 0.78 -20.85 19.82
C TRP A 75 1.90 -20.36 18.89
N THR A 76 1.64 -19.25 18.18
CA THR A 76 2.54 -18.75 17.14
C THR A 76 2.89 -17.29 17.42
N PRO A 77 3.91 -17.04 18.23
CA PRO A 77 4.27 -15.65 18.58
C PRO A 77 4.99 -14.93 17.45
N MET A 78 4.82 -13.62 17.42
CA MET A 78 5.39 -12.79 16.36
C MET A 78 6.55 -11.97 16.91
N ARG A 79 7.37 -11.46 16.01
CA ARG A 79 8.50 -10.62 16.36
C ARG A 79 8.44 -9.31 15.58
N GLU A 80 8.97 -8.23 16.16
CA GLU A 80 9.17 -7.03 15.37
C GLU A 80 10.17 -7.32 14.26
N LEU A 81 9.79 -7.01 13.02
CA LEU A 81 10.55 -7.45 11.87
C LEU A 81 11.73 -6.57 11.53
N ALA A 82 11.69 -5.30 11.93
CA ALA A 82 12.83 -4.45 11.80
C ALA A 82 12.63 -3.47 12.95
N PRO A 83 13.71 -3.06 13.62
CA PRO A 83 13.58 -2.18 14.78
C PRO A 83 12.92 -0.85 14.44
N GLY A 84 12.16 -0.34 15.40
CA GLY A 84 11.48 0.92 15.31
C GLY A 84 10.32 0.98 14.33
N THR A 85 9.97 -0.15 13.70
CA THR A 85 8.93 -0.16 12.69
C THR A 85 7.55 -0.56 13.23
N ASP A 86 7.48 -1.18 14.41
CA ASP A 86 6.23 -1.68 15.00
C ASP A 86 5.50 -2.67 14.08
N ARG A 87 6.20 -3.18 13.07
CA ARG A 87 5.66 -4.22 12.20
C ARG A 87 6.11 -5.59 12.72
N TRP A 88 5.15 -6.47 12.92
CA TRP A 88 5.40 -7.77 13.52
C TRP A 88 5.00 -8.84 12.55
N GLY A 89 5.64 -9.99 12.65
CA GLY A 89 5.33 -11.09 11.76
C GLY A 89 5.63 -12.42 12.40
N ALA A 90 4.97 -13.45 11.87
CA ALA A 90 5.22 -14.84 12.25
C ALA A 90 4.84 -15.75 11.09
N THR A 91 5.53 -16.88 10.99
CA THR A 91 5.21 -17.82 9.93
C THR A 91 4.19 -18.82 10.48
N VAL A 92 3.13 -19.03 9.71
CA VAL A 92 2.08 -19.99 9.98
C VAL A 92 2.00 -20.97 8.80
N THR A 93 1.39 -22.14 9.05
CA THR A 93 1.32 -23.18 8.03
C THR A 93 -0.07 -23.80 7.95
N ALA A 94 -0.57 -23.93 6.71
CA ALA A 94 -1.90 -24.43 6.41
C ALA A 94 -1.88 -25.95 6.28
N GLY A 95 -2.98 -26.58 6.67
CA GLY A 95 -3.03 -28.02 6.59
C GLY A 95 -4.06 -28.53 5.60
N GLU A 96 -5.11 -29.11 6.15
CA GLU A 96 -6.22 -29.61 5.34
C GLU A 96 -6.77 -28.53 4.43
N THR A 97 -7.19 -28.92 3.23
CA THR A 97 -7.81 -27.95 2.32
C THR A 97 -9.11 -27.39 2.90
N GLY A 98 -9.41 -26.15 2.57
CA GLY A 98 -10.67 -25.57 2.97
C GLY A 98 -10.52 -24.08 3.18
N THR A 99 -11.58 -23.47 3.70
CA THR A 99 -11.58 -22.05 4.04
C THR A 99 -11.20 -21.88 5.51
N TRP A 100 -10.02 -21.28 5.73
CA TRP A 100 -9.47 -20.98 7.05
C TRP A 100 -9.71 -19.51 7.37
N SER A 101 -9.25 -19.12 8.55
CA SER A 101 -9.31 -17.73 8.95
C SER A 101 -8.11 -17.48 9.85
N TYR A 102 -7.71 -16.21 9.93
CA TYR A 102 -6.61 -15.87 10.82
C TYR A 102 -6.81 -14.50 11.42
N THR A 103 -6.47 -14.40 12.69
CA THR A 103 -6.44 -13.15 13.43
C THR A 103 -5.05 -13.03 14.03
N VAL A 104 -4.67 -11.78 14.30
CA VAL A 104 -3.49 -11.48 15.09
C VAL A 104 -3.99 -10.99 16.44
N GLU A 105 -3.44 -11.54 17.52
CA GLU A 105 -3.68 -11.02 18.86
C GLU A 105 -2.47 -10.23 19.33
N ALA A 106 -2.71 -9.05 19.90
CA ALA A 106 -1.69 -8.22 20.55
C ALA A 106 -2.02 -8.05 22.02
N TRP A 107 -0.98 -7.77 22.82
CA TRP A 107 -1.13 -7.78 24.27
C TRP A 107 0.02 -7.03 24.92
N GLY A 108 -0.26 -6.54 26.13
CA GLY A 108 0.79 -6.05 27.02
C GLY A 108 1.61 -7.21 27.56
N ASP A 109 2.94 -7.06 27.49
CA ASP A 109 3.89 -8.08 27.91
C ASP A 109 4.56 -7.62 29.20
N PRO A 110 3.97 -7.93 30.36
CA PRO A 110 4.48 -7.36 31.60
C PRO A 110 5.80 -7.98 32.07
N VAL A 111 6.10 -9.24 31.75
CA VAL A 111 7.35 -9.85 32.20
C VAL A 111 8.55 -9.24 31.47
N THR A 112 8.42 -8.99 30.16
CA THR A 112 9.49 -8.32 29.45
C THR A 112 9.64 -6.90 29.92
N THR A 113 8.52 -6.25 30.20
CA THR A 113 8.56 -4.89 30.70
C THR A 113 9.30 -4.84 32.01
N TRP A 114 8.92 -5.72 32.96
CA TRP A 114 9.50 -5.77 34.29
C TRP A 114 10.97 -6.20 34.24
N ARG A 115 11.26 -7.27 33.50
CA ARG A 115 12.63 -7.75 33.39
C ARG A 115 13.53 -6.67 32.84
N HIS A 116 13.03 -5.87 31.91
CA HIS A 116 13.84 -4.78 31.39
C HIS A 116 14.16 -3.76 32.48
N HIS A 117 13.15 -3.37 33.28
CA HIS A 117 13.36 -2.39 34.34
C HIS A 117 14.16 -2.95 35.53
N ALA A 118 13.94 -4.22 35.88
CA ALA A 118 14.67 -4.79 37.00
C ALA A 118 16.17 -4.88 36.70
N ARG A 119 16.55 -4.95 35.42
CA ARG A 119 17.96 -5.07 35.07
C ARG A 119 18.73 -3.76 35.29
N ILE A 120 18.06 -2.62 35.22
CA ILE A 120 18.67 -1.32 35.49
C ILE A 120 18.46 -0.89 36.94
N LYS A 121 17.23 -1.00 37.46
CA LYS A 121 16.91 -0.46 38.77
C LYS A 121 17.59 -1.27 39.88
N ILE A 122 17.68 -2.58 39.74
CA ILE A 122 18.19 -3.40 40.84
C ILE A 122 19.67 -3.13 41.10
N PRO A 123 20.53 -3.07 40.08
CA PRO A 123 21.95 -2.72 40.37
C PRO A 123 22.13 -1.28 40.78
N ALA A 124 21.30 -0.37 40.29
CA ALA A 124 21.37 1.02 40.73
C ALA A 124 20.93 1.19 42.19
N GLY A 125 20.40 0.13 42.81
CA GLY A 125 19.89 0.23 44.17
C GLY A 125 18.65 1.08 44.31
N LEU A 126 17.84 1.19 43.25
CA LEU A 126 16.63 2.01 43.24
C LEU A 126 15.43 1.12 43.51
N ASP A 127 14.66 1.46 44.54
CA ASP A 127 13.40 0.78 44.83
C ASP A 127 13.53 -0.74 44.88
N THR A 128 14.73 -1.24 45.22
CA THR A 128 14.98 -2.68 45.08
C THR A 128 13.91 -3.52 45.81
N ASP A 129 13.40 -3.01 46.94
CA ASP A 129 12.36 -3.75 47.66
C ASP A 129 11.02 -3.70 46.92
N LEU A 130 10.72 -2.61 46.23
CA LEU A 130 9.47 -2.49 45.47
C LEU A 130 9.52 -3.28 44.16
N VAL A 131 10.63 -3.19 43.42
CA VAL A 131 10.68 -3.85 42.12
C VAL A 131 10.69 -5.35 42.29
N LEU A 132 11.33 -5.86 43.35
CA LEU A 132 11.38 -7.29 43.57
C LEU A 132 10.03 -7.84 44.03
N GLU A 133 9.27 -7.07 44.81
CA GLU A 133 7.91 -7.49 45.12
C GLU A 133 7.02 -7.39 43.89
N GLU A 134 7.24 -6.40 43.02
CA GLU A 134 6.58 -6.38 41.72
C GLU A 134 6.85 -7.68 40.96
N GLY A 135 8.09 -8.16 40.96
CA GLY A 135 8.40 -9.37 40.25
C GLY A 135 7.76 -10.60 40.88
N ALA A 136 7.74 -10.65 42.22
CA ALA A 136 7.11 -11.78 42.89
C ALA A 136 5.63 -11.86 42.53
N ARG A 137 4.90 -10.77 42.75
CA ARG A 137 3.46 -10.73 42.49
C ARG A 137 3.10 -11.11 41.06
N LEU A 138 3.98 -10.79 40.11
CA LEU A 138 3.73 -10.93 38.68
C LEU A 138 4.12 -12.31 38.16
N TYR A 139 5.21 -12.89 38.66
CA TYR A 139 5.50 -14.31 38.38
C TYR A 139 4.47 -15.23 39.03
N GLU A 140 3.97 -14.85 40.22
CA GLU A 140 2.82 -15.56 40.78
C GLU A 140 1.63 -15.53 39.84
N ARG A 141 1.41 -14.40 39.17
CA ARG A 141 0.32 -14.30 38.21
C ARG A 141 0.60 -15.15 36.97
N ALA A 142 1.83 -15.10 36.47
CA ALA A 142 2.22 -15.99 35.38
C ALA A 142 2.03 -17.45 35.75
N ALA A 143 2.15 -17.78 37.04
CA ALA A 143 2.04 -19.17 37.46
C ALA A 143 0.61 -19.65 37.56
N ALA A 144 -0.35 -18.74 37.68
CA ALA A 144 -1.74 -19.17 37.83
C ALA A 144 -2.32 -19.79 36.56
N ASP A 145 -1.76 -19.49 35.38
CA ASP A 145 -2.21 -20.07 34.13
C ASP A 145 -1.34 -21.22 33.65
N VAL A 146 -0.12 -21.35 34.15
CA VAL A 146 0.71 -22.45 33.69
C VAL A 146 0.13 -23.74 34.24
N PRO A 147 -0.21 -24.70 33.38
CA PRO A 147 -0.97 -25.88 33.81
C PRO A 147 -0.18 -27.10 34.20
N GLY A 148 1.14 -27.12 34.02
CA GLY A 148 1.94 -28.27 34.42
C GLY A 148 2.32 -28.15 35.89
N ARG A 149 2.23 -29.26 36.61
CA ARG A 149 2.66 -29.20 38.00
C ARG A 149 4.12 -28.78 38.12
N GLU A 150 4.95 -29.23 37.19
CA GLU A 150 6.37 -28.89 37.24
C GLU A 150 6.60 -27.47 36.77
N ASP A 151 5.98 -27.10 35.64
CA ASP A 151 6.06 -25.74 35.16
C ASP A 151 5.54 -24.75 36.20
N ARG A 152 4.47 -25.12 36.93
CA ARG A 152 3.92 -24.27 37.99
C ARG A 152 4.94 -24.08 39.11
N ARG A 153 5.41 -25.19 39.67
CA ARG A 153 6.28 -25.13 40.84
C ARG A 153 7.60 -24.44 40.50
N GLU A 154 8.06 -24.55 39.26
CA GLU A 154 9.27 -23.82 38.84
C GLU A 154 9.07 -22.32 38.94
N LEU A 155 7.99 -21.81 38.34
CA LEU A 155 7.71 -20.38 38.41
C LEU A 155 7.57 -19.90 39.85
N LEU A 156 6.84 -20.67 40.69
CA LEU A 156 6.59 -20.27 42.08
C LEU A 156 7.84 -20.30 42.96
N ALA A 157 8.87 -21.06 42.55
CA ALA A 157 10.14 -20.99 43.27
C ALA A 157 10.84 -19.67 43.00
N ALA A 158 10.81 -19.21 41.74
CA ALA A 158 11.33 -17.88 41.42
C ALA A 158 10.59 -16.80 42.19
N VAL A 159 9.27 -16.98 42.41
CA VAL A 159 8.51 -16.00 43.20
C VAL A 159 9.07 -15.92 44.60
N ASP A 160 9.37 -17.08 45.21
CA ASP A 160 9.90 -17.11 46.57
C ASP A 160 11.34 -16.61 46.61
N ALA A 161 12.12 -16.92 45.58
CA ALA A 161 13.49 -16.42 45.52
C ALA A 161 13.51 -14.91 45.38
N LEU A 162 12.55 -14.35 44.63
CA LEU A 162 12.41 -12.91 44.57
C LEU A 162 12.09 -12.32 45.92
N ARG A 163 11.37 -13.06 46.77
CA ARG A 163 10.88 -12.58 48.06
C ARG A 163 11.80 -12.90 49.24
N ASP A 164 12.88 -13.65 49.04
CA ASP A 164 13.81 -14.05 50.09
C ASP A 164 14.70 -12.87 50.50
N GLU A 165 14.36 -12.19 51.59
CA GLU A 165 15.10 -10.98 52.01
C GLU A 165 16.45 -11.37 52.62
N SER A 166 16.72 -12.67 52.75
CA SER A 166 17.98 -13.16 53.37
C SER A 166 19.05 -13.23 52.29
N ARG A 167 18.69 -12.84 51.07
CA ARG A 167 19.64 -12.93 49.95
C ARG A 167 19.91 -11.52 49.38
N PRO A 168 21.09 -11.17 48.79
CA PRO A 168 21.23 -9.86 48.18
C PRO A 168 20.23 -9.62 47.04
N ALA A 169 19.77 -8.37 46.85
CA ALA A 169 18.80 -8.12 45.80
C ALA A 169 19.28 -8.63 44.45
N ALA A 170 20.58 -8.52 44.18
CA ALA A 170 21.12 -9.00 42.92
C ALA A 170 20.95 -10.49 42.75
N SER A 171 20.92 -11.21 43.88
CA SER A 171 20.72 -12.67 43.86
C SER A 171 19.26 -13.02 43.80
N ARG A 172 18.41 -12.21 44.42
CA ARG A 172 16.98 -12.43 44.32
C ARG A 172 16.48 -12.19 42.90
N LEU A 173 16.94 -11.12 42.26
CA LEU A 173 16.54 -10.86 40.88
C LEU A 173 17.05 -11.94 39.95
N ALA A 174 18.28 -12.40 40.18
CA ALA A 174 18.90 -13.39 39.29
C ALA A 174 18.04 -14.64 39.14
N ALA A 175 17.28 -14.97 40.18
CA ALA A 175 16.49 -16.19 40.22
C ALA A 175 15.25 -16.12 39.34
N ALA A 176 14.80 -14.92 38.98
CA ALA A 176 13.67 -14.73 38.09
C ALA A 176 14.09 -14.75 36.62
N LEU A 177 15.39 -14.85 36.33
CA LEU A 177 15.91 -14.82 34.97
C LEU A 177 16.66 -16.09 34.57
N THR A 178 16.64 -17.14 35.40
CA THR A 178 17.24 -18.40 35.02
C THR A 178 16.50 -18.98 33.81
N PRO A 179 17.21 -19.68 32.92
CA PRO A 179 16.55 -20.24 31.72
C PRO A 179 15.42 -21.19 32.00
N GLN A 180 15.42 -21.87 33.15
CA GLN A 180 14.26 -22.68 33.50
C GLN A 180 13.02 -21.84 33.68
N VAL A 181 13.19 -20.56 34.02
CA VAL A 181 12.03 -19.68 34.11
C VAL A 181 11.62 -19.21 32.73
N ASP A 182 12.59 -18.83 31.88
CA ASP A 182 12.25 -18.52 30.49
C ASP A 182 11.62 -19.73 29.80
N ALA A 183 11.99 -20.94 30.22
CA ALA A 183 11.38 -22.15 29.68
C ALA A 183 9.89 -22.17 29.93
N VAL A 184 9.48 -22.13 31.19
CA VAL A 184 8.06 -22.14 31.53
C VAL A 184 7.35 -20.91 30.97
N LEU A 185 8.09 -19.82 30.75
CA LEU A 185 7.47 -18.57 30.33
C LEU A 185 7.27 -18.52 28.82
N ALA A 186 8.27 -18.97 28.06
CA ALA A 186 8.04 -19.16 26.63
C ALA A 186 6.88 -20.11 26.35
N ARG A 187 6.65 -21.10 27.21
CA ARG A 187 5.58 -22.07 26.95
C ARG A 187 4.20 -21.47 27.22
N HIS A 188 4.08 -20.69 28.29
CA HIS A 188 2.78 -20.18 28.73
C HIS A 188 2.95 -18.73 29.14
N PRO A 189 3.03 -17.82 28.17
CA PRO A 189 3.30 -16.40 28.51
C PRO A 189 2.13 -15.71 29.19
N LEU A 190 2.46 -14.77 30.06
CA LEU A 190 1.48 -13.95 30.76
C LEU A 190 1.08 -12.79 29.86
N ARG A 191 -0.18 -12.77 29.43
CA ARG A 191 -0.64 -11.84 28.41
C ARG A 191 -1.68 -10.87 28.96
N ASP A 192 -1.37 -9.57 28.90
CA ASP A 192 -2.27 -8.52 29.38
C ASP A 192 -2.96 -7.80 28.23
N LEU A 193 -4.24 -7.48 28.43
CA LEU A 193 -5.01 -6.63 27.52
C LEU A 193 -5.07 -7.21 26.11
N VAL A 194 -5.46 -8.47 26.01
CA VAL A 194 -5.41 -9.19 24.74
C VAL A 194 -6.41 -8.59 23.75
N THR A 195 -5.89 -8.04 22.65
CA THR A 195 -6.68 -7.41 21.61
C THR A 195 -6.56 -8.25 20.34
N SER A 196 -7.70 -8.54 19.71
CA SER A 196 -7.74 -9.33 18.48
C SER A 196 -8.10 -8.46 17.28
N SER A 197 -7.46 -8.75 16.16
CA SER A 197 -7.95 -8.25 14.87
C SER A 197 -9.19 -9.05 14.45
N ASP A 198 -9.90 -8.51 13.47
CA ASP A 198 -11.02 -9.22 12.88
C ASP A 198 -10.51 -10.36 12.00
N PRO A 199 -11.24 -11.48 11.94
CA PRO A 199 -10.71 -12.64 11.20
C PRO A 199 -10.56 -12.34 9.73
N LEU A 200 -9.48 -12.82 9.17
CA LEU A 200 -9.30 -12.67 7.74
C LEU A 200 -9.35 -14.01 7.03
N PRO A 201 -9.96 -14.07 5.84
CA PRO A 201 -10.18 -15.37 5.18
C PRO A 201 -8.95 -15.87 4.44
N LEU A 202 -8.71 -17.17 4.57
CA LEU A 202 -7.65 -17.88 3.87
C LEU A 202 -8.26 -19.07 3.17
N LEU A 203 -7.87 -19.30 1.92
CA LEU A 203 -8.38 -20.42 1.11
C LEU A 203 -7.22 -21.35 0.81
N VAL A 204 -7.26 -22.55 1.38
CA VAL A 204 -6.18 -23.52 1.29
C VAL A 204 -6.56 -24.58 0.26
N GLU A 205 -5.73 -24.74 -0.77
CA GLU A 205 -6.05 -25.60 -1.89
C GLU A 205 -5.03 -26.72 -1.98
N ARG A 206 -5.37 -27.71 -2.79
CA ARG A 206 -4.50 -28.87 -2.92
C ARG A 206 -3.12 -28.44 -3.42
N GLU A 207 -2.15 -29.33 -3.22
CA GLU A 207 -0.74 -28.96 -3.37
C GLU A 207 -0.41 -28.60 -4.81
N ARG A 208 -1.02 -29.30 -5.78
CA ARG A 208 -0.84 -29.01 -7.20
C ARG A 208 -1.18 -27.57 -7.57
N ALA A 209 -1.92 -26.86 -6.71
CA ALA A 209 -2.26 -25.48 -7.05
C ALA A 209 -1.02 -24.62 -7.06
N LEU A 210 -0.05 -24.96 -6.23
CA LEU A 210 1.21 -24.22 -6.15
C LEU A 210 2.39 -24.92 -6.79
N TYR A 211 2.48 -26.25 -6.69
CA TYR A 211 3.67 -27.01 -7.05
C TYR A 211 3.39 -28.00 -8.16
N GLY A 212 4.24 -28.00 -9.19
CA GLY A 212 4.13 -28.96 -10.26
C GLY A 212 4.82 -28.54 -11.54
N ALA A 213 5.32 -29.50 -12.31
CA ALA A 213 5.96 -29.23 -13.59
C ALA A 213 4.99 -29.58 -14.70
N TRP A 214 4.79 -28.65 -15.64
CA TRP A 214 3.84 -28.80 -16.73
C TRP A 214 4.54 -29.08 -18.05
N TYR A 215 3.93 -29.93 -18.87
CA TYR A 215 4.40 -30.23 -20.22
C TYR A 215 3.22 -30.09 -21.16
N GLU A 216 3.40 -29.28 -22.20
CA GLU A 216 2.39 -29.04 -23.22
C GLU A 216 2.78 -29.72 -24.54
N PHE A 217 1.86 -30.52 -25.10
CA PHE A 217 2.10 -31.09 -26.43
C PHE A 217 0.78 -31.26 -27.17
N PHE A 218 0.88 -31.33 -28.52
CA PHE A 218 -0.29 -31.50 -29.40
C PHE A 218 -0.45 -32.99 -29.72
N PRO A 219 -1.53 -33.66 -29.31
CA PRO A 219 -1.69 -35.08 -29.67
C PRO A 219 -1.62 -35.33 -31.18
N ARG A 220 -2.18 -34.42 -31.97
CA ARG A 220 -2.27 -34.66 -33.40
C ARG A 220 -0.89 -34.76 -34.03
N SER A 221 0.14 -34.22 -33.39
CA SER A 221 1.45 -34.32 -33.97
C SER A 221 2.12 -35.66 -33.71
N GLU A 222 1.61 -36.45 -32.76
CA GLU A 222 2.23 -37.73 -32.43
C GLU A 222 1.52 -38.84 -33.20
N GLY A 223 1.68 -38.80 -34.52
CA GLY A 223 1.07 -39.76 -35.41
C GLY A 223 2.03 -40.87 -35.83
N THR A 224 1.62 -41.61 -36.84
CA THR A 224 2.43 -42.64 -37.47
C THR A 224 2.63 -42.29 -38.93
N PRO A 225 3.64 -42.89 -39.58
CA PRO A 225 3.83 -42.67 -41.02
C PRO A 225 2.61 -42.94 -41.89
N HIS A 226 1.78 -43.92 -41.54
CA HIS A 226 0.66 -44.21 -42.43
C HIS A 226 -0.58 -43.40 -42.09
N THR A 227 -0.73 -42.96 -40.84
CA THR A 227 -1.75 -42.00 -40.46
C THR A 227 -1.05 -40.88 -39.70
N PRO A 228 -0.60 -39.82 -40.41
CA PRO A 228 0.19 -38.77 -39.74
C PRO A 228 -0.58 -37.97 -38.71
N HIS A 229 -1.87 -37.73 -38.90
CA HIS A 229 -2.63 -37.02 -37.87
C HIS A 229 -2.75 -37.95 -36.66
N GLY A 230 -2.13 -37.55 -35.55
CA GLY A 230 -2.16 -38.38 -34.37
C GLY A 230 -3.56 -38.51 -33.81
N THR A 231 -3.73 -39.56 -33.02
CA THR A 231 -4.97 -39.82 -32.32
C THR A 231 -4.65 -39.93 -30.84
N PHE A 232 -5.70 -40.01 -30.02
CA PHE A 232 -5.45 -40.21 -28.60
C PHE A 232 -4.68 -41.51 -28.36
N ARG A 233 -4.91 -42.53 -29.18
CA ARG A 233 -4.25 -43.81 -28.97
C ARG A 233 -2.77 -43.73 -29.30
N THR A 234 -2.44 -43.04 -30.39
CA THR A 234 -1.03 -42.83 -30.70
C THR A 234 -0.38 -41.86 -29.72
N ALA A 235 -1.08 -40.77 -29.37
CA ALA A 235 -0.53 -39.81 -28.42
C ALA A 235 -0.31 -40.42 -27.03
N ALA A 236 -1.17 -41.34 -26.59
CA ALA A 236 -0.97 -41.97 -25.28
C ALA A 236 0.42 -42.58 -25.14
N ARG A 237 1.06 -42.94 -26.24
CA ARG A 237 2.41 -43.49 -26.22
C ARG A 237 3.47 -42.44 -25.96
N ARG A 238 3.13 -41.16 -26.03
CA ARG A 238 4.09 -40.11 -25.75
C ARG A 238 4.18 -39.84 -24.25
N LEU A 239 3.18 -40.29 -23.49
CA LEU A 239 3.13 -40.05 -22.05
C LEU A 239 4.31 -40.63 -21.29
N PRO A 240 4.73 -41.88 -21.52
CA PRO A 240 5.93 -42.38 -20.83
C PRO A 240 7.17 -41.49 -20.95
N ALA A 241 7.47 -40.95 -22.14
CA ALA A 241 8.58 -40.01 -22.25
C ALA A 241 8.36 -38.79 -21.35
N ILE A 242 7.11 -38.30 -21.30
CA ILE A 242 6.81 -37.10 -20.55
C ILE A 242 6.89 -37.39 -19.07
N ALA A 243 6.30 -38.50 -18.63
CA ALA A 243 6.40 -38.91 -17.24
C ALA A 243 7.85 -39.10 -16.83
N ALA A 244 8.65 -39.72 -17.70
CA ALA A 244 10.07 -39.96 -17.39
C ALA A 244 10.84 -38.66 -17.23
N MET A 245 10.42 -37.60 -17.93
N MET A 245 10.43 -37.60 -17.93
CA MET A 245 11.06 -36.31 -17.70
CA MET A 245 11.10 -36.34 -17.69
C MET A 245 10.66 -35.69 -16.37
C MET A 245 10.75 -35.75 -16.33
N GLY A 246 9.84 -36.37 -15.58
CA GLY A 246 9.52 -35.93 -14.25
C GLY A 246 8.41 -34.93 -14.17
N PHE A 247 7.53 -34.90 -15.17
CA PHE A 247 6.42 -33.98 -15.20
C PHE A 247 5.21 -34.56 -14.46
N ASP A 248 4.33 -33.67 -13.99
CA ASP A 248 3.15 -34.01 -13.21
C ASP A 248 1.85 -33.66 -13.92
N VAL A 249 1.86 -32.65 -14.79
CA VAL A 249 0.65 -32.21 -15.51
C VAL A 249 0.99 -32.18 -16.98
N VAL A 250 0.06 -32.65 -17.81
CA VAL A 250 0.16 -32.60 -19.28
C VAL A 250 -0.98 -31.73 -19.77
N TYR A 251 -0.63 -30.60 -20.39
CA TYR A 251 -1.60 -29.61 -20.85
C TYR A 251 -1.75 -29.75 -22.37
N LEU A 252 -2.98 -30.06 -22.81
CA LEU A 252 -3.43 -30.26 -24.20
C LEU A 252 -4.05 -28.99 -24.75
N PRO A 253 -3.69 -28.55 -25.95
CA PRO A 253 -4.48 -27.52 -26.65
C PRO A 253 -5.88 -28.03 -26.93
N PRO A 254 -6.81 -27.18 -27.39
CA PRO A 254 -8.20 -27.65 -27.56
C PRO A 254 -8.26 -28.92 -28.39
N ILE A 255 -9.10 -29.86 -27.93
CA ILE A 255 -9.16 -31.23 -28.44
C ILE A 255 -10.43 -31.48 -29.25
N HIS A 256 -11.16 -30.43 -29.59
CA HIS A 256 -12.48 -30.55 -30.17
C HIS A 256 -12.41 -30.38 -31.69
N PRO A 257 -13.52 -30.63 -32.39
CA PRO A 257 -13.53 -30.37 -33.83
C PRO A 257 -13.06 -28.95 -34.15
N ILE A 258 -12.28 -28.81 -35.22
CA ILE A 258 -11.78 -27.52 -35.68
C ILE A 258 -12.63 -27.01 -36.82
N GLY A 259 -12.87 -25.70 -36.85
CA GLY A 259 -13.66 -25.12 -37.92
C GLY A 259 -12.96 -25.21 -39.26
N THR A 260 -13.75 -25.04 -40.32
CA THR A 260 -13.22 -24.97 -41.67
C THR A 260 -13.31 -23.58 -42.29
N THR A 261 -14.35 -22.81 -41.95
CA THR A 261 -14.51 -21.44 -42.47
C THR A 261 -13.39 -20.54 -41.96
N HIS A 262 -12.63 -19.96 -42.88
CA HIS A 262 -11.50 -19.11 -42.53
C HIS A 262 -10.43 -19.86 -41.76
N ARG A 263 -10.42 -21.19 -41.87
CA ARG A 263 -9.34 -21.96 -41.30
C ARG A 263 -8.01 -21.39 -41.78
N LYS A 264 -7.10 -21.18 -40.83
CA LYS A 264 -5.78 -20.72 -41.19
C LYS A 264 -4.97 -21.88 -41.74
N GLY A 265 -4.10 -21.56 -42.70
CA GLY A 265 -3.16 -22.51 -43.26
C GLY A 265 -1.82 -22.43 -42.54
N ARG A 266 -0.85 -23.17 -43.06
CA ARG A 266 0.49 -23.20 -42.47
C ARG A 266 1.03 -21.79 -42.26
N ASN A 267 1.80 -21.62 -41.18
CA ASN A 267 2.48 -20.36 -40.91
C ASN A 267 1.52 -19.19 -40.82
N ASN A 268 0.31 -19.43 -40.32
CA ASN A 268 -0.64 -18.37 -40.01
C ASN A 268 -1.07 -17.61 -41.26
N THR A 269 -1.18 -18.31 -42.39
CA THR A 269 -1.70 -17.73 -43.61
C THR A 269 -3.23 -17.78 -43.58
N LEU A 270 -3.86 -16.81 -44.27
CA LEU A 270 -5.30 -16.60 -44.08
C LEU A 270 -6.14 -17.75 -44.63
N SER A 271 -5.74 -18.31 -45.77
CA SER A 271 -6.52 -19.35 -46.43
C SER A 271 -5.81 -20.68 -46.32
N ALA A 272 -6.55 -21.71 -45.93
CA ALA A 272 -5.97 -23.03 -45.78
C ALA A 272 -5.77 -23.66 -47.17
N THR A 273 -5.43 -24.94 -47.19
CA THR A 273 -5.35 -25.72 -48.43
C THR A 273 -6.11 -27.01 -48.14
N GLY A 274 -5.86 -28.03 -48.95
CA GLY A 274 -6.71 -29.22 -48.88
C GLY A 274 -6.55 -30.05 -47.62
N ASP A 275 -5.37 -30.03 -47.01
CA ASP A 275 -5.15 -30.84 -45.82
C ASP A 275 -4.49 -30.06 -44.70
N ASP A 276 -4.44 -28.73 -44.80
CA ASP A 276 -4.01 -27.91 -43.68
C ASP A 276 -4.95 -28.13 -42.49
N VAL A 277 -4.36 -28.35 -41.31
CA VAL A 277 -5.15 -28.80 -40.17
C VAL A 277 -5.88 -27.70 -39.43
N GLY A 278 -5.45 -26.43 -39.59
CA GLY A 278 -6.07 -25.33 -38.88
C GLY A 278 -5.73 -25.25 -37.41
N SER A 279 -6.00 -24.12 -36.78
CA SER A 279 -5.64 -23.96 -35.37
C SER A 279 -6.67 -24.62 -34.45
N PRO A 280 -6.23 -25.42 -33.46
CA PRO A 280 -7.20 -26.10 -32.57
C PRO A 280 -8.05 -25.14 -31.78
N TRP A 281 -7.63 -23.89 -31.64
CA TRP A 281 -8.45 -22.91 -30.95
C TRP A 281 -9.62 -22.44 -31.77
N ALA A 282 -9.68 -22.81 -33.05
CA ALA A 282 -10.86 -22.53 -33.88
C ALA A 282 -11.95 -23.54 -33.59
N ILE A 283 -12.41 -23.53 -32.33
CA ILE A 283 -13.24 -24.61 -31.82
C ILE A 283 -14.60 -24.59 -32.48
N GLY A 284 -15.05 -25.74 -32.93
CA GLY A 284 -16.43 -25.87 -33.35
C GLY A 284 -16.55 -26.18 -34.82
N SER A 285 -17.46 -27.09 -35.13
CA SER A 285 -17.80 -27.49 -36.49
C SER A 285 -19.05 -28.35 -36.35
N PRO A 286 -19.70 -28.74 -37.44
CA PRO A 286 -20.90 -29.60 -37.30
C PRO A 286 -20.64 -30.96 -36.69
N GLU A 287 -19.39 -31.35 -36.44
CA GLU A 287 -19.08 -32.58 -35.72
C GLU A 287 -19.24 -32.40 -34.21
N GLY A 288 -19.46 -31.17 -33.75
CA GLY A 288 -19.63 -30.89 -32.33
C GLY A 288 -18.90 -29.66 -31.86
N GLY A 289 -19.15 -29.26 -30.61
CA GLY A 289 -18.44 -28.13 -30.05
C GLY A 289 -17.51 -28.50 -28.89
N HIS A 290 -17.48 -27.66 -27.85
CA HIS A 290 -16.50 -27.81 -26.79
C HIS A 290 -16.66 -29.11 -26.01
N ASP A 291 -17.83 -29.76 -26.05
CA ASP A 291 -18.04 -31.02 -25.33
C ASP A 291 -17.69 -32.24 -26.17
N SER A 292 -17.26 -32.06 -27.41
CA SER A 292 -17.01 -33.17 -28.30
C SER A 292 -15.53 -33.28 -28.63
N ILE A 293 -15.13 -34.47 -29.10
CA ILE A 293 -13.75 -34.76 -29.47
C ILE A 293 -13.62 -34.58 -30.97
N HIS A 294 -12.50 -33.99 -31.40
CA HIS A 294 -12.16 -33.81 -32.80
C HIS A 294 -12.04 -35.17 -33.47
N PRO A 295 -12.82 -35.45 -34.52
CA PRO A 295 -12.91 -36.83 -35.00
C PRO A 295 -11.57 -37.42 -35.41
N ALA A 296 -10.58 -36.63 -35.88
CA ALA A 296 -9.28 -37.24 -36.19
C ALA A 296 -8.49 -37.66 -34.96
N LEU A 297 -8.92 -37.31 -33.74
CA LEU A 297 -8.24 -37.76 -32.54
C LEU A 297 -8.82 -39.05 -32.00
N GLY A 298 -10.04 -39.40 -32.43
CA GLY A 298 -10.75 -40.53 -31.91
C GLY A 298 -12.07 -40.17 -31.25
N THR A 299 -12.55 -41.05 -30.39
CA THR A 299 -13.82 -40.91 -29.71
C THR A 299 -13.62 -40.43 -28.28
N LEU A 300 -14.73 -40.30 -27.55
CA LEU A 300 -14.66 -40.00 -26.12
C LEU A 300 -14.01 -41.13 -25.31
N ASP A 301 -14.03 -42.37 -25.80
CA ASP A 301 -13.36 -43.48 -25.12
C ASP A 301 -11.86 -43.46 -25.35
N ASP A 302 -11.44 -43.08 -26.57
CA ASP A 302 -10.03 -42.83 -26.83
C ASP A 302 -9.45 -41.81 -25.85
N PHE A 303 -10.25 -40.81 -25.49
CA PHE A 303 -9.83 -39.82 -24.51
C PHE A 303 -9.70 -40.45 -23.13
N ASP A 304 -10.68 -41.26 -22.73
CA ASP A 304 -10.58 -41.95 -21.45
C ASP A 304 -9.35 -42.82 -21.40
N HIS A 305 -9.12 -43.61 -22.46
CA HIS A 305 -7.88 -44.37 -22.54
C HIS A 305 -6.67 -43.48 -22.28
N PHE A 306 -6.63 -42.32 -22.95
CA PHE A 306 -5.53 -41.39 -22.76
C PHE A 306 -5.46 -40.93 -21.30
N VAL A 307 -6.59 -40.51 -20.75
CA VAL A 307 -6.64 -40.05 -19.37
C VAL A 307 -6.18 -41.15 -18.43
N THR A 308 -6.59 -42.38 -18.73
CA THR A 308 -6.22 -43.49 -17.88
C THR A 308 -4.73 -43.78 -17.96
N GLU A 309 -4.20 -43.91 -19.20
CA GLU A 309 -2.76 -44.10 -19.39
C GLU A 309 -1.97 -42.95 -18.78
N ALA A 310 -2.49 -41.73 -18.83
CA ALA A 310 -1.82 -40.62 -18.18
C ALA A 310 -1.82 -40.80 -16.66
N GLY A 311 -2.98 -41.15 -16.10
CA GLY A 311 -3.08 -41.35 -14.67
C GLY A 311 -2.16 -42.46 -14.18
N LYS A 312 -2.09 -43.56 -14.93
CA LYS A 312 -1.23 -44.70 -14.54
C LYS A 312 0.22 -44.21 -14.37
N LEU A 313 0.67 -43.32 -15.26
CA LEU A 313 2.04 -42.84 -15.19
C LEU A 313 2.22 -41.74 -14.15
N GLY A 314 1.16 -41.35 -13.45
CA GLY A 314 1.21 -40.27 -12.51
C GLY A 314 1.00 -38.89 -13.09
N LEU A 315 0.46 -38.80 -14.31
CA LEU A 315 0.26 -37.53 -15.00
C LEU A 315 -1.19 -37.09 -14.86
N GLU A 316 -1.39 -35.81 -14.61
CA GLU A 316 -2.72 -35.21 -14.60
C GLU A 316 -2.94 -34.49 -15.90
N ILE A 317 -4.13 -34.62 -16.44
CA ILE A 317 -4.48 -33.97 -17.70
C ILE A 317 -5.06 -32.60 -17.40
N ALA A 318 -4.52 -31.58 -18.07
CA ALA A 318 -5.09 -30.25 -18.10
C ALA A 318 -5.59 -29.96 -19.51
N LEU A 319 -6.86 -29.58 -19.60
CA LEU A 319 -7.51 -29.27 -20.87
C LEU A 319 -7.55 -27.75 -21.09
N ASP A 320 -7.45 -27.35 -22.35
CA ASP A 320 -7.56 -25.93 -22.69
C ASP A 320 -9.02 -25.55 -22.81
N PHE A 321 -9.42 -24.51 -22.11
CA PHE A 321 -10.76 -23.97 -22.26
C PHE A 321 -10.64 -22.63 -22.96
N ALA A 322 -11.08 -22.58 -24.22
CA ALA A 322 -11.09 -21.35 -24.99
C ALA A 322 -12.55 -20.99 -25.23
N LEU A 323 -13.06 -20.02 -24.45
CA LEU A 323 -14.45 -19.58 -24.57
C LEU A 323 -14.53 -18.67 -25.79
N GLN A 324 -14.69 -19.31 -26.94
CA GLN A 324 -14.70 -18.70 -28.27
C GLN A 324 -15.13 -19.80 -29.23
N CYS A 325 -15.38 -19.42 -30.48
N CYS A 325 -15.28 -19.45 -30.49
CA CYS A 325 -15.91 -20.30 -31.50
CA CYS A 325 -15.67 -20.49 -31.42
C CYS A 325 -15.26 -19.98 -32.84
C CYS A 325 -15.41 -20.03 -32.84
N SER A 326 -15.18 -21.01 -33.70
CA SER A 326 -15.07 -20.82 -35.13
C SER A 326 -16.46 -20.63 -35.73
N PRO A 327 -16.57 -20.04 -36.90
CA PRO A 327 -17.92 -19.74 -37.45
C PRO A 327 -18.79 -20.97 -37.68
N ASP A 328 -18.22 -22.17 -37.64
CA ASP A 328 -18.96 -23.41 -37.82
C ASP A 328 -19.38 -24.06 -36.50
N HIS A 329 -19.03 -23.47 -35.37
CA HIS A 329 -19.55 -23.97 -34.10
C HIS A 329 -21.06 -24.02 -34.14
N PRO A 330 -21.70 -25.05 -33.54
CA PRO A 330 -23.18 -25.05 -33.49
C PRO A 330 -23.75 -23.85 -32.76
N TRP A 331 -22.98 -23.26 -31.84
CA TRP A 331 -23.45 -22.09 -31.10
C TRP A 331 -23.81 -20.93 -32.01
N VAL A 332 -23.13 -20.82 -33.16
CA VAL A 332 -23.29 -19.64 -34.00
C VAL A 332 -24.73 -19.44 -34.41
N HIS A 333 -25.44 -20.55 -34.60
CA HIS A 333 -26.86 -20.53 -34.89
C HIS A 333 -27.74 -20.96 -33.73
N LYS A 334 -27.21 -21.76 -32.81
CA LYS A 334 -28.03 -22.18 -31.69
C LYS A 334 -28.16 -21.07 -30.66
N HIS A 335 -27.15 -20.21 -30.56
CA HIS A 335 -27.16 -19.08 -29.63
C HIS A 335 -26.53 -17.87 -30.30
N PRO A 336 -27.23 -17.30 -31.29
CA PRO A 336 -26.73 -16.06 -31.90
C PRO A 336 -26.49 -14.96 -30.88
N GLU A 337 -27.28 -14.94 -29.80
CA GLU A 337 -27.17 -13.88 -28.80
C GLU A 337 -25.87 -13.96 -28.00
N TRP A 338 -25.10 -15.03 -28.13
CA TRP A 338 -23.78 -15.08 -27.51
C TRP A 338 -22.71 -14.45 -28.37
N PHE A 339 -23.08 -13.62 -29.33
CA PHE A 339 -22.13 -13.00 -30.24
C PHE A 339 -22.59 -11.59 -30.49
N HIS A 340 -21.67 -10.72 -30.89
CA HIS A 340 -22.05 -9.36 -31.25
C HIS A 340 -22.06 -9.23 -32.76
N HIS A 341 -23.23 -8.92 -33.31
CA HIS A 341 -23.36 -8.80 -34.76
C HIS A 341 -23.39 -7.33 -35.13
N ARG A 342 -22.59 -6.95 -36.12
CA ARG A 342 -22.63 -5.61 -36.70
C ARG A 342 -23.90 -5.44 -37.53
N PRO A 343 -24.27 -4.19 -37.85
CA PRO A 343 -25.55 -3.95 -38.54
C PRO A 343 -25.79 -4.83 -39.75
N ASP A 344 -24.75 -5.27 -40.46
CA ASP A 344 -24.92 -6.17 -41.57
C ASP A 344 -24.97 -7.63 -41.15
N GLY A 345 -24.90 -7.90 -39.85
CA GLY A 345 -25.05 -9.24 -39.35
C GLY A 345 -23.77 -10.01 -39.24
N THR A 346 -22.67 -9.50 -39.76
CA THR A 346 -21.40 -10.20 -39.58
C THR A 346 -20.89 -10.06 -38.15
N ILE A 347 -20.04 -10.99 -37.76
CA ILE A 347 -19.41 -11.00 -36.46
C ILE A 347 -17.92 -10.75 -36.67
N ALA A 348 -17.44 -9.60 -36.21
CA ALA A 348 -16.00 -9.32 -36.28
C ALA A 348 -15.18 -10.48 -35.71
N HIS A 349 -14.18 -10.92 -36.48
CA HIS A 349 -13.26 -11.91 -35.96
C HIS A 349 -12.46 -11.33 -34.79
N ALA A 350 -12.09 -12.21 -33.87
CA ALA A 350 -11.40 -11.78 -32.67
C ALA A 350 -10.02 -11.22 -32.98
N GLU A 351 -9.61 -10.28 -32.14
CA GLU A 351 -8.29 -9.69 -32.15
C GLU A 351 -7.75 -9.66 -30.73
N ASN A 352 -6.44 -9.77 -30.63
CA ASN A 352 -5.70 -9.44 -29.42
C ASN A 352 -4.56 -8.55 -29.91
N PRO A 353 -4.91 -7.35 -30.37
CA PRO A 353 -4.06 -6.67 -31.35
C PRO A 353 -2.65 -6.54 -30.85
N PRO A 354 -1.65 -6.53 -31.75
CA PRO A 354 -1.81 -6.42 -33.21
C PRO A 354 -2.14 -7.73 -33.93
N LYS A 355 -2.31 -8.81 -33.17
CA LYS A 355 -2.64 -10.10 -33.74
C LYS A 355 -4.08 -10.13 -34.25
N LYS A 356 -4.30 -10.92 -35.30
CA LYS A 356 -5.62 -11.11 -35.88
C LYS A 356 -5.97 -12.59 -35.82
N TYR A 357 -7.17 -12.89 -35.35
CA TYR A 357 -7.67 -14.26 -35.25
C TYR A 357 -8.86 -14.43 -36.20
N GLN A 358 -8.58 -14.42 -37.51
CA GLN A 358 -9.65 -14.41 -38.51
C GLN A 358 -10.53 -15.65 -38.47
N ASP A 359 -10.08 -16.73 -37.85
CA ASP A 359 -10.80 -18.00 -37.88
C ASP A 359 -11.76 -18.18 -36.73
N ILE A 360 -11.85 -17.23 -35.80
CA ILE A 360 -12.67 -17.40 -34.60
C ILE A 360 -13.44 -16.13 -34.26
N TYR A 361 -14.62 -16.34 -33.62
CA TYR A 361 -15.55 -15.35 -33.09
C TYR A 361 -15.38 -15.15 -31.59
N PRO A 362 -15.27 -13.92 -31.12
CA PRO A 362 -15.35 -13.68 -29.67
C PRO A 362 -16.78 -13.80 -29.14
N ILE A 363 -16.89 -14.32 -27.93
CA ILE A 363 -18.18 -14.42 -27.24
C ILE A 363 -18.58 -13.04 -26.72
N ALA A 364 -19.84 -12.65 -26.92
CA ALA A 364 -20.41 -11.48 -26.27
C ALA A 364 -21.24 -11.93 -25.07
N PHE A 365 -21.20 -11.13 -24.01
CA PHE A 365 -21.60 -11.62 -22.69
C PHE A 365 -22.79 -10.91 -22.09
N ASP A 366 -23.21 -9.78 -22.66
CA ASP A 366 -24.20 -8.92 -22.02
C ASP A 366 -25.63 -9.22 -22.45
N ALA A 367 -25.85 -10.08 -23.44
CA ALA A 367 -27.19 -10.43 -23.87
C ALA A 367 -27.79 -11.58 -23.07
N ASP A 368 -27.05 -12.66 -22.89
CA ASP A 368 -27.54 -13.85 -22.18
C ASP A 368 -26.45 -14.34 -21.26
N PRO A 369 -26.10 -13.53 -20.26
CA PRO A 369 -25.01 -13.94 -19.36
C PRO A 369 -25.32 -15.21 -18.60
N ASP A 370 -26.59 -15.44 -18.26
CA ASP A 370 -26.96 -16.70 -17.60
C ASP A 370 -26.70 -17.90 -18.52
N GLY A 371 -27.00 -17.77 -19.82
CA GLY A 371 -26.79 -18.88 -20.71
C GLY A 371 -25.35 -19.31 -20.82
N LEU A 372 -24.44 -18.33 -20.90
CA LEU A 372 -23.01 -18.63 -21.00
C LEU A 372 -22.49 -19.25 -19.71
N ALA A 373 -22.91 -18.71 -18.57
CA ALA A 373 -22.53 -19.29 -17.29
C ALA A 373 -22.96 -20.75 -17.20
N THR A 374 -24.26 -21.02 -17.42
CA THR A 374 -24.77 -22.39 -17.35
C THR A 374 -24.04 -23.32 -18.32
N GLU A 375 -23.78 -22.84 -19.54
CA GLU A 375 -23.14 -23.71 -20.50
C GLU A 375 -21.68 -23.95 -20.13
N THR A 376 -20.99 -22.90 -19.65
CA THR A 376 -19.57 -23.02 -19.35
C THR A 376 -19.33 -24.08 -18.28
N VAL A 377 -20.13 -24.06 -17.23
CA VAL A 377 -19.95 -25.03 -16.16
C VAL A 377 -20.44 -26.42 -16.58
N ARG A 378 -21.48 -26.49 -17.45
CA ARG A 378 -21.87 -27.77 -18.02
C ARG A 378 -20.73 -28.35 -18.84
N ILE A 379 -20.15 -27.53 -19.71
CA ILE A 379 -19.03 -28.00 -20.51
C ILE A 379 -17.90 -28.47 -19.61
N LEU A 380 -17.60 -27.67 -18.57
CA LEU A 380 -16.50 -28.02 -17.67
C LEU A 380 -16.84 -29.24 -16.83
N ARG A 381 -18.08 -29.33 -16.34
CA ARG A 381 -18.45 -30.53 -15.60
C ARG A 381 -18.42 -31.75 -16.51
N HIS A 382 -18.62 -31.57 -17.82
CA HIS A 382 -18.51 -32.73 -18.70
C HIS A 382 -17.10 -33.29 -18.66
N TRP A 383 -16.09 -32.44 -18.87
CA TRP A 383 -14.72 -32.92 -18.85
C TRP A 383 -14.28 -33.32 -17.45
N MET A 384 -14.86 -32.67 -16.43
CA MET A 384 -14.65 -33.14 -15.07
C MET A 384 -15.09 -34.58 -14.88
N ASP A 385 -16.24 -34.96 -15.46
CA ASP A 385 -16.72 -36.34 -15.36
C ASP A 385 -15.79 -37.35 -16.00
N HIS A 386 -14.91 -36.91 -16.89
CA HIS A 386 -13.97 -37.75 -17.62
C HIS A 386 -12.54 -37.56 -17.12
N GLY A 387 -12.36 -37.04 -15.91
CA GLY A 387 -11.06 -37.07 -15.29
C GLY A 387 -10.25 -35.80 -15.41
N VAL A 388 -10.81 -34.74 -15.97
CA VAL A 388 -10.08 -33.48 -16.06
C VAL A 388 -10.36 -32.67 -14.80
N ARG A 389 -9.31 -32.44 -14.03
CA ARG A 389 -9.40 -31.69 -12.79
C ARG A 389 -8.63 -30.38 -12.84
N ILE A 390 -8.01 -30.05 -13.98
CA ILE A 390 -7.21 -28.85 -14.20
C ILE A 390 -7.56 -28.31 -15.58
N PHE A 391 -7.73 -26.98 -15.68
CA PHE A 391 -8.06 -26.33 -16.95
C PHE A 391 -7.14 -25.15 -17.19
N ARG A 392 -6.47 -25.14 -18.34
CA ARG A 392 -5.75 -23.95 -18.80
C ARG A 392 -6.74 -23.04 -19.54
N VAL A 393 -7.14 -21.94 -18.91
CA VAL A 393 -8.15 -21.04 -19.46
C VAL A 393 -7.50 -20.13 -20.49
N ASP A 394 -7.84 -20.33 -21.76
CA ASP A 394 -7.27 -19.51 -22.82
C ASP A 394 -7.77 -18.09 -22.75
N ASN A 395 -6.83 -17.14 -22.78
CA ASN A 395 -7.10 -15.72 -22.97
C ASN A 395 -8.22 -15.17 -22.09
N PRO A 396 -8.13 -15.33 -20.76
CA PRO A 396 -9.28 -14.95 -19.92
C PRO A 396 -9.58 -13.47 -19.92
N HIS A 397 -8.58 -12.62 -20.14
CA HIS A 397 -8.76 -11.17 -20.02
C HIS A 397 -9.58 -10.54 -21.15
N THR A 398 -10.05 -11.33 -22.11
CA THR A 398 -10.97 -10.84 -23.13
C THR A 398 -12.40 -11.26 -22.82
N LYS A 399 -12.61 -11.90 -21.71
CA LYS A 399 -13.87 -12.25 -21.12
C LYS A 399 -14.03 -11.47 -19.81
N PRO A 400 -15.26 -11.15 -19.39
CA PRO A 400 -15.43 -10.29 -18.20
C PRO A 400 -14.91 -10.95 -16.93
N VAL A 401 -14.36 -10.12 -16.05
CA VAL A 401 -13.76 -10.60 -14.81
C VAL A 401 -14.82 -11.25 -13.93
N ALA A 402 -15.99 -10.60 -13.83
CA ALA A 402 -17.06 -11.15 -13.00
C ALA A 402 -17.56 -12.49 -13.54
N PHE A 403 -17.34 -12.77 -14.82
CA PHE A 403 -17.70 -14.07 -15.37
C PHE A 403 -16.83 -15.18 -14.80
N TRP A 404 -15.52 -15.01 -14.88
CA TRP A 404 -14.62 -16.02 -14.32
C TRP A 404 -14.84 -16.19 -12.81
N GLU A 405 -15.03 -15.07 -12.09
CA GLU A 405 -15.37 -15.15 -10.67
C GLU A 405 -16.58 -16.05 -10.42
N ARG A 406 -17.64 -15.87 -11.21
CA ARG A 406 -18.84 -16.67 -11.02
C ARG A 406 -18.62 -18.12 -11.43
N VAL A 407 -17.88 -18.34 -12.51
CA VAL A 407 -17.67 -19.70 -12.99
C VAL A 407 -16.78 -20.46 -12.01
N ILE A 408 -15.68 -19.85 -11.56
CA ILE A 408 -14.78 -20.55 -10.66
C ILE A 408 -15.51 -20.88 -9.35
N ALA A 409 -16.36 -19.96 -8.88
CA ALA A 409 -17.17 -20.21 -7.68
C ALA A 409 -18.12 -21.39 -7.88
N ASP A 410 -18.84 -21.43 -9.00
CA ASP A 410 -19.77 -22.54 -9.22
C ASP A 410 -19.02 -23.86 -9.18
N ILE A 411 -17.97 -23.99 -9.99
CA ILE A 411 -17.22 -25.23 -10.07
C ILE A 411 -16.62 -25.57 -8.70
N ASN A 412 -15.94 -24.62 -8.07
CA ASN A 412 -15.22 -24.97 -6.85
C ASN A 412 -16.15 -25.21 -5.68
N GLY A 413 -17.34 -24.59 -5.67
CA GLY A 413 -18.30 -24.87 -4.62
C GLY A 413 -18.66 -26.34 -4.54
N THR A 414 -18.72 -27.01 -5.69
CA THR A 414 -18.93 -28.45 -5.72
C THR A 414 -17.63 -29.24 -5.85
N ASP A 415 -16.67 -28.78 -6.62
CA ASP A 415 -15.41 -29.52 -6.85
C ASP A 415 -14.24 -28.61 -6.51
N PRO A 416 -13.95 -28.42 -5.22
CA PRO A 416 -12.90 -27.45 -4.83
C PRO A 416 -11.50 -27.81 -5.29
N ASP A 417 -11.28 -29.03 -5.77
CA ASP A 417 -9.94 -29.42 -6.17
C ASP A 417 -9.62 -28.98 -7.59
N VAL A 418 -10.61 -28.49 -8.32
CA VAL A 418 -10.40 -28.14 -9.72
C VAL A 418 -9.52 -26.89 -9.80
N ILE A 419 -8.39 -27.02 -10.48
CA ILE A 419 -7.41 -25.95 -10.61
C ILE A 419 -7.67 -25.24 -11.94
N PHE A 420 -7.76 -23.91 -11.92
CA PHE A 420 -7.84 -23.07 -13.12
C PHE A 420 -6.56 -22.26 -13.26
N LEU A 421 -6.00 -22.22 -14.49
CA LEU A 421 -4.79 -21.45 -14.79
C LEU A 421 -5.11 -20.37 -15.80
N ALA A 422 -4.76 -19.12 -15.49
CA ALA A 422 -5.11 -17.96 -16.29
C ALA A 422 -3.99 -17.65 -17.28
N GLU A 423 -4.28 -17.81 -18.58
CA GLU A 423 -3.33 -17.39 -19.62
C GLU A 423 -3.59 -15.92 -19.97
N ALA A 424 -3.17 -15.04 -19.06
CA ALA A 424 -3.42 -13.61 -19.15
C ALA A 424 -2.09 -12.88 -19.29
N PHE A 425 -1.65 -12.70 -20.53
CA PHE A 425 -0.52 -11.82 -20.85
C PHE A 425 -1.11 -10.46 -21.19
N THR A 426 -1.04 -9.53 -20.25
CA THR A 426 -1.77 -8.28 -20.38
C THR A 426 -1.27 -7.30 -19.33
N ARG A 427 -2.06 -6.28 -18.99
CA ARG A 427 -1.61 -5.27 -18.06
C ARG A 427 -1.64 -5.80 -16.62
N PRO A 428 -0.81 -5.23 -15.74
CA PRO A 428 -0.70 -5.77 -14.38
C PRO A 428 -2.02 -5.80 -13.63
N ALA A 429 -2.90 -4.83 -13.85
CA ALA A 429 -4.18 -4.80 -13.15
C ALA A 429 -4.99 -6.05 -13.41
N MET A 430 -5.21 -6.38 -14.70
CA MET A 430 -6.05 -7.52 -15.02
C MET A 430 -5.42 -8.83 -14.54
N MET A 431 -4.11 -9.00 -14.70
CA MET A 431 -3.50 -10.25 -14.25
C MET A 431 -3.71 -10.45 -12.75
N ALA A 432 -3.55 -9.37 -11.98
CA ALA A 432 -3.79 -9.41 -10.53
C ALA A 432 -5.25 -9.69 -10.22
N THR A 433 -6.16 -8.93 -10.82
CA THR A 433 -7.58 -9.09 -10.54
C THR A 433 -8.05 -10.52 -10.81
N LEU A 434 -7.64 -11.09 -11.95
CA LEU A 434 -8.05 -12.45 -12.33
C LEU A 434 -7.59 -13.47 -11.32
N ALA A 435 -6.37 -13.31 -10.80
CA ALA A 435 -5.89 -14.16 -9.72
C ALA A 435 -6.78 -14.03 -8.48
N GLN A 436 -7.10 -12.80 -8.08
CA GLN A 436 -7.82 -12.53 -6.83
C GLN A 436 -9.28 -12.97 -6.86
N ILE A 437 -9.87 -13.17 -8.04
CA ILE A 437 -11.27 -13.58 -8.10
C ILE A 437 -11.42 -15.08 -8.18
N GLY A 438 -10.34 -15.84 -8.30
CA GLY A 438 -10.45 -17.28 -8.27
C GLY A 438 -9.35 -18.09 -8.93
N PHE A 439 -8.74 -17.57 -10.00
CA PHE A 439 -7.76 -18.35 -10.77
C PHE A 439 -6.62 -18.82 -9.87
N GLN A 440 -6.52 -20.15 -9.73
CA GLN A 440 -5.53 -20.75 -8.84
C GLN A 440 -4.10 -20.45 -9.27
N GLN A 441 -3.84 -20.40 -10.58
CA GLN A 441 -2.52 -20.08 -11.10
C GLN A 441 -2.62 -19.02 -12.20
N SER A 442 -1.48 -18.42 -12.50
CA SER A 442 -1.37 -17.37 -13.49
C SER A 442 -0.12 -17.56 -14.33
N TYR A 443 -0.26 -17.32 -15.64
CA TYR A 443 0.91 -17.08 -16.46
C TYR A 443 1.51 -15.73 -16.09
N THR A 444 2.76 -15.54 -16.47
CA THR A 444 3.53 -14.41 -15.99
C THR A 444 4.23 -13.72 -17.16
N TYR A 445 5.03 -12.70 -16.82
CA TYR A 445 5.97 -12.07 -17.74
C TYR A 445 7.32 -12.80 -17.76
N PHE A 446 7.40 -14.03 -17.26
CA PHE A 446 8.69 -14.67 -17.06
C PHE A 446 9.53 -14.65 -18.33
N THR A 447 8.92 -14.92 -19.50
CA THR A 447 9.69 -15.07 -20.73
C THR A 447 10.33 -13.77 -21.19
N TRP A 448 9.78 -12.63 -20.76
CA TRP A 448 10.30 -11.30 -21.03
C TRP A 448 11.10 -10.75 -19.86
N ARG A 449 11.55 -11.59 -18.95
CA ARG A 449 12.48 -11.19 -17.88
C ARG A 449 13.73 -12.06 -18.03
N ASN A 450 14.78 -11.55 -18.66
CA ASN A 450 15.94 -12.38 -18.91
C ASN A 450 17.25 -11.86 -18.35
N THR A 451 17.35 -10.59 -17.95
CA THR A 451 18.56 -10.11 -17.28
C THR A 451 18.49 -10.35 -15.78
N LYS A 452 19.63 -10.18 -15.10
CA LYS A 452 19.64 -10.39 -13.66
C LYS A 452 18.70 -9.44 -12.95
N GLN A 453 18.60 -8.19 -13.45
CA GLN A 453 17.76 -7.20 -12.78
C GLN A 453 16.28 -7.41 -13.06
N GLU A 454 15.93 -7.75 -14.32
CA GLU A 454 14.55 -8.09 -14.62
C GLU A 454 14.10 -9.28 -13.78
N LEU A 455 14.93 -10.32 -13.72
CA LEU A 455 14.57 -11.51 -12.95
C LEU A 455 14.40 -11.17 -11.48
N THR A 456 15.37 -10.43 -10.93
CA THR A 456 15.33 -10.11 -9.51
C THR A 456 14.09 -9.28 -9.19
N GLU A 457 13.80 -8.28 -10.01
CA GLU A 457 12.64 -7.43 -9.77
C GLU A 457 11.34 -8.23 -9.82
N TYR A 458 11.15 -8.99 -10.91
CA TYR A 458 9.90 -9.72 -11.07
C TYR A 458 9.72 -10.73 -9.96
N LEU A 459 10.79 -11.44 -9.63
CA LEU A 459 10.68 -12.49 -8.64
C LEU A 459 10.52 -11.92 -7.26
N THR A 460 11.22 -10.81 -6.97
CA THR A 460 10.98 -10.10 -5.72
C THR A 460 9.51 -9.71 -5.56
N GLU A 461 8.83 -9.38 -6.66
CA GLU A 461 7.41 -9.03 -6.59
C GLU A 461 6.51 -10.28 -6.52
N LEU A 462 6.69 -11.24 -7.44
CA LEU A 462 5.81 -12.42 -7.47
C LEU A 462 5.84 -13.18 -6.16
N SER A 463 6.99 -13.20 -5.48
CA SER A 463 7.12 -13.86 -4.18
C SER A 463 6.93 -12.90 -3.03
N GLY A 464 6.72 -11.63 -3.32
CA GLY A 464 6.43 -10.66 -2.29
C GLY A 464 4.95 -10.66 -1.95
N GLU A 465 4.31 -9.51 -2.06
CA GLU A 465 2.93 -9.45 -1.64
C GLU A 465 2.01 -10.16 -2.61
N ALA A 466 2.43 -10.33 -3.87
CA ALA A 466 1.55 -10.94 -4.86
C ALA A 466 1.24 -12.38 -4.53
N ALA A 467 2.14 -13.05 -3.79
CA ALA A 467 1.98 -14.47 -3.53
C ALA A 467 0.77 -14.76 -2.65
N SER A 468 0.14 -13.74 -2.07
CA SER A 468 -1.04 -13.99 -1.26
C SER A 468 -2.32 -14.10 -2.12
N TYR A 469 -2.26 -13.80 -3.42
CA TYR A 469 -3.37 -14.06 -4.33
C TYR A 469 -2.96 -14.73 -5.64
N MET A 470 -1.68 -14.78 -6.00
CA MET A 470 -1.20 -15.34 -7.26
C MET A 470 -0.26 -16.50 -7.04
N ARG A 471 -0.41 -17.51 -7.88
CA ARG A 471 0.57 -18.58 -7.98
C ARG A 471 1.14 -18.59 -9.40
N PRO A 472 2.42 -18.35 -9.59
CA PRO A 472 2.95 -18.26 -10.95
C PRO A 472 3.27 -19.62 -11.54
N ASN A 473 2.95 -19.79 -12.81
CA ASN A 473 3.35 -20.96 -13.58
C ASN A 473 4.37 -20.53 -14.64
N PHE A 474 5.65 -20.76 -14.38
CA PHE A 474 6.73 -20.29 -15.28
C PHE A 474 6.88 -21.28 -16.44
N PHE A 475 6.09 -21.08 -17.49
CA PHE A 475 6.36 -21.70 -18.79
C PHE A 475 7.49 -20.96 -19.51
N ALA A 476 8.57 -21.68 -19.82
CA ALA A 476 9.73 -21.04 -20.44
C ALA A 476 9.54 -20.79 -21.92
N ASN A 477 8.51 -21.36 -22.51
CA ASN A 477 8.06 -21.13 -23.87
C ASN A 477 6.58 -21.49 -23.91
N THR A 478 5.88 -20.97 -24.90
CA THR A 478 4.57 -21.43 -25.32
C THR A 478 4.58 -21.55 -26.83
N PRO A 479 3.51 -22.07 -27.45
CA PRO A 479 3.42 -22.00 -28.92
C PRO A 479 3.45 -20.58 -29.49
N ASP A 480 3.28 -19.54 -28.67
CA ASP A 480 3.24 -18.16 -29.14
C ASP A 480 4.43 -17.35 -28.71
N ILE A 481 5.33 -17.92 -27.91
CA ILE A 481 6.43 -17.13 -27.38
C ILE A 481 7.73 -17.90 -27.50
N LEU A 482 8.46 -17.61 -28.58
CA LEU A 482 9.86 -18.00 -28.80
C LEU A 482 10.68 -16.75 -28.57
N HIS A 483 11.15 -16.55 -27.34
CA HIS A 483 11.81 -15.29 -27.01
C HIS A 483 13.18 -15.19 -27.67
N ALA A 484 13.59 -13.95 -27.94
CA ALA A 484 14.87 -13.68 -28.57
C ALA A 484 16.03 -14.23 -27.75
N TYR A 485 15.92 -14.23 -26.42
CA TYR A 485 16.94 -14.85 -25.59
C TYR A 485 17.24 -16.27 -26.07
N LEU A 486 16.20 -17.04 -26.35
CA LEU A 486 16.35 -18.41 -26.82
C LEU A 486 16.75 -18.47 -28.29
N GLN A 487 16.25 -17.54 -29.10
CA GLN A 487 16.60 -17.56 -30.51
C GLN A 487 18.10 -17.40 -30.69
N HIS A 488 18.68 -16.40 -30.04
CA HIS A 488 20.07 -16.05 -30.23
C HIS A 488 21.02 -16.86 -29.36
N GLY A 489 20.54 -17.36 -28.24
CA GLY A 489 21.35 -18.14 -27.33
C GLY A 489 21.50 -19.61 -27.69
N GLY A 490 20.66 -20.13 -28.58
CA GLY A 490 20.83 -21.55 -28.88
C GLY A 490 20.63 -22.43 -27.65
N ARG A 491 21.23 -23.62 -27.72
CA ARG A 491 21.02 -24.62 -26.67
C ARG A 491 21.41 -24.13 -25.27
N PRO A 492 22.53 -23.47 -25.05
CA PRO A 492 22.81 -23.00 -23.68
C PRO A 492 21.74 -22.06 -23.16
N ALA A 493 21.07 -21.32 -24.04
CA ALA A 493 19.93 -20.52 -23.58
C ALA A 493 18.82 -21.40 -23.03
N PHE A 494 18.48 -22.48 -23.72
CA PHE A 494 17.40 -23.36 -23.27
C PHE A 494 17.74 -24.02 -21.94
N GLU A 495 19.01 -24.27 -21.69
CA GLU A 495 19.40 -24.85 -20.40
C GLU A 495 19.24 -23.82 -19.29
N VAL A 496 19.72 -22.60 -19.51
CA VAL A 496 19.64 -21.58 -18.48
C VAL A 496 18.19 -21.29 -18.13
N ARG A 497 17.32 -21.14 -19.15
CA ARG A 497 15.94 -20.78 -18.85
C ARG A 497 15.22 -21.89 -18.12
N ALA A 498 15.60 -23.15 -18.35
CA ALA A 498 14.98 -24.25 -17.59
C ALA A 498 15.47 -24.26 -16.16
N VAL A 499 16.78 -24.09 -15.93
CA VAL A 499 17.27 -23.95 -14.56
C VAL A 499 16.52 -22.82 -13.86
N LEU A 500 16.33 -21.69 -14.56
CA LEU A 500 15.68 -20.53 -13.97
C LEU A 500 14.21 -20.82 -13.62
N ALA A 501 13.45 -21.35 -14.58
CA ALA A 501 12.03 -21.58 -14.33
C ALA A 501 11.78 -22.65 -13.29
N ALA A 502 12.57 -23.74 -13.32
CA ALA A 502 12.34 -24.87 -12.43
C ALA A 502 12.68 -24.56 -10.99
N THR A 503 13.57 -23.58 -10.75
CA THR A 503 13.95 -23.25 -9.39
C THR A 503 13.39 -21.92 -8.89
N LEU A 504 13.03 -20.97 -9.76
CA LEU A 504 12.44 -19.74 -9.25
C LEU A 504 10.95 -19.88 -8.96
N SER A 505 10.28 -20.86 -9.56
CA SER A 505 8.86 -21.04 -9.31
C SER A 505 8.60 -22.48 -8.88
N PRO A 506 7.62 -22.71 -8.01
CA PRO A 506 7.23 -24.09 -7.69
C PRO A 506 6.40 -24.74 -8.78
N THR A 507 5.96 -23.95 -9.77
CA THR A 507 5.31 -24.47 -10.95
C THR A 507 5.98 -23.87 -12.19
N TRP A 508 6.50 -24.75 -13.06
CA TRP A 508 7.13 -24.35 -14.29
C TRP A 508 6.66 -25.29 -15.38
N GLY A 509 6.95 -24.93 -16.64
CA GLY A 509 6.53 -25.77 -17.75
C GLY A 509 7.29 -25.51 -19.03
N ILE A 510 7.17 -26.48 -19.96
CA ILE A 510 7.72 -26.34 -21.31
C ILE A 510 6.73 -26.86 -22.36
N TYR A 511 6.79 -26.25 -23.53
CA TYR A 511 6.01 -26.67 -24.69
C TYR A 511 6.89 -27.56 -25.56
N SER A 512 6.36 -28.72 -25.96
CA SER A 512 7.11 -29.73 -26.69
C SER A 512 7.93 -29.11 -27.81
N GLY A 513 9.19 -29.55 -27.92
CA GLY A 513 10.17 -28.96 -28.79
C GLY A 513 11.17 -28.09 -28.08
N TYR A 514 10.80 -27.57 -26.92
CA TYR A 514 11.78 -26.94 -26.06
C TYR A 514 12.96 -27.86 -25.84
N GLU A 515 12.71 -29.14 -25.53
CA GLU A 515 13.80 -30.05 -25.21
C GLU A 515 14.77 -30.18 -26.38
N LEU A 516 14.25 -30.14 -27.59
CA LEU A 516 15.07 -30.19 -28.79
C LEU A 516 15.62 -28.82 -29.19
N CYS A 517 15.42 -27.81 -28.34
CA CYS A 517 15.94 -26.46 -28.57
C CYS A 517 15.46 -25.88 -29.91
N GLU A 518 14.18 -26.12 -30.23
CA GLU A 518 13.55 -25.48 -31.38
C GLU A 518 13.49 -23.99 -31.18
N ASN A 519 14.24 -23.23 -31.99
CA ASN A 519 14.39 -21.79 -31.80
C ASN A 519 14.39 -21.00 -33.12
N THR A 520 13.73 -21.49 -34.15
CA THR A 520 13.72 -20.74 -35.39
C THR A 520 12.47 -19.88 -35.51
N PRO A 521 12.60 -18.56 -35.52
CA PRO A 521 11.41 -17.71 -35.47
C PRO A 521 10.82 -17.53 -36.85
N LEU A 522 9.55 -17.13 -36.86
CA LEU A 522 8.85 -16.90 -38.12
C LEU A 522 9.59 -15.87 -38.94
N ARG A 523 9.92 -14.75 -38.33
CA ARG A 523 10.85 -13.80 -38.89
C ARG A 523 11.68 -13.25 -37.75
N GLU A 524 12.71 -12.47 -38.09
CA GLU A 524 13.40 -11.76 -37.02
C GLU A 524 12.52 -10.65 -36.46
N GLY A 525 12.70 -10.39 -35.16
CA GLY A 525 11.88 -9.45 -34.44
C GLY A 525 10.57 -10.02 -34.00
N SER A 526 10.25 -11.24 -34.43
CA SER A 526 9.05 -11.98 -34.07
C SER A 526 9.38 -12.94 -32.93
N GLU A 527 8.38 -13.21 -32.09
CA GLU A 527 8.45 -14.28 -31.11
C GLU A 527 7.60 -15.47 -31.49
N GLU A 528 7.16 -15.54 -32.75
CA GLU A 528 6.46 -16.69 -33.29
C GLU A 528 7.44 -17.74 -33.77
N TYR A 529 7.00 -19.00 -33.81
CA TYR A 529 7.82 -20.07 -34.37
C TYR A 529 7.68 -20.13 -35.88
N LEU A 530 8.78 -20.31 -36.57
CA LEU A 530 8.64 -20.74 -37.95
C LEU A 530 8.00 -22.11 -37.98
N ASP A 531 7.14 -22.32 -38.98
CA ASP A 531 6.42 -23.58 -39.19
C ASP A 531 5.69 -24.00 -37.91
N SER A 532 5.01 -23.03 -37.30
CA SER A 532 4.40 -23.21 -36.00
C SER A 532 3.46 -24.41 -35.96
N GLU A 533 3.57 -25.20 -34.89
CA GLU A 533 2.69 -26.33 -34.65
C GLU A 533 1.22 -25.96 -34.65
N LYS A 534 0.87 -24.69 -34.51
CA LYS A 534 -0.55 -24.34 -34.43
C LYS A 534 -1.30 -24.56 -35.73
N TYR A 535 -0.57 -24.50 -36.86
CA TYR A 535 -1.17 -24.56 -38.18
C TYR A 535 -0.71 -25.79 -38.96
N GLN A 536 0.08 -26.66 -38.34
CA GLN A 536 0.54 -27.88 -38.98
C GLN A 536 0.91 -28.93 -37.95
N LEU A 537 0.70 -30.19 -38.33
CA LEU A 537 1.31 -31.30 -37.62
C LEU A 537 2.82 -31.13 -37.59
N LYS A 538 3.41 -31.39 -36.45
CA LYS A 538 4.84 -31.20 -36.21
C LYS A 538 5.38 -32.52 -35.70
N PRO A 539 5.64 -33.49 -36.59
CA PRO A 539 6.20 -34.76 -36.13
C PRO A 539 7.62 -34.51 -35.70
N ARG A 540 8.04 -35.24 -34.67
CA ARG A 540 9.36 -35.05 -34.11
C ARG A 540 9.98 -36.42 -33.87
N ASP A 541 11.24 -36.56 -34.24
CA ASP A 541 11.94 -37.83 -34.07
C ASP A 541 12.55 -37.86 -32.66
N TRP A 542 11.70 -38.24 -31.69
CA TRP A 542 12.15 -38.23 -30.30
C TRP A 542 13.29 -39.23 -30.09
N THR A 543 13.21 -40.38 -30.76
CA THR A 543 14.23 -41.41 -30.61
C THR A 543 15.59 -40.97 -31.14
N ARG A 544 15.62 -40.32 -32.31
CA ARG A 544 16.85 -39.78 -32.85
C ARG A 544 17.49 -38.74 -31.92
N ALA A 545 16.67 -37.79 -31.44
CA ALA A 545 17.19 -36.70 -30.61
C ALA A 545 17.82 -37.24 -29.34
N ALA A 546 17.18 -38.25 -28.76
CA ALA A 546 17.69 -38.88 -27.54
C ALA A 546 18.98 -39.65 -27.81
N ARG A 547 18.97 -40.48 -28.86
CA ARG A 547 20.16 -41.24 -29.23
C ARG A 547 21.38 -40.35 -29.44
N GLU A 548 21.20 -39.28 -30.20
CA GLU A 548 22.24 -38.32 -30.57
C GLU A 548 22.53 -37.27 -29.51
N GLY A 549 21.86 -37.30 -28.36
CA GLY A 549 22.13 -36.33 -27.31
C GLY A 549 21.80 -34.90 -27.67
N THR A 550 20.98 -34.67 -28.70
CA THR A 550 20.56 -33.32 -29.07
C THR A 550 19.28 -32.90 -28.38
N THR A 551 19.03 -33.41 -27.18
CA THR A 551 17.88 -33.05 -26.37
C THR A 551 18.37 -32.76 -24.96
N ILE A 552 17.76 -31.75 -24.35
CA ILE A 552 18.10 -31.43 -22.98
C ILE A 552 17.12 -32.15 -22.06
N ALA A 553 16.41 -33.13 -22.60
CA ALA A 553 15.56 -33.96 -21.75
C ALA A 553 16.31 -34.52 -20.53
N PRO A 554 17.59 -34.92 -20.64
CA PRO A 554 18.34 -35.28 -19.42
C PRO A 554 18.36 -34.18 -18.37
N LEU A 555 18.56 -32.95 -18.79
CA LEU A 555 18.61 -31.87 -17.81
C LEU A 555 17.23 -31.61 -17.22
N VAL A 556 16.19 -31.55 -18.06
CA VAL A 556 14.83 -31.36 -17.59
C VAL A 556 14.46 -32.40 -16.53
N THR A 557 14.88 -33.65 -16.75
CA THR A 557 14.60 -34.72 -15.79
C THR A 557 15.29 -34.51 -14.45
N ARG A 558 16.60 -34.25 -14.47
CA ARG A 558 17.32 -34.05 -13.22
C ARG A 558 16.78 -32.85 -12.45
N LEU A 559 16.31 -31.82 -13.17
CA LEU A 559 15.70 -30.66 -12.53
C LEU A 559 14.42 -31.03 -11.79
N ASN A 560 13.51 -31.75 -12.45
CA ASN A 560 12.32 -32.17 -11.73
C ASN A 560 12.66 -33.15 -10.62
N THR A 561 13.76 -33.90 -10.76
CA THR A 561 14.23 -34.73 -9.65
C THR A 561 14.67 -33.86 -8.47
N ILE A 562 15.48 -32.84 -8.73
CA ILE A 562 15.90 -31.94 -7.66
C ILE A 562 14.69 -31.32 -6.98
N ARG A 563 13.69 -30.93 -7.77
CA ARG A 563 12.46 -30.36 -7.19
C ARG A 563 11.75 -31.37 -6.29
N ARG A 564 11.70 -32.64 -6.68
CA ARG A 564 10.96 -33.61 -5.89
C ARG A 564 11.69 -34.06 -4.63
N GLU A 565 13.02 -33.90 -4.58
CA GLU A 565 13.80 -34.25 -3.40
C GLU A 565 14.04 -33.07 -2.46
N ASN A 566 13.67 -31.85 -2.87
CA ASN A 566 13.99 -30.64 -2.13
C ASN A 566 12.76 -29.76 -1.89
N PRO A 567 12.15 -29.83 -0.70
CA PRO A 567 10.92 -29.06 -0.45
C PRO A 567 11.10 -27.55 -0.51
N ALA A 568 12.33 -27.04 -0.42
CA ALA A 568 12.54 -25.61 -0.65
C ALA A 568 12.07 -25.22 -2.06
N LEU A 569 12.27 -26.09 -3.03
CA LEU A 569 11.84 -25.84 -4.40
C LEU A 569 10.35 -26.12 -4.61
N ARG A 570 9.64 -26.59 -3.60
CA ARG A 570 8.22 -26.82 -3.75
C ARG A 570 7.40 -25.64 -3.25
N GLN A 571 8.03 -24.50 -3.00
CA GLN A 571 7.36 -23.31 -2.48
C GLN A 571 7.92 -22.06 -3.17
N LEU A 572 7.23 -20.95 -2.94
CA LEU A 572 7.50 -19.74 -3.68
C LEU A 572 7.97 -18.57 -2.81
N ARG A 573 7.40 -18.43 -1.61
CA ARG A 573 7.51 -17.17 -0.89
C ARG A 573 8.86 -16.99 -0.23
N ASP A 574 9.52 -18.08 0.17
CA ASP A 574 10.83 -18.02 0.80
C ASP A 574 11.89 -18.02 -0.30
N LEU A 575 12.34 -16.83 -0.68
CA LEU A 575 13.30 -16.63 -1.76
C LEU A 575 14.14 -15.39 -1.47
N HIS A 576 15.46 -15.52 -1.65
CA HIS A 576 16.36 -14.41 -1.39
C HIS A 576 17.50 -14.43 -2.40
N PHE A 577 17.81 -13.27 -2.97
CA PHE A 577 18.88 -13.11 -3.94
C PHE A 577 20.18 -12.74 -3.24
N HIS A 578 21.30 -13.38 -3.68
CA HIS A 578 22.60 -13.07 -3.11
C HIS A 578 23.45 -12.29 -4.12
N PRO A 579 24.17 -11.26 -3.67
CA PRO A 579 24.88 -10.40 -4.61
C PRO A 579 26.09 -11.08 -5.19
N THR A 580 26.27 -10.90 -6.49
CA THR A 580 27.47 -11.34 -7.17
C THR A 580 28.01 -10.16 -7.95
N ASP A 581 29.32 -10.16 -8.16
CA ASP A 581 30.04 -9.06 -8.78
C ASP A 581 30.06 -9.12 -10.30
N LYS A 582 29.23 -9.96 -10.92
CA LYS A 582 29.08 -9.94 -12.38
C LYS A 582 27.61 -9.79 -12.77
N GLU A 583 27.37 -8.84 -13.67
CA GLU A 583 26.03 -8.54 -14.13
C GLU A 583 25.33 -9.77 -14.71
N GLU A 584 26.10 -10.70 -15.28
CA GLU A 584 25.54 -11.86 -15.95
C GLU A 584 25.31 -13.02 -15.01
N VAL A 585 25.79 -12.94 -13.77
CA VAL A 585 25.70 -14.06 -12.82
C VAL A 585 24.75 -13.67 -11.71
N ILE A 586 23.66 -14.42 -11.60
CA ILE A 586 22.66 -14.24 -10.56
C ILE A 586 22.79 -15.38 -9.56
N ALA A 587 22.47 -15.08 -8.30
CA ALA A 587 22.51 -16.12 -7.28
C ALA A 587 21.36 -15.89 -6.33
N TYR A 588 20.83 -16.97 -5.77
CA TYR A 588 19.67 -16.90 -4.90
C TYR A 588 19.51 -18.23 -4.16
N SER A 589 18.76 -18.22 -3.05
CA SER A 589 18.51 -19.42 -2.27
C SER A 589 17.05 -19.44 -1.84
N LYS A 590 16.53 -20.64 -1.60
CA LYS A 590 15.18 -20.86 -1.08
C LYS A 590 15.26 -21.87 0.05
N ARG A 591 14.33 -21.78 1.00
CA ARG A 591 14.43 -22.61 2.19
C ARG A 591 13.06 -23.16 2.58
N GLN A 592 13.05 -24.42 3.01
CA GLN A 592 11.86 -25.04 3.62
C GLN A 592 12.33 -25.94 4.76
N GLY A 593 12.16 -25.46 6.00
CA GLY A 593 12.71 -26.20 7.12
C GLY A 593 14.20 -26.38 6.97
N SER A 594 14.65 -27.63 7.17
CA SER A 594 16.06 -27.99 7.07
C SER A 594 16.59 -27.94 5.64
N ASN A 595 15.71 -27.92 4.64
CA ASN A 595 16.13 -27.88 3.24
C ASN A 595 16.57 -26.47 2.86
N THR A 596 17.80 -26.34 2.34
CA THR A 596 18.26 -25.08 1.77
C THR A 596 18.86 -25.39 0.41
N VAL A 597 18.19 -24.93 -0.64
CA VAL A 597 18.68 -25.00 -2.00
C VAL A 597 19.31 -23.66 -2.33
N LEU A 598 20.39 -23.69 -3.11
CA LEU A 598 21.15 -22.49 -3.42
C LEU A 598 21.55 -22.54 -4.89
N VAL A 599 21.21 -21.50 -5.66
CA VAL A 599 21.37 -21.57 -7.11
C VAL A 599 22.21 -20.39 -7.62
N VAL A 600 23.15 -20.69 -8.52
CA VAL A 600 23.95 -19.68 -9.19
C VAL A 600 23.85 -19.96 -10.68
N VAL A 601 23.29 -19.03 -11.44
CA VAL A 601 23.07 -19.18 -12.88
C VAL A 601 23.95 -18.18 -13.63
N ASN A 602 24.51 -18.61 -14.77
CA ASN A 602 25.20 -17.74 -15.70
C ASN A 602 24.19 -17.38 -16.80
N LEU A 603 23.73 -16.12 -16.80
CA LEU A 603 22.74 -15.68 -17.77
C LEU A 603 23.32 -15.44 -19.15
N ASP A 604 24.64 -15.47 -19.30
CA ASP A 604 25.31 -15.38 -20.59
C ASP A 604 25.21 -16.72 -21.29
N PRO A 605 24.48 -16.80 -22.40
CA PRO A 605 24.38 -18.07 -23.14
C PRO A 605 25.59 -18.32 -24.02
N ARG A 606 26.41 -17.29 -24.20
CA ARG A 606 27.40 -17.24 -25.24
C ARG A 606 28.83 -17.23 -24.70
N HIS A 607 29.04 -16.76 -23.46
CA HIS A 607 30.38 -16.54 -22.92
C HIS A 607 30.51 -17.10 -21.52
N THR A 608 31.66 -17.71 -21.27
CA THR A 608 32.03 -18.16 -19.93
C THR A 608 32.14 -16.99 -18.98
N GLN A 609 31.49 -17.11 -17.82
CA GLN A 609 31.55 -16.08 -16.80
C GLN A 609 32.16 -16.66 -15.54
N GLU A 610 33.00 -15.85 -14.88
CA GLU A 610 33.49 -16.13 -13.55
C GLU A 610 33.14 -14.96 -12.66
N ALA A 611 32.83 -15.25 -11.39
CA ALA A 611 32.36 -14.21 -10.50
C ALA A 611 32.63 -14.62 -9.06
N THR A 612 32.50 -13.64 -8.18
CA THR A 612 32.47 -13.88 -6.75
C THR A 612 31.02 -13.74 -6.30
N VAL A 613 30.47 -14.82 -5.76
CA VAL A 613 29.15 -14.77 -5.15
C VAL A 613 29.34 -14.54 -3.67
N SER A 614 28.96 -13.35 -3.21
CA SER A 614 29.12 -12.98 -1.81
C SER A 614 27.80 -13.33 -1.13
N LEU A 615 27.79 -14.51 -0.52
CA LEU A 615 26.59 -15.04 0.10
C LEU A 615 26.23 -14.23 1.34
N ASP A 616 24.94 -13.97 1.48
CA ASP A 616 24.36 -13.31 2.64
C ASP A 616 24.15 -14.39 3.71
N MET A 617 25.22 -14.64 4.46
CA MET A 617 25.27 -15.82 5.32
C MET A 617 24.11 -15.96 6.31
N PRO A 618 23.67 -14.90 7.01
CA PRO A 618 22.55 -15.08 7.95
C PRO A 618 21.28 -15.57 7.27
N GLN A 619 21.06 -15.18 6.02
CA GLN A 619 19.87 -15.60 5.30
C GLN A 619 19.83 -17.10 5.04
N LEU A 620 20.97 -17.77 5.04
CA LEU A 620 21.01 -19.22 5.00
C LEU A 620 20.97 -19.82 6.38
N GLY A 621 20.91 -18.97 7.41
CA GLY A 621 20.86 -19.42 8.79
C GLY A 621 22.22 -19.67 9.37
N LEU A 622 23.24 -18.95 8.91
CA LEU A 622 24.61 -19.22 9.30
C LEU A 622 25.29 -17.95 9.75
N ASP A 623 26.31 -18.12 10.57
CA ASP A 623 27.15 -17.00 10.96
C ASP A 623 28.13 -16.65 9.85
N TRP A 624 28.58 -15.40 9.86
CA TRP A 624 29.20 -14.80 8.70
C TRP A 624 30.45 -15.51 8.22
N HIS A 625 31.02 -16.41 9.02
CA HIS A 625 32.31 -16.99 8.76
C HIS A 625 32.27 -18.48 8.49
N GLU A 626 31.10 -19.10 8.49
CA GLU A 626 31.03 -20.56 8.45
C GLU A 626 31.22 -21.11 7.04
N SER A 627 31.80 -22.31 6.99
CA SER A 627 31.85 -23.10 5.77
C SER A 627 30.49 -23.72 5.51
N VAL A 628 30.17 -23.90 4.24
CA VAL A 628 28.92 -24.59 3.88
C VAL A 628 29.19 -25.79 2.99
N PRO A 629 28.99 -27.00 3.51
CA PRO A 629 28.98 -28.17 2.61
C PRO A 629 27.75 -28.08 1.72
N VAL A 630 28.00 -27.94 0.42
CA VAL A 630 26.95 -27.91 -0.59
C VAL A 630 27.19 -29.06 -1.55
N ARG A 631 26.15 -29.46 -2.27
CA ARG A 631 26.27 -30.47 -3.32
C ARG A 631 25.60 -29.96 -4.59
N ASP A 632 26.36 -29.86 -5.69
CA ASP A 632 25.84 -29.48 -6.99
C ASP A 632 25.02 -30.63 -7.54
N GLU A 633 23.69 -30.58 -7.31
CA GLU A 633 22.79 -31.66 -7.67
C GLU A 633 22.73 -31.93 -9.15
N LEU A 634 23.36 -31.09 -9.98
CA LEU A 634 23.42 -31.39 -11.40
C LEU A 634 24.59 -32.29 -11.70
N THR A 635 25.73 -32.02 -11.05
CA THR A 635 26.98 -32.73 -11.24
C THR A 635 27.24 -33.78 -10.17
N GLY A 636 26.53 -33.72 -9.05
CA GLY A 636 26.81 -34.59 -7.93
C GLY A 636 28.04 -34.20 -7.13
N GLU A 637 28.86 -33.29 -7.63
CA GLU A 637 30.06 -32.82 -6.94
C GLU A 637 29.71 -32.09 -5.64
N THR A 638 30.67 -32.06 -4.72
CA THR A 638 30.53 -31.37 -3.44
C THR A 638 31.57 -30.27 -3.37
N TYR A 639 31.17 -29.11 -2.82
CA TYR A 639 32.00 -27.92 -2.67
C TYR A 639 31.85 -27.38 -1.25
N HIS A 640 32.89 -26.73 -0.75
CA HIS A 640 32.86 -26.08 0.56
C HIS A 640 32.92 -24.57 0.40
N TRP A 641 31.83 -23.90 0.73
CA TRP A 641 31.71 -22.48 0.48
C TRP A 641 31.64 -21.67 1.78
N GLY A 642 31.77 -20.36 1.62
CA GLY A 642 31.68 -19.47 2.74
C GLY A 642 31.02 -18.19 2.31
N ARG A 643 31.29 -17.09 3.01
CA ARG A 643 30.65 -15.83 2.65
C ARG A 643 31.02 -15.39 1.23
N ALA A 644 32.19 -15.80 0.72
CA ALA A 644 32.59 -15.45 -0.64
C ALA A 644 33.10 -16.68 -1.36
N ASN A 645 32.69 -16.83 -2.62
CA ASN A 645 32.88 -18.08 -3.35
C ASN A 645 33.13 -17.79 -4.83
N TYR A 646 34.21 -18.36 -5.35
CA TYR A 646 34.57 -18.18 -6.74
C TYR A 646 33.86 -19.24 -7.59
N VAL A 647 33.18 -18.78 -8.63
CA VAL A 647 32.50 -19.68 -9.54
C VAL A 647 32.97 -19.39 -10.95
N ARG A 648 32.88 -20.42 -11.79
CA ARG A 648 33.23 -20.33 -13.19
C ARG A 648 32.23 -21.20 -13.92
N LEU A 649 31.41 -20.59 -14.77
CA LEU A 649 30.36 -21.33 -15.45
C LEU A 649 30.58 -21.21 -16.94
N GLU A 650 30.85 -22.35 -17.58
CA GLU A 650 31.12 -22.42 -19.02
C GLU A 650 29.85 -22.84 -19.74
N PRO A 651 29.26 -21.99 -20.58
CA PRO A 651 27.98 -22.34 -21.20
C PRO A 651 28.14 -23.51 -22.15
N GLY A 652 27.17 -24.43 -22.11
CA GLY A 652 27.31 -25.66 -22.82
C GLY A 652 27.73 -26.77 -21.90
N ARG A 653 28.72 -26.49 -21.04
CA ARG A 653 29.16 -27.47 -20.05
C ARG A 653 28.31 -27.42 -18.79
N THR A 654 28.08 -26.22 -18.27
CA THR A 654 27.45 -26.03 -16.97
C THR A 654 26.79 -24.66 -16.97
N PRO A 655 25.46 -24.61 -17.14
CA PRO A 655 24.75 -23.32 -17.06
C PRO A 655 24.69 -22.76 -15.65
N ALA A 656 24.81 -23.59 -14.62
CA ALA A 656 24.49 -23.18 -13.25
C ALA A 656 24.93 -24.26 -12.28
N HIS A 657 25.12 -23.84 -11.04
CA HIS A 657 25.17 -24.75 -9.90
C HIS A 657 23.81 -24.70 -9.22
N VAL A 658 23.24 -25.88 -8.99
CA VAL A 658 22.03 -26.04 -8.19
C VAL A 658 22.42 -26.90 -6.99
N CYS A 659 22.50 -26.28 -5.81
CA CYS A 659 23.16 -26.87 -4.66
C CYS A 659 22.20 -26.99 -3.49
N THR A 660 22.22 -28.13 -2.83
CA THR A 660 21.61 -28.30 -1.53
C THR A 660 22.71 -28.22 -0.48
N VAL A 661 22.40 -27.58 0.66
CA VAL A 661 23.33 -27.60 1.77
C VAL A 661 23.20 -28.93 2.49
N LEU A 662 24.32 -29.44 3.02
CA LEU A 662 24.38 -30.77 3.60
C LEU A 662 24.44 -30.71 5.12
N ARG A 663 23.74 -31.65 5.76
CA ARG A 663 23.60 -31.68 7.21
C ARG A 663 24.95 -31.89 7.90
N PRO B 15 -23.67 -13.93 -6.91
CA PRO B 15 -23.30 -12.75 -6.10
C PRO B 15 -21.78 -12.47 -6.07
N THR B 16 -21.27 -11.69 -7.04
CA THR B 16 -19.83 -11.50 -7.23
C THR B 16 -19.31 -10.24 -6.53
N VAL B 17 -18.00 -10.26 -6.24
CA VAL B 17 -17.32 -9.13 -5.61
C VAL B 17 -17.03 -8.04 -6.63
N VAL B 18 -16.52 -8.45 -7.81
CA VAL B 18 -16.16 -7.55 -8.89
C VAL B 18 -17.39 -7.29 -9.76
N GLY B 19 -17.56 -6.03 -10.16
CA GLY B 19 -18.67 -5.65 -11.00
C GLY B 19 -18.42 -5.90 -12.49
N ARG B 20 -19.41 -5.52 -13.30
CA ARG B 20 -19.33 -5.74 -14.73
C ARG B 20 -18.12 -5.02 -15.35
N ILE B 21 -18.01 -3.72 -15.14
CA ILE B 21 -16.80 -2.97 -15.43
C ILE B 21 -16.07 -2.78 -14.11
N PRO B 22 -14.93 -3.43 -13.89
CA PRO B 22 -14.24 -3.33 -12.60
C PRO B 22 -13.99 -1.92 -12.11
N VAL B 23 -14.27 -1.70 -10.82
CA VAL B 23 -13.83 -0.53 -10.06
C VAL B 23 -13.17 -1.07 -8.79
N LEU B 24 -11.87 -0.80 -8.63
CA LEU B 24 -11.08 -1.45 -7.58
C LEU B 24 -10.18 -0.47 -6.82
N ASP B 25 -9.96 -0.81 -5.55
N ASP B 25 -9.89 -0.82 -5.56
CA ASP B 25 -9.12 -0.11 -4.59
CA ASP B 25 -9.02 -0.05 -4.67
C ASP B 25 -9.24 1.40 -4.76
C ASP B 25 -9.24 1.46 -4.81
N VAL B 26 -10.43 1.93 -4.45
CA VAL B 26 -10.70 3.36 -4.51
C VAL B 26 -10.01 4.06 -3.35
N ARG B 27 -9.17 5.05 -3.67
N ARG B 27 -9.17 5.04 -3.66
CA ARG B 27 -8.51 5.87 -2.68
CA ARG B 27 -8.50 5.90 -2.71
C ARG B 27 -9.00 7.32 -2.82
C ARG B 27 -9.04 7.32 -2.82
N PRO B 28 -8.95 8.14 -1.75
CA PRO B 28 -8.33 7.89 -0.45
C PRO B 28 -9.12 6.93 0.41
N VAL B 29 -8.41 6.12 1.19
CA VAL B 29 -9.03 5.23 2.15
C VAL B 29 -8.20 5.24 3.45
N VAL B 30 -8.90 5.13 4.57
CA VAL B 30 -8.29 5.09 5.89
C VAL B 30 -8.73 3.82 6.57
N GLN B 31 -7.77 2.95 6.91
CA GLN B 31 -8.03 1.71 7.62
C GLN B 31 -9.12 0.88 6.96
N ARG B 32 -8.89 0.61 5.68
CA ARG B 32 -9.79 -0.23 4.89
C ARG B 32 -11.22 0.30 4.90
N GLY B 33 -11.40 1.57 5.18
CA GLY B 33 -12.70 2.19 5.10
C GLY B 33 -13.44 2.30 6.41
N ARG B 34 -12.84 1.86 7.52
CA ARG B 34 -13.51 1.85 8.81
C ARG B 34 -13.28 3.12 9.60
N ARG B 35 -12.55 4.07 9.04
CA ARG B 35 -12.40 5.43 9.50
C ARG B 35 -12.55 6.36 8.31
N PRO B 36 -13.03 7.59 8.50
CA PRO B 36 -13.24 8.48 7.35
C PRO B 36 -11.96 9.18 6.90
N ALA B 37 -11.83 9.34 5.58
CA ALA B 37 -10.89 10.31 5.04
C ALA B 37 -11.30 11.71 5.44
N LYS B 38 -10.32 12.61 5.46
CA LYS B 38 -10.48 13.94 6.01
C LYS B 38 -10.46 14.96 4.88
N ALA B 39 -11.13 16.09 5.12
CA ALA B 39 -11.09 17.25 4.25
C ALA B 39 -11.67 18.42 5.02
N VAL B 40 -11.46 19.62 4.50
CA VAL B 40 -12.06 20.81 5.10
C VAL B 40 -12.91 21.48 4.03
N THR B 41 -13.85 22.29 4.50
CA THR B 41 -14.67 23.06 3.58
C THR B 41 -13.79 23.76 2.56
N GLY B 42 -14.08 23.52 1.29
CA GLY B 42 -13.38 24.17 0.22
C GLY B 42 -12.05 23.57 -0.16
N GLU B 43 -11.66 22.45 0.43
CA GLU B 43 -10.41 21.81 0.05
C GLU B 43 -10.63 20.94 -1.17
N SER B 44 -9.68 20.98 -2.09
CA SER B 44 -9.71 20.11 -3.26
C SER B 44 -8.82 18.90 -3.05
N PHE B 45 -9.30 17.72 -3.46
CA PHE B 45 -8.47 16.53 -3.40
C PHE B 45 -8.96 15.50 -4.41
N GLU B 46 -8.10 14.53 -4.68
CA GLU B 46 -8.31 13.62 -5.79
C GLU B 46 -8.83 12.25 -5.33
N VAL B 47 -9.99 11.88 -5.81
CA VAL B 47 -10.50 10.53 -5.68
C VAL B 47 -10.01 9.72 -6.88
N SER B 48 -9.56 8.51 -6.61
CA SER B 48 -8.88 7.72 -7.61
C SER B 48 -9.33 6.27 -7.47
N ALA B 49 -9.11 5.51 -8.53
CA ALA B 49 -9.61 4.14 -8.60
C ALA B 49 -8.89 3.42 -9.72
N THR B 50 -8.76 2.11 -9.56
CA THR B 50 -8.32 1.28 -10.66
C THR B 50 -9.56 0.87 -11.44
N VAL B 51 -9.56 1.17 -12.74
CA VAL B 51 -10.74 1.02 -13.59
C VAL B 51 -10.29 0.48 -14.93
N PHE B 52 -10.91 -0.59 -15.37
CA PHE B 52 -10.58 -1.20 -16.66
C PHE B 52 -11.72 -2.14 -17.04
N ARG B 53 -11.57 -2.77 -18.21
CA ARG B 53 -12.54 -3.75 -18.68
C ARG B 53 -11.83 -4.79 -19.51
N GLU B 54 -12.56 -5.86 -19.83
CA GLU B 54 -12.07 -6.87 -20.75
C GLU B 54 -12.16 -6.36 -22.18
N GLY B 55 -11.22 -6.79 -23.01
CA GLY B 55 -11.18 -6.37 -24.37
C GLY B 55 -10.57 -4.99 -24.52
N HIS B 56 -10.77 -4.43 -25.71
CA HIS B 56 -10.03 -3.26 -26.18
C HIS B 56 -10.88 -2.01 -26.28
N ASP B 57 -12.18 -2.08 -26.00
CA ASP B 57 -12.99 -0.87 -26.05
C ASP B 57 -12.69 0.01 -24.84
N ALA B 58 -13.11 1.27 -24.95
CA ALA B 58 -12.82 2.32 -23.97
C ALA B 58 -13.70 2.23 -22.72
N VAL B 59 -13.11 2.54 -21.57
CA VAL B 59 -13.86 2.73 -20.34
C VAL B 59 -13.89 4.21 -20.04
N GLY B 60 -14.97 4.63 -19.37
CA GLY B 60 -14.98 5.91 -18.72
C GLY B 60 -15.33 5.72 -17.25
N ALA B 61 -14.95 6.71 -16.46
CA ALA B 61 -15.29 6.69 -15.05
C ALA B 61 -15.55 8.10 -14.56
N ASN B 62 -16.32 8.20 -13.49
CA ASN B 62 -16.66 9.48 -12.88
C ASN B 62 -16.76 9.25 -11.37
N VAL B 63 -16.55 10.32 -10.60
CA VAL B 63 -16.65 10.31 -9.14
C VAL B 63 -18.00 10.90 -8.75
N VAL B 64 -18.67 10.26 -7.78
CA VAL B 64 -19.97 10.75 -7.30
C VAL B 64 -19.80 11.05 -5.81
N LEU B 65 -19.63 12.32 -5.50
CA LEU B 65 -19.53 12.82 -4.15
C LEU B 65 -20.91 13.15 -3.59
N ARG B 66 -21.19 12.73 -2.37
CA ARG B 66 -22.48 13.01 -1.74
C ARG B 66 -22.31 13.77 -0.43
N ASP B 67 -23.03 14.86 -0.30
CA ASP B 67 -23.05 15.64 0.94
C ASP B 67 -23.90 14.87 1.96
N PRO B 68 -24.04 15.38 3.19
CA PRO B 68 -24.65 14.57 4.27
C PRO B 68 -26.15 14.36 4.16
N ARG B 69 -26.86 14.98 3.22
CA ARG B 69 -28.24 14.61 3.03
C ARG B 69 -28.38 13.72 1.81
N GLY B 70 -27.26 13.44 1.14
CA GLY B 70 -27.26 12.59 -0.01
C GLY B 70 -27.02 13.30 -1.31
N ARG B 71 -27.47 14.55 -1.38
CA ARG B 71 -27.42 15.31 -2.65
C ARG B 71 -26.13 15.01 -3.44
N PRO B 72 -26.16 14.51 -4.70
CA PRO B 72 -24.90 14.21 -5.36
C PRO B 72 -24.27 15.46 -5.95
N GLY B 73 -22.98 15.43 -6.10
CA GLY B 73 -22.30 16.58 -6.59
C GLY B 73 -22.33 16.64 -8.09
N PRO B 74 -21.62 17.63 -8.61
CA PRO B 74 -21.53 17.75 -10.06
C PRO B 74 -20.93 16.50 -10.69
N TRP B 75 -21.30 16.27 -11.94
CA TRP B 75 -20.66 15.26 -12.76
C TRP B 75 -19.16 15.49 -12.77
N THR B 76 -18.40 14.49 -12.30
CA THR B 76 -16.96 14.60 -12.14
C THR B 76 -16.29 13.43 -12.84
N PRO B 77 -16.00 13.55 -14.14
CA PRO B 77 -15.39 12.44 -14.86
C PRO B 77 -13.91 12.34 -14.55
N MET B 78 -13.40 11.13 -14.62
CA MET B 78 -12.01 10.84 -14.29
C MET B 78 -11.24 10.49 -15.54
N ARG B 79 -9.91 10.51 -15.42
CA ARG B 79 -8.99 10.15 -16.50
C ARG B 79 -7.94 9.16 -15.99
N GLU B 80 -7.42 8.34 -16.91
CA GLU B 80 -6.27 7.52 -16.58
C GLU B 80 -5.09 8.44 -16.22
N LEU B 81 -4.43 8.13 -15.11
CA LEU B 81 -3.42 9.04 -14.60
C LEU B 81 -2.07 8.88 -15.25
N ALA B 82 -1.81 7.74 -15.88
CA ALA B 82 -0.63 7.48 -16.69
C ALA B 82 -1.01 6.39 -17.67
N PRO B 83 -0.45 6.38 -18.87
CA PRO B 83 -0.85 5.35 -19.84
C PRO B 83 -0.51 3.96 -19.31
N GLY B 84 -1.41 3.01 -19.59
CA GLY B 84 -1.20 1.62 -19.22
C GLY B 84 -1.25 1.30 -17.75
N THR B 85 -1.56 2.25 -16.87
CA THR B 85 -1.61 1.96 -15.45
C THR B 85 -3.00 1.57 -14.98
N ASP B 86 -4.04 1.81 -15.78
CA ASP B 86 -5.45 1.55 -15.45
C ASP B 86 -5.90 2.23 -14.16
N ARG B 87 -5.12 3.21 -13.65
CA ARG B 87 -5.47 4.01 -12.49
C ARG B 87 -6.06 5.35 -12.93
N TRP B 88 -7.24 5.66 -12.43
CA TRP B 88 -8.01 6.82 -12.86
C TRP B 88 -8.21 7.74 -11.67
N GLY B 89 -8.34 9.04 -11.95
CA GLY B 89 -8.51 10.03 -10.91
C GLY B 89 -9.34 11.19 -11.39
N ALA B 90 -9.91 11.91 -10.41
CA ALA B 90 -10.62 13.16 -10.65
C ALA B 90 -10.58 13.95 -9.35
N THR B 91 -10.57 15.27 -9.47
CA THR B 91 -10.53 16.13 -8.30
C THR B 91 -11.94 16.48 -7.83
N VAL B 92 -12.14 16.38 -6.53
CA VAL B 92 -13.40 16.76 -5.92
C VAL B 92 -13.13 17.86 -4.89
N THR B 93 -14.19 18.61 -4.55
CA THR B 93 -14.08 19.72 -3.62
C THR B 93 -15.20 19.69 -2.59
N ALA B 94 -14.82 19.83 -1.33
CA ALA B 94 -15.77 19.68 -0.25
C ALA B 94 -16.47 21.00 -0.01
N GLY B 95 -17.70 20.90 0.46
CA GLY B 95 -18.42 22.11 0.78
C GLY B 95 -18.68 22.20 2.27
N GLU B 96 -19.97 22.13 2.63
CA GLU B 96 -20.43 22.22 4.00
C GLU B 96 -19.77 21.18 4.92
N THR B 97 -19.58 21.56 6.18
CA THR B 97 -19.09 20.59 7.15
C THR B 97 -20.11 19.47 7.28
N GLY B 98 -19.63 18.28 7.57
CA GLY B 98 -20.50 17.14 7.80
C GLY B 98 -19.77 15.87 7.42
N THR B 99 -20.52 14.77 7.47
CA THR B 99 -20.02 13.47 7.02
C THR B 99 -20.54 13.21 5.60
N TRP B 100 -19.63 13.19 4.63
CA TRP B 100 -19.94 12.94 3.24
C TRP B 100 -19.61 11.49 2.89
N SER B 101 -19.81 11.16 1.61
CA SER B 101 -19.43 9.87 1.06
C SER B 101 -19.10 10.08 -0.42
N TYR B 102 -18.29 9.17 -0.96
CA TYR B 102 -17.97 9.25 -2.37
C TYR B 102 -17.81 7.85 -2.94
N THR B 103 -18.32 7.69 -4.16
CA THR B 103 -18.22 6.48 -4.95
C THR B 103 -17.60 6.83 -6.29
N VAL B 104 -16.99 5.81 -6.91
CA VAL B 104 -16.55 5.87 -8.31
C VAL B 104 -17.47 4.97 -9.14
N GLU B 105 -18.01 5.52 -10.22
CA GLU B 105 -18.71 4.73 -11.23
C GLU B 105 -17.81 4.56 -12.45
N ALA B 106 -17.74 3.34 -12.96
CA ALA B 106 -17.06 3.03 -14.21
C ALA B 106 -18.06 2.45 -15.20
N TRP B 107 -17.75 2.61 -16.48
CA TRP B 107 -18.72 2.29 -17.51
C TRP B 107 -18.00 2.04 -18.82
N GLY B 108 -18.67 1.28 -19.68
CA GLY B 108 -18.23 1.18 -21.06
C GLY B 108 -18.51 2.49 -21.78
N ASP B 109 -17.50 3.00 -22.50
CA ASP B 109 -17.63 4.24 -23.23
C ASP B 109 -17.77 3.94 -24.71
N PRO B 110 -18.99 3.66 -25.18
CA PRO B 110 -19.15 3.21 -26.57
C PRO B 110 -18.94 4.31 -27.58
N VAL B 111 -19.28 5.56 -27.24
CA VAL B 111 -19.13 6.67 -28.20
C VAL B 111 -17.66 6.99 -28.42
N THR B 112 -16.83 6.88 -27.38
CA THR B 112 -15.40 7.09 -27.57
C THR B 112 -14.79 5.98 -28.42
N THR B 113 -15.22 4.74 -28.23
CA THR B 113 -14.69 3.64 -29.06
C THR B 113 -15.05 3.81 -30.53
N TRP B 114 -16.33 4.14 -30.81
CA TRP B 114 -16.77 4.28 -32.19
C TRP B 114 -16.06 5.42 -32.89
N ARG B 115 -15.98 6.57 -32.21
CA ARG B 115 -15.27 7.71 -32.78
C ARG B 115 -13.84 7.33 -33.09
N HIS B 116 -13.22 6.52 -32.25
CA HIS B 116 -11.85 6.10 -32.54
C HIS B 116 -11.82 5.29 -33.84
N HIS B 117 -12.74 4.34 -33.99
CA HIS B 117 -12.74 3.52 -35.20
C HIS B 117 -13.13 4.34 -36.42
N ALA B 118 -14.07 5.27 -36.23
CA ALA B 118 -14.53 6.10 -37.35
C ALA B 118 -13.44 7.03 -37.88
N ARG B 119 -12.49 7.50 -37.05
CA ARG B 119 -11.43 8.37 -37.58
C ARG B 119 -10.39 7.61 -38.38
N ILE B 120 -10.23 6.30 -38.15
CA ILE B 120 -9.28 5.49 -38.91
C ILE B 120 -9.93 4.87 -40.13
N LYS B 121 -11.09 4.22 -39.95
CA LYS B 121 -11.67 3.42 -41.02
C LYS B 121 -12.25 4.28 -42.15
N ILE B 122 -12.88 5.41 -41.83
CA ILE B 122 -13.61 6.21 -42.82
C ILE B 122 -12.69 6.84 -43.87
N PRO B 123 -11.53 7.41 -43.51
CA PRO B 123 -10.64 7.92 -44.56
C PRO B 123 -9.98 6.83 -45.38
N ALA B 124 -9.66 5.68 -44.78
CA ALA B 124 -9.14 4.56 -45.55
C ALA B 124 -10.21 3.94 -46.44
N GLY B 125 -11.46 4.38 -46.30
CA GLY B 125 -12.55 3.76 -47.03
C GLY B 125 -12.87 2.36 -46.58
N LEU B 126 -12.59 1.98 -45.33
CA LEU B 126 -12.89 0.63 -44.85
C LEU B 126 -14.25 0.62 -44.15
N ASP B 127 -15.16 -0.23 -44.62
CA ASP B 127 -16.49 -0.44 -44.00
C ASP B 127 -17.30 0.84 -43.84
N THR B 128 -17.14 1.86 -44.68
CA THR B 128 -17.72 3.16 -44.33
C THR B 128 -19.22 3.12 -44.08
N ASP B 129 -19.97 2.33 -44.85
CA ASP B 129 -21.41 2.28 -44.65
C ASP B 129 -21.79 1.57 -43.34
N LEU B 130 -21.01 0.59 -42.91
CA LEU B 130 -21.25 -0.11 -41.64
C LEU B 130 -20.81 0.73 -40.44
N VAL B 131 -19.66 1.42 -40.56
CA VAL B 131 -19.16 2.24 -39.46
C VAL B 131 -20.07 3.44 -39.24
N LEU B 132 -20.59 4.00 -40.32
CA LEU B 132 -21.49 5.13 -40.18
C LEU B 132 -22.85 4.70 -39.62
N GLU B 133 -23.36 3.52 -40.03
CA GLU B 133 -24.60 3.04 -39.44
C GLU B 133 -24.41 2.59 -37.98
N GLU B 134 -23.25 2.01 -37.65
CA GLU B 134 -22.96 1.75 -36.24
C GLU B 134 -23.06 3.02 -35.42
N GLY B 135 -22.57 4.14 -35.96
CA GLY B 135 -22.61 5.39 -35.21
C GLY B 135 -24.00 5.99 -35.08
N ALA B 136 -24.79 5.94 -36.15
CA ALA B 136 -26.17 6.46 -36.08
C ALA B 136 -26.98 5.72 -35.03
N ARG B 137 -26.97 4.38 -35.08
CA ARG B 137 -27.68 3.58 -34.09
C ARG B 137 -27.29 3.95 -32.66
N LEU B 138 -26.04 4.35 -32.47
CA LEU B 138 -25.49 4.62 -31.13
C LEU B 138 -25.76 6.04 -30.66
N TYR B 139 -25.68 7.04 -31.56
CA TYR B 139 -26.17 8.38 -31.21
C TYR B 139 -27.67 8.35 -31.00
N GLU B 140 -28.36 7.45 -31.70
CA GLU B 140 -29.76 7.14 -31.38
C GLU B 140 -29.90 6.66 -29.94
N ARG B 141 -28.97 5.82 -29.47
CA ARG B 141 -29.05 5.31 -28.10
C ARG B 141 -28.77 6.40 -27.08
N ALA B 142 -27.76 7.26 -27.32
CA ALA B 142 -27.56 8.43 -26.46
C ALA B 142 -28.80 9.33 -26.44
N ALA B 143 -29.62 9.27 -27.49
CA ALA B 143 -30.80 10.14 -27.58
C ALA B 143 -31.98 9.64 -26.75
N ALA B 144 -32.06 8.34 -26.43
CA ALA B 144 -33.14 7.84 -25.60
C ALA B 144 -32.98 8.29 -24.16
N ASP B 145 -31.78 8.73 -23.76
CA ASP B 145 -31.51 9.23 -22.42
C ASP B 145 -31.56 10.74 -22.33
N VAL B 146 -31.42 11.47 -23.43
CA VAL B 146 -31.60 12.92 -23.35
C VAL B 146 -33.12 13.15 -23.28
N PRO B 147 -33.65 13.76 -22.22
CA PRO B 147 -35.10 13.94 -22.12
C PRO B 147 -35.61 15.26 -22.69
N GLY B 148 -34.73 16.14 -23.14
CA GLY B 148 -35.14 17.41 -23.68
C GLY B 148 -35.51 17.33 -25.15
N ARG B 149 -36.59 18.02 -25.50
CA ARG B 149 -37.10 18.05 -26.87
C ARG B 149 -36.03 18.57 -27.85
N GLU B 150 -35.20 19.52 -27.40
CA GLU B 150 -34.19 20.15 -28.23
C GLU B 150 -32.91 19.32 -28.32
N ASP B 151 -32.39 18.84 -27.18
CA ASP B 151 -31.18 18.01 -27.17
C ASP B 151 -31.34 16.73 -27.98
N ARG B 152 -32.55 16.15 -28.01
CA ARG B 152 -32.81 14.93 -28.79
C ARG B 152 -32.61 15.17 -30.28
N ARG B 153 -33.26 16.20 -30.82
CA ARG B 153 -33.15 16.47 -32.25
C ARG B 153 -31.72 16.86 -32.63
N GLU B 154 -30.94 17.39 -31.67
CA GLU B 154 -29.52 17.68 -31.90
C GLU B 154 -28.74 16.42 -32.29
N LEU B 155 -28.76 15.42 -31.40
CA LEU B 155 -28.15 14.15 -31.72
C LEU B 155 -28.81 13.52 -32.94
N LEU B 156 -30.15 13.59 -33.01
CA LEU B 156 -30.89 12.96 -34.12
C LEU B 156 -30.58 13.60 -35.47
N ALA B 157 -30.13 14.86 -35.50
CA ALA B 157 -29.64 15.45 -36.74
C ALA B 157 -28.30 14.86 -37.13
N ALA B 158 -27.41 14.68 -36.13
CA ALA B 158 -26.21 13.90 -36.38
C ALA B 158 -26.58 12.49 -36.82
N VAL B 159 -27.63 11.92 -36.22
CA VAL B 159 -28.11 10.59 -36.62
C VAL B 159 -28.56 10.60 -38.07
N ASP B 160 -29.29 11.65 -38.47
CA ASP B 160 -29.78 11.73 -39.83
C ASP B 160 -28.66 12.03 -40.82
N ALA B 161 -27.70 12.86 -40.42
CA ALA B 161 -26.54 13.14 -41.26
C ALA B 161 -25.61 11.92 -41.34
N LEU B 162 -25.48 11.16 -40.24
CA LEU B 162 -24.72 9.92 -40.30
C LEU B 162 -25.35 8.93 -41.27
N ARG B 163 -26.67 8.94 -41.38
CA ARG B 163 -27.37 8.00 -42.26
C ARG B 163 -27.62 8.58 -43.63
N ASP B 164 -27.20 9.83 -43.87
CA ASP B 164 -27.51 10.55 -45.10
C ASP B 164 -26.80 9.89 -46.29
N GLU B 165 -27.58 9.19 -47.09
CA GLU B 165 -27.05 8.38 -48.18
C GLU B 165 -26.39 9.21 -49.27
N SER B 166 -26.81 10.47 -49.41
CA SER B 166 -26.46 11.37 -50.50
C SER B 166 -25.41 12.41 -50.13
N ARG B 167 -24.74 12.26 -48.99
CA ARG B 167 -23.66 13.14 -48.63
C ARG B 167 -22.32 12.41 -48.64
N PRO B 168 -21.21 13.13 -48.82
CA PRO B 168 -19.90 12.48 -48.71
C PRO B 168 -19.69 11.79 -47.35
N ALA B 169 -19.01 10.63 -47.38
CA ALA B 169 -18.71 9.91 -46.14
C ALA B 169 -18.00 10.79 -45.13
N ALA B 170 -17.04 11.60 -45.58
CA ALA B 170 -16.33 12.49 -44.66
C ALA B 170 -17.28 13.52 -44.08
N SER B 171 -18.34 13.84 -44.81
CA SER B 171 -19.31 14.84 -44.39
C SER B 171 -20.32 14.25 -43.40
N ARG B 172 -20.69 12.97 -43.58
CA ARG B 172 -21.56 12.29 -42.61
C ARG B 172 -20.86 12.10 -41.28
N LEU B 173 -19.59 11.72 -41.31
CA LEU B 173 -18.83 11.56 -40.08
C LEU B 173 -18.70 12.88 -39.35
N ALA B 174 -18.48 13.97 -40.10
CA ALA B 174 -18.30 15.29 -39.47
C ALA B 174 -19.50 15.69 -38.63
N ALA B 175 -20.70 15.24 -39.01
CA ALA B 175 -21.91 15.67 -38.33
C ALA B 175 -22.04 15.07 -36.95
N ALA B 176 -21.37 13.95 -36.70
CA ALA B 176 -21.32 13.31 -35.39
C ALA B 176 -20.17 13.82 -34.53
N LEU B 177 -19.30 14.68 -35.08
CA LEU B 177 -18.13 15.18 -34.38
C LEU B 177 -18.14 16.70 -34.21
N THR B 178 -19.24 17.37 -34.54
CA THR B 178 -19.30 18.80 -34.30
C THR B 178 -19.16 19.04 -32.81
N PRO B 179 -18.37 20.04 -32.39
CA PRO B 179 -18.32 20.37 -30.95
C PRO B 179 -19.68 20.76 -30.40
N GLN B 180 -20.59 21.17 -31.28
CA GLN B 180 -21.99 21.39 -30.92
C GLN B 180 -22.69 20.08 -30.49
N VAL B 181 -22.24 18.94 -31.01
CA VAL B 181 -22.70 17.61 -30.56
C VAL B 181 -21.87 17.10 -29.38
N ASP B 182 -20.54 17.39 -29.35
CA ASP B 182 -19.69 17.05 -28.20
C ASP B 182 -20.25 17.64 -26.89
N ALA B 183 -20.87 18.81 -26.98
CA ALA B 183 -21.50 19.40 -25.82
C ALA B 183 -22.65 18.54 -25.32
N VAL B 184 -23.68 18.34 -26.15
CA VAL B 184 -24.87 17.60 -25.76
C VAL B 184 -24.54 16.18 -25.31
N LEU B 185 -23.34 15.67 -25.64
CA LEU B 185 -22.88 14.35 -25.20
C LEU B 185 -22.06 14.41 -23.90
N ALA B 186 -21.09 15.33 -23.79
CA ALA B 186 -20.45 15.54 -22.49
C ALA B 186 -21.50 15.89 -21.43
N ARG B 187 -22.62 16.48 -21.86
CA ARG B 187 -23.76 16.80 -21.00
C ARG B 187 -24.57 15.57 -20.65
N HIS B 188 -24.68 14.60 -21.58
CA HIS B 188 -25.47 13.38 -21.40
C HIS B 188 -24.73 12.19 -22.02
N PRO B 189 -23.66 11.72 -21.37
CA PRO B 189 -22.82 10.71 -22.02
C PRO B 189 -23.51 9.36 -22.14
N LEU B 190 -23.19 8.64 -23.22
CA LEU B 190 -23.69 7.28 -23.33
C LEU B 190 -22.75 6.39 -22.52
N ARG B 191 -23.25 5.86 -21.42
CA ARG B 191 -22.46 5.07 -20.49
C ARG B 191 -23.08 3.68 -20.41
N ASP B 192 -22.32 2.67 -20.78
CA ASP B 192 -22.81 1.31 -20.78
C ASP B 192 -22.29 0.55 -19.57
N LEU B 193 -23.13 -0.34 -19.04
CA LEU B 193 -22.77 -1.26 -17.97
C LEU B 193 -22.21 -0.52 -16.74
N VAL B 194 -22.94 0.49 -16.29
CA VAL B 194 -22.45 1.38 -15.23
C VAL B 194 -22.26 0.58 -13.95
N THR B 195 -21.02 0.51 -13.45
CA THR B 195 -20.67 -0.24 -12.25
C THR B 195 -20.25 0.72 -11.15
N SER B 196 -20.76 0.50 -9.93
CA SER B 196 -20.39 1.35 -8.80
C SER B 196 -19.51 0.62 -7.77
N SER B 197 -18.60 1.38 -7.18
CA SER B 197 -17.98 0.94 -5.93
C SER B 197 -18.96 1.12 -4.76
N ASP B 198 -18.61 0.52 -3.66
CA ASP B 198 -19.30 0.74 -2.40
C ASP B 198 -18.90 2.10 -1.83
N PRO B 199 -19.82 2.77 -1.13
CA PRO B 199 -19.53 4.12 -0.61
C PRO B 199 -18.36 4.15 0.37
N LEU B 200 -17.51 5.20 0.25
CA LEU B 200 -16.46 5.49 1.23
C LEU B 200 -16.77 6.79 2.00
N PRO B 201 -16.53 6.83 3.30
CA PRO B 201 -16.92 8.00 4.09
C PRO B 201 -15.88 9.13 4.02
N LEU B 202 -16.37 10.37 3.95
CA LEU B 202 -15.56 11.58 3.99
C LEU B 202 -16.03 12.49 5.13
N LEU B 203 -15.10 13.00 5.93
CA LEU B 203 -15.42 13.87 7.06
C LEU B 203 -14.87 15.26 6.77
N VAL B 204 -15.78 16.21 6.59
CA VAL B 204 -15.42 17.58 6.22
C VAL B 204 -15.51 18.45 7.46
N GLU B 205 -14.42 19.12 7.77
CA GLU B 205 -14.31 19.96 8.95
C GLU B 205 -14.10 21.42 8.54
N ARG B 206 -14.28 22.34 9.50
CA ARG B 206 -14.12 23.77 9.24
C ARG B 206 -12.68 24.09 8.81
N GLU B 207 -12.52 25.24 8.14
CA GLU B 207 -11.27 25.51 7.42
C GLU B 207 -10.08 25.61 8.38
N ARG B 208 -10.31 26.16 9.58
CA ARG B 208 -9.29 26.31 10.61
C ARG B 208 -8.59 24.99 10.99
N ALA B 209 -9.21 23.83 10.73
CA ALA B 209 -8.56 22.55 10.99
C ALA B 209 -7.38 22.33 10.05
N LEU B 210 -7.45 22.89 8.85
CA LEU B 210 -6.36 22.78 7.90
C LEU B 210 -5.51 24.04 7.84
N TYR B 211 -6.12 25.21 7.99
CA TYR B 211 -5.50 26.51 7.75
C TYR B 211 -5.53 27.38 9.00
N GLY B 212 -4.40 27.99 9.34
CA GLY B 212 -4.36 28.92 10.44
C GLY B 212 -2.97 29.03 11.02
N ALA B 213 -2.63 30.20 11.55
CA ALA B 213 -1.34 30.48 12.17
C ALA B 213 -1.47 30.51 13.70
N TRP B 214 -0.60 29.77 14.40
CA TRP B 214 -0.62 29.65 15.85
C TRP B 214 0.50 30.43 16.51
N TYR B 215 0.20 30.96 17.69
CA TYR B 215 1.16 31.61 18.57
C TYR B 215 0.95 31.08 19.97
N GLU B 216 2.01 30.54 20.57
CA GLU B 216 1.99 29.98 21.91
C GLU B 216 2.74 30.92 22.85
N PHE B 217 2.10 31.29 23.96
CA PHE B 217 2.80 32.09 24.97
C PHE B 217 2.28 31.79 26.36
N PHE B 218 3.08 32.14 27.36
CA PHE B 218 2.69 31.93 28.75
C PHE B 218 2.03 33.18 29.31
N PRO B 219 0.77 33.13 29.73
CA PRO B 219 0.14 34.33 30.34
C PRO B 219 0.91 34.87 31.53
N ARG B 220 1.46 34.00 32.37
CA ARG B 220 2.13 34.44 33.60
C ARG B 220 3.40 35.23 33.34
N SER B 221 3.95 35.14 32.13
CA SER B 221 5.14 35.91 31.78
C SER B 221 4.81 37.35 31.40
N GLU B 222 3.53 37.67 31.21
CA GLU B 222 3.11 39.03 30.89
C GLU B 222 2.53 39.70 32.13
N GLY B 223 3.42 39.97 33.08
CA GLY B 223 3.05 40.61 34.32
C GLY B 223 3.29 42.10 34.30
N THR B 224 3.35 42.68 35.49
CA THR B 224 3.71 44.07 35.72
C THR B 224 4.96 44.11 36.60
N PRO B 225 5.70 45.23 36.62
CA PRO B 225 6.89 45.30 37.48
C PRO B 225 6.58 45.06 38.95
N HIS B 226 5.38 45.44 39.39
CA HIS B 226 5.01 45.30 40.79
C HIS B 226 4.47 43.91 41.08
N THR B 227 3.87 43.27 40.07
CA THR B 227 3.38 41.90 40.14
C THR B 227 3.95 41.10 38.98
N PRO B 228 5.07 40.40 39.18
CA PRO B 228 5.71 39.71 38.06
C PRO B 228 4.85 38.58 37.48
N HIS B 229 4.09 37.83 38.29
CA HIS B 229 3.21 36.78 37.77
C HIS B 229 2.02 37.42 37.05
N GLY B 230 2.01 37.32 35.72
CA GLY B 230 0.95 37.95 34.96
C GLY B 230 -0.42 37.37 35.27
N THR B 231 -1.43 38.11 34.88
CA THR B 231 -2.80 37.66 35.03
C THR B 231 -3.47 37.70 33.67
N PHE B 232 -4.64 37.08 33.58
CA PHE B 232 -5.35 37.13 32.33
C PHE B 232 -5.60 38.57 31.91
N ARG B 233 -5.79 39.46 32.88
CA ARG B 233 -6.12 40.84 32.56
C ARG B 233 -4.90 41.58 32.01
N THR B 234 -3.73 41.36 32.61
CA THR B 234 -2.49 41.91 32.06
C THR B 234 -2.09 41.18 30.77
N ALA B 235 -2.20 39.84 30.76
CA ALA B 235 -1.82 39.08 29.58
C ALA B 235 -2.69 39.46 28.38
N ALA B 236 -3.98 39.76 28.61
CA ALA B 236 -4.85 40.16 27.52
C ALA B 236 -4.28 41.34 26.74
N ARG B 237 -3.40 42.09 27.38
CA ARG B 237 -2.80 43.25 26.76
C ARG B 237 -1.74 42.86 25.73
N ARG B 238 -1.30 41.61 25.73
CA ARG B 238 -0.31 41.15 24.77
C ARG B 238 -0.94 40.70 23.46
N LEU B 239 -2.26 40.41 23.47
CA LEU B 239 -2.97 39.97 22.25
C LEU B 239 -2.94 40.97 21.10
N PRO B 240 -3.13 42.27 21.29
CA PRO B 240 -2.97 43.20 20.15
C PRO B 240 -1.69 42.95 19.33
N ALA B 241 -0.56 42.74 19.99
CA ALA B 241 0.67 42.39 19.28
C ALA B 241 0.51 41.09 18.51
N ILE B 242 -0.17 40.11 19.10
CA ILE B 242 -0.29 38.78 18.50
C ILE B 242 -1.22 38.82 17.30
N ALA B 243 -2.40 39.41 17.48
CA ALA B 243 -3.34 39.55 16.37
C ALA B 243 -2.71 40.34 15.23
N ALA B 244 -2.02 41.43 15.57
CA ALA B 244 -1.40 42.25 14.53
C ALA B 244 -0.28 41.51 13.78
N MET B 245 0.28 40.48 14.40
CA MET B 245 1.33 39.75 13.72
C MET B 245 0.73 38.79 12.67
N GLY B 246 -0.61 38.78 12.59
CA GLY B 246 -1.33 37.95 11.64
C GLY B 246 -1.67 36.56 12.10
N PHE B 247 -1.71 36.31 13.40
CA PHE B 247 -2.04 34.98 13.89
C PHE B 247 -3.54 34.81 14.07
N ASP B 248 -3.97 33.56 14.08
CA ASP B 248 -5.36 33.17 14.16
C ASP B 248 -5.71 32.43 15.42
N VAL B 249 -4.74 31.72 15.99
CA VAL B 249 -4.96 30.89 17.16
C VAL B 249 -3.91 31.23 18.19
N VAL B 250 -4.33 31.31 19.45
CA VAL B 250 -3.44 31.56 20.58
C VAL B 250 -3.48 30.31 21.46
N TYR B 251 -2.34 29.65 21.61
CA TYR B 251 -2.25 28.41 22.36
C TYR B 251 -1.63 28.70 23.72
N LEU B 252 -2.40 28.46 24.77
CA LEU B 252 -1.98 28.68 26.16
C LEU B 252 -1.56 27.36 26.77
N PRO B 253 -0.41 27.31 27.44
CA PRO B 253 -0.09 26.15 28.26
C PRO B 253 -1.12 26.01 29.37
N PRO B 254 -1.11 24.90 30.13
CA PRO B 254 -2.16 24.68 31.14
C PRO B 254 -2.32 25.88 32.06
N ILE B 255 -3.58 26.21 32.39
CA ILE B 255 -3.95 27.42 33.09
C ILE B 255 -4.46 27.14 34.51
N HIS B 256 -4.24 25.94 35.02
CA HIS B 256 -4.84 25.47 36.25
C HIS B 256 -3.86 25.61 37.39
N PRO B 257 -4.30 25.38 38.63
CA PRO B 257 -3.35 25.31 39.75
C PRO B 257 -2.20 24.36 39.46
N ILE B 258 -1.01 24.76 39.87
CA ILE B 258 0.21 23.97 39.75
C ILE B 258 0.49 23.33 41.11
N GLY B 259 0.89 22.07 41.11
CA GLY B 259 1.22 21.42 42.36
C GLY B 259 2.45 21.99 43.01
N THR B 260 2.63 21.68 44.30
CA THR B 260 3.85 22.05 45.00
C THR B 260 4.75 20.86 45.33
N THR B 261 4.19 19.67 45.56
CA THR B 261 5.04 18.50 45.80
C THR B 261 5.91 18.20 44.57
N HIS B 262 7.22 18.22 44.79
CA HIS B 262 8.23 17.98 43.75
C HIS B 262 8.18 19.01 42.64
N ARG B 263 7.60 20.18 42.90
CA ARG B 263 7.70 21.24 41.93
C ARG B 263 9.16 21.43 41.52
N LYS B 264 9.39 21.47 40.22
CA LYS B 264 10.71 21.75 39.70
C LYS B 264 11.03 23.22 39.82
N GLY B 265 12.31 23.53 40.06
CA GLY B 265 12.79 24.89 40.08
C GLY B 265 13.30 25.34 38.73
N ARG B 266 13.85 26.55 38.73
CA ARG B 266 14.40 27.16 37.53
C ARG B 266 15.34 26.18 36.82
N ASN B 267 15.30 26.21 35.49
CA ASN B 267 16.18 25.40 34.64
C ASN B 267 16.02 23.92 34.87
N ASN B 268 14.80 23.51 35.23
CA ASN B 268 14.42 22.10 35.36
C ASN B 268 15.20 21.42 36.50
N THR B 269 15.45 22.17 37.57
CA THR B 269 16.12 21.59 38.72
C THR B 269 15.08 20.86 39.55
N LEU B 270 15.53 19.80 40.24
CA LEU B 270 14.57 18.85 40.80
C LEU B 270 13.79 19.47 41.98
N SER B 271 14.43 20.35 42.75
CA SER B 271 13.82 21.01 43.89
C SER B 271 13.68 22.50 43.59
N ALA B 272 12.50 23.05 43.91
CA ALA B 272 12.16 24.45 43.72
C ALA B 272 12.78 25.34 44.79
N THR B 273 12.29 26.57 44.91
CA THR B 273 12.64 27.45 46.02
C THR B 273 11.34 28.05 46.51
N GLY B 274 11.43 29.14 47.27
CA GLY B 274 10.26 29.66 47.94
C GLY B 274 9.24 30.23 46.99
N ASP B 275 9.69 30.69 45.83
CA ASP B 275 8.82 31.36 44.88
C ASP B 275 8.95 30.85 43.45
N ASP B 276 9.63 29.72 43.24
CA ASP B 276 9.65 29.12 41.90
C ASP B 276 8.23 28.76 41.45
N VAL B 277 7.89 29.15 40.23
CA VAL B 277 6.50 29.05 39.79
C VAL B 277 6.12 27.63 39.35
N GLY B 278 7.11 26.76 39.10
CA GLY B 278 6.84 25.42 38.68
C GLY B 278 6.40 25.28 37.23
N SER B 279 6.40 24.06 36.76
CA SER B 279 5.96 23.77 35.40
C SER B 279 4.45 23.79 35.34
N PRO B 280 3.85 24.51 34.38
CA PRO B 280 2.37 24.58 34.34
C PRO B 280 1.72 23.24 34.07
N TRP B 281 2.50 22.30 33.53
CA TRP B 281 1.98 20.96 33.25
C TRP B 281 1.84 20.11 34.48
N ALA B 282 2.33 20.57 35.63
CA ALA B 282 2.10 19.92 36.92
C ALA B 282 0.73 20.30 37.45
N ILE B 283 -0.30 19.88 36.73
CA ILE B 283 -1.65 20.35 36.97
C ILE B 283 -2.18 19.80 38.28
N GLY B 284 -2.74 20.67 39.10
CA GLY B 284 -3.50 20.20 40.24
C GLY B 284 -2.96 20.58 41.59
N SER B 285 -3.87 20.95 42.46
CA SER B 285 -3.56 21.28 43.84
C SER B 285 -4.88 21.33 44.59
N PRO B 286 -4.89 21.46 45.91
CA PRO B 286 -6.17 21.61 46.62
C PRO B 286 -6.93 22.87 46.20
N GLU B 287 -6.31 23.71 45.37
CA GLU B 287 -7.00 24.91 44.84
C GLU B 287 -7.82 24.51 43.63
N GLY B 288 -7.65 23.28 43.15
CA GLY B 288 -8.47 22.79 42.03
C GLY B 288 -7.64 22.09 40.98
N GLY B 289 -8.31 21.39 40.06
CA GLY B 289 -7.60 20.69 39.01
C GLY B 289 -7.93 21.23 37.64
N HIS B 290 -8.17 20.33 36.69
CA HIS B 290 -8.26 20.71 35.29
C HIS B 290 -9.43 21.65 34.99
N ASP B 291 -10.44 21.73 35.85
CA ASP B 291 -11.57 22.63 35.61
C ASP B 291 -11.36 24.01 36.23
N SER B 292 -10.25 24.25 36.91
CA SER B 292 -10.06 25.47 37.66
C SER B 292 -8.94 26.30 37.04
N ILE B 293 -8.95 27.57 37.40
CA ILE B 293 -7.98 28.56 36.95
C ILE B 293 -6.93 28.75 38.03
N HIS B 294 -5.67 28.82 37.62
CA HIS B 294 -4.58 29.11 38.55
C HIS B 294 -4.78 30.49 39.19
N PRO B 295 -4.83 30.57 40.52
CA PRO B 295 -5.23 31.81 41.19
C PRO B 295 -4.34 33.00 40.90
N ALA B 296 -3.07 32.78 40.58
CA ALA B 296 -2.22 33.86 40.12
C ALA B 296 -2.60 34.34 38.71
N LEU B 297 -3.49 33.64 38.02
CA LEU B 297 -3.95 34.10 36.72
C LEU B 297 -5.23 34.91 36.83
N GLY B 298 -5.93 34.81 37.96
CA GLY B 298 -7.20 35.48 38.12
C GLY B 298 -8.31 34.47 38.29
N THR B 299 -9.56 34.88 38.03
CA THR B 299 -10.67 33.96 38.17
C THR B 299 -11.16 33.50 36.80
N LEU B 300 -12.20 32.66 36.82
CA LEU B 300 -12.86 32.23 35.60
C LEU B 300 -13.44 33.40 34.82
N ASP B 301 -13.70 34.53 35.49
CA ASP B 301 -14.19 35.71 34.80
C ASP B 301 -13.08 36.45 34.07
N ASP B 302 -11.91 36.55 34.71
CA ASP B 302 -10.75 37.05 33.98
C ASP B 302 -10.49 36.23 32.74
N PHE B 303 -10.66 34.91 32.84
CA PHE B 303 -10.45 34.08 31.66
C PHE B 303 -11.49 34.37 30.60
N ASP B 304 -12.73 34.59 31.01
CA ASP B 304 -13.76 35.01 30.08
C ASP B 304 -13.37 36.30 29.40
N HIS B 305 -12.97 37.29 30.21
CA HIS B 305 -12.46 38.55 29.67
C HIS B 305 -11.36 38.29 28.64
N PHE B 306 -10.40 37.43 28.98
CA PHE B 306 -9.30 37.12 28.08
C PHE B 306 -9.84 36.49 26.79
N VAL B 307 -10.70 35.47 26.92
CA VAL B 307 -11.23 34.81 25.74
C VAL B 307 -12.01 35.82 24.88
N THR B 308 -12.79 36.68 25.54
CA THR B 308 -13.58 37.67 24.80
C THR B 308 -12.69 38.72 24.14
N GLU B 309 -11.72 39.25 24.88
CA GLU B 309 -10.79 40.21 24.31
C GLU B 309 -10.01 39.61 23.15
N ALA B 310 -9.70 38.31 23.23
CA ALA B 310 -8.99 37.64 22.15
C ALA B 310 -9.84 37.56 20.89
N GLY B 311 -11.12 37.22 21.07
CA GLY B 311 -12.03 37.15 19.93
C GLY B 311 -12.17 38.47 19.18
N LYS B 312 -12.29 39.58 19.93
CA LYS B 312 -12.41 40.90 19.33
C LYS B 312 -11.28 41.19 18.36
N LEU B 313 -10.11 40.60 18.60
CA LEU B 313 -8.94 40.78 17.76
C LEU B 313 -8.85 39.80 16.60
N GLY B 314 -9.82 38.88 16.47
CA GLY B 314 -9.75 37.84 15.47
C GLY B 314 -8.97 36.62 15.88
N LEU B 315 -8.71 36.45 17.18
CA LEU B 315 -7.92 35.36 17.70
C LEU B 315 -8.81 34.30 18.35
N GLU B 316 -8.48 33.03 18.12
CA GLU B 316 -9.11 31.89 18.79
C GLU B 316 -8.18 31.33 19.86
N ILE B 317 -8.75 30.93 20.98
CA ILE B 317 -7.98 30.37 22.08
C ILE B 317 -7.90 28.86 21.90
N ALA B 318 -6.68 28.33 21.97
CA ALA B 318 -6.44 26.90 22.04
C ALA B 318 -5.84 26.61 23.41
N LEU B 319 -6.47 25.71 24.15
CA LEU B 319 -6.05 25.36 25.51
C LEU B 319 -5.28 24.07 25.50
N ASP B 320 -4.31 23.97 26.39
CA ASP B 320 -3.56 22.74 26.57
C ASP B 320 -4.36 21.79 27.45
N PHE B 321 -4.57 20.58 26.98
CA PHE B 321 -5.16 19.52 27.77
C PHE B 321 -4.09 18.46 28.07
N ALA B 322 -3.71 18.35 29.34
CA ALA B 322 -2.72 17.36 29.79
C ALA B 322 -3.38 16.39 30.78
N LEU B 323 -3.75 15.20 30.30
CA LEU B 323 -4.41 14.21 31.16
C LEU B 323 -3.36 13.56 32.06
N GLN B 324 -3.07 14.23 33.18
CA GLN B 324 -2.06 13.90 34.18
C GLN B 324 -2.25 14.82 35.38
N CYS B 325 -1.52 14.53 36.49
CA CYS B 325 -1.73 15.17 37.80
C CYS B 325 -0.41 15.42 38.53
N SER B 326 -0.31 16.54 39.22
CA SER B 326 0.70 16.67 40.26
C SER B 326 0.24 15.88 41.48
N PRO B 327 1.15 15.46 42.36
CA PRO B 327 0.73 14.64 43.51
C PRO B 327 -0.29 15.34 44.40
N ASP B 328 -0.48 16.65 44.24
CA ASP B 328 -1.44 17.41 45.02
C ASP B 328 -2.76 17.58 44.32
N HIS B 329 -2.89 17.09 43.09
CA HIS B 329 -4.20 17.06 42.47
C HIS B 329 -5.20 16.34 43.38
N PRO B 330 -6.45 16.80 43.44
CA PRO B 330 -7.49 16.06 44.17
C PRO B 330 -7.76 14.64 43.66
N TRP B 331 -7.47 14.33 42.39
CA TRP B 331 -7.71 12.97 41.91
C TRP B 331 -6.86 11.96 42.65
N VAL B 332 -5.66 12.36 43.10
CA VAL B 332 -4.73 11.39 43.69
C VAL B 332 -5.36 10.68 44.87
N HIS B 333 -6.25 11.36 45.62
CA HIS B 333 -7.03 10.72 46.66
C HIS B 333 -8.50 10.53 46.32
N LYS B 334 -9.06 11.33 45.42
CA LYS B 334 -10.45 11.08 45.05
C LYS B 334 -10.58 9.86 44.14
N HIS B 335 -9.59 9.59 43.28
CA HIS B 335 -9.64 8.46 42.35
C HIS B 335 -8.29 7.79 42.22
N PRO B 336 -7.82 7.13 43.26
CA PRO B 336 -6.56 6.38 43.16
C PRO B 336 -6.52 5.42 41.98
N GLU B 337 -7.68 4.90 41.56
CA GLU B 337 -7.70 3.90 40.49
C GLU B 337 -7.29 4.47 39.13
N TRP B 338 -7.29 5.78 38.98
CA TRP B 338 -6.78 6.42 37.80
C TRP B 338 -5.27 6.57 37.83
N PHE B 339 -4.57 5.77 38.61
CA PHE B 339 -3.12 5.86 38.72
C PHE B 339 -2.57 4.46 38.91
N HIS B 340 -1.27 4.33 38.65
CA HIS B 340 -0.58 3.07 38.80
C HIS B 340 0.23 3.09 40.09
N HIS B 341 -0.09 2.17 41.00
CA HIS B 341 0.52 2.12 42.32
C HIS B 341 1.51 0.98 42.45
N ARG B 342 2.68 1.29 43.00
CA ARG B 342 3.63 0.28 43.41
C ARG B 342 3.12 -0.42 44.68
N PRO B 343 3.69 -1.58 45.03
CA PRO B 343 3.15 -2.32 46.18
C PRO B 343 3.01 -1.52 47.49
N ASP B 344 3.79 -0.46 47.72
CA ASP B 344 3.62 0.35 48.93
C ASP B 344 2.58 1.46 48.79
N GLY B 345 1.88 1.52 47.65
CA GLY B 345 0.83 2.50 47.48
C GLY B 345 1.29 3.80 46.86
N THR B 346 2.60 4.00 46.72
CA THR B 346 3.13 5.16 46.02
C THR B 346 2.95 5.04 44.50
N ILE B 347 3.03 6.18 43.83
CA ILE B 347 2.82 6.30 42.40
C ILE B 347 4.15 6.70 41.76
N ALA B 348 4.75 5.83 40.96
CA ALA B 348 5.94 6.23 40.21
C ALA B 348 5.69 7.51 39.42
N HIS B 349 6.60 8.46 39.53
CA HIS B 349 6.52 9.65 38.71
C HIS B 349 6.68 9.30 37.23
N ALA B 350 6.06 10.12 36.39
CA ALA B 350 6.06 9.86 34.96
C ALA B 350 7.47 10.00 34.40
N GLU B 351 7.77 9.16 33.42
CA GLU B 351 9.03 9.18 32.70
C GLU B 351 8.68 9.14 31.24
N ASN B 352 9.49 9.80 30.44
CA ASN B 352 9.44 9.73 28.98
C ASN B 352 10.86 9.56 28.48
N PRO B 353 11.48 8.41 28.74
CA PRO B 353 12.94 8.37 28.87
C PRO B 353 13.63 8.94 27.65
N PRO B 354 14.81 9.57 27.82
CA PRO B 354 15.56 9.63 29.08
C PRO B 354 15.11 10.76 30.00
N LYS B 355 14.12 11.52 29.56
CA LYS B 355 13.60 12.61 30.37
C LYS B 355 12.80 12.05 31.54
N LYS B 356 12.90 12.73 32.69
CA LYS B 356 12.19 12.40 33.90
C LYS B 356 11.31 13.59 34.28
N TYR B 357 10.06 13.33 34.60
CA TYR B 357 9.11 14.36 34.99
C TYR B 357 8.71 14.16 36.46
N GLN B 358 9.66 14.45 37.36
CA GLN B 358 9.48 14.09 38.76
C GLN B 358 8.28 14.79 39.41
N ASP B 359 7.77 15.86 38.81
CA ASP B 359 6.74 16.66 39.45
C ASP B 359 5.33 16.20 39.11
N ILE B 360 5.14 15.15 38.30
CA ILE B 360 3.81 14.70 37.91
C ILE B 360 3.73 13.16 37.83
N TYR B 361 2.51 12.60 38.09
CA TYR B 361 2.04 11.22 38.02
C TYR B 361 1.29 10.99 36.72
N PRO B 362 1.54 9.89 35.99
CA PRO B 362 0.71 9.53 34.84
C PRO B 362 -0.63 8.91 35.21
N ILE B 363 -1.65 9.21 34.39
CA ILE B 363 -2.96 8.59 34.56
C ILE B 363 -2.89 7.17 34.03
N ALA B 364 -3.40 6.22 34.83
CA ALA B 364 -3.58 4.84 34.42
C ALA B 364 -5.03 4.63 34.02
N PHE B 365 -5.26 3.78 33.02
CA PHE B 365 -6.53 3.79 32.32
C PHE B 365 -7.35 2.51 32.46
N ASP B 366 -6.81 1.45 33.02
CA ASP B 366 -7.48 0.16 32.93
C ASP B 366 -8.37 -0.18 34.13
N ALA B 367 -8.37 0.64 35.19
CA ALA B 367 -9.26 0.41 36.31
C ALA B 367 -10.63 1.03 36.08
N ASP B 368 -10.67 2.29 35.66
CA ASP B 368 -11.92 3.06 35.52
C ASP B 368 -11.92 3.82 34.20
N PRO B 369 -11.95 3.10 33.07
CA PRO B 369 -11.94 3.82 31.77
C PRO B 369 -13.20 4.63 31.50
N ASP B 370 -14.37 4.15 31.90
CA ASP B 370 -15.57 4.98 31.73
C ASP B 370 -15.47 6.24 32.56
N GLY B 371 -14.97 6.13 33.79
CA GLY B 371 -14.85 7.28 34.65
C GLY B 371 -13.90 8.31 34.07
N LEU B 372 -12.78 7.85 33.53
CA LEU B 372 -11.83 8.78 32.93
C LEU B 372 -12.44 9.43 31.69
N ALA B 373 -13.14 8.64 30.89
CA ALA B 373 -13.83 9.18 29.74
C ALA B 373 -14.85 10.25 30.15
N THR B 374 -15.75 9.89 31.06
CA THR B 374 -16.79 10.81 31.48
C THR B 374 -16.20 12.12 32.02
N GLU B 375 -15.18 12.00 32.88
CA GLU B 375 -14.61 13.21 33.46
C GLU B 375 -13.90 14.02 32.39
N THR B 376 -13.22 13.33 31.48
CA THR B 376 -12.47 14.01 30.42
C THR B 376 -13.40 14.84 29.56
N VAL B 377 -14.51 14.26 29.13
CA VAL B 377 -15.41 15.04 28.30
C VAL B 377 -16.15 16.08 29.15
N ARG B 378 -16.37 15.78 30.43
CA ARG B 378 -16.86 16.80 31.34
C ARG B 378 -15.92 18.02 31.37
N ILE B 379 -14.63 17.77 31.59
CA ILE B 379 -13.66 18.87 31.65
C ILE B 379 -13.64 19.67 30.35
N LEU B 380 -13.64 18.97 29.20
CA LEU B 380 -13.53 19.64 27.92
C LEU B 380 -14.79 20.45 27.62
N ARG B 381 -15.96 19.91 27.94
CA ARG B 381 -17.19 20.68 27.77
C ARG B 381 -17.23 21.92 28.65
N HIS B 382 -16.52 21.91 29.80
CA HIS B 382 -16.47 23.13 30.61
C HIS B 382 -15.79 24.28 29.87
N TRP B 383 -14.61 24.00 29.28
CA TRP B 383 -13.87 25.02 28.52
C TRP B 383 -14.55 25.34 27.19
N MET B 384 -15.22 24.36 26.61
CA MET B 384 -16.09 24.64 25.48
C MET B 384 -17.17 25.63 25.85
N ASP B 385 -17.75 25.48 27.04
CA ASP B 385 -18.76 26.41 27.54
C ASP B 385 -18.21 27.82 27.69
N HIS B 386 -16.90 27.98 27.80
CA HIS B 386 -16.29 29.28 28.02
C HIS B 386 -15.55 29.76 26.80
N GLY B 387 -15.90 29.23 25.64
CA GLY B 387 -15.47 29.76 24.37
C GLY B 387 -14.27 29.08 23.77
N VAL B 388 -13.75 28.03 24.42
CA VAL B 388 -12.59 27.30 23.92
C VAL B 388 -13.07 26.18 23.00
N ARG B 389 -12.75 26.30 21.72
CA ARG B 389 -13.15 25.32 20.70
C ARG B 389 -11.95 24.60 20.07
N ILE B 390 -10.75 24.76 20.63
CA ILE B 390 -9.53 24.10 20.17
C ILE B 390 -8.80 23.53 21.38
N PHE B 391 -8.28 22.31 21.24
CA PHE B 391 -7.52 21.69 22.32
C PHE B 391 -6.20 21.13 21.80
N ARG B 392 -5.09 21.62 22.34
CA ARG B 392 -3.78 21.03 22.10
C ARG B 392 -3.58 19.91 23.14
N VAL B 393 -3.70 18.67 22.69
CA VAL B 393 -3.64 17.53 23.60
C VAL B 393 -2.17 17.20 23.84
N ASP B 394 -1.73 17.47 25.07
CA ASP B 394 -0.34 17.21 25.43
C ASP B 394 -0.07 15.72 25.46
N ASN B 395 1.01 15.31 24.81
CA ASN B 395 1.55 13.97 24.96
C ASN B 395 0.49 12.88 24.85
N PRO B 396 -0.27 12.83 23.75
CA PRO B 396 -1.39 11.88 23.69
C PRO B 396 -0.95 10.43 23.66
N HIS B 397 0.25 10.14 23.15
CA HIS B 397 0.75 8.78 22.95
C HIS B 397 1.11 8.07 24.24
N THR B 398 0.92 8.69 25.40
CA THR B 398 1.07 8.02 26.68
C THR B 398 -0.27 7.62 27.27
N LYS B 399 -1.34 7.89 26.54
CA LYS B 399 -2.71 7.49 26.80
C LYS B 399 -3.20 6.57 25.68
N PRO B 400 -4.11 5.64 25.96
CA PRO B 400 -4.47 4.63 24.95
C PRO B 400 -5.12 5.24 23.73
N VAL B 401 -4.81 4.66 22.55
CA VAL B 401 -5.32 5.24 21.30
C VAL B 401 -6.84 5.21 21.30
N ALA B 402 -7.42 4.11 21.74
CA ALA B 402 -8.87 4.00 21.81
C ALA B 402 -9.48 4.96 22.81
N PHE B 403 -8.74 5.43 23.80
CA PHE B 403 -9.30 6.45 24.66
C PHE B 403 -9.55 7.73 23.86
N TRP B 404 -8.54 8.20 23.13
CA TRP B 404 -8.72 9.41 22.32
C TRP B 404 -9.78 9.23 21.26
N GLU B 405 -9.84 8.04 20.64
CA GLU B 405 -10.91 7.81 19.69
C GLU B 405 -12.28 8.04 20.31
N ARG B 406 -12.52 7.46 21.47
CA ARG B 406 -13.85 7.55 22.05
C ARG B 406 -14.14 8.96 22.58
N VAL B 407 -13.12 9.64 23.11
CA VAL B 407 -13.34 10.98 23.62
C VAL B 407 -13.59 11.96 22.46
N ILE B 408 -12.77 11.87 21.40
CA ILE B 408 -12.92 12.78 20.26
C ILE B 408 -14.25 12.54 19.57
N ALA B 409 -14.66 11.28 19.44
CA ALA B 409 -15.97 10.99 18.88
C ALA B 409 -17.08 11.61 19.72
N ASP B 410 -16.99 11.46 21.04
CA ASP B 410 -18.00 12.00 21.96
C ASP B 410 -18.10 13.53 21.83
N ILE B 411 -16.99 14.23 22.01
CA ILE B 411 -17.03 15.69 21.94
C ILE B 411 -17.53 16.15 20.58
N ASN B 412 -16.96 15.59 19.51
CA ASN B 412 -17.35 16.03 18.18
C ASN B 412 -18.76 15.56 17.84
N GLY B 413 -19.24 14.51 18.49
CA GLY B 413 -20.61 14.08 18.28
C GLY B 413 -21.62 15.17 18.62
N THR B 414 -21.37 15.92 19.69
CA THR B 414 -22.21 17.07 19.99
C THR B 414 -21.65 18.35 19.38
N ASP B 415 -20.32 18.51 19.39
CA ASP B 415 -19.67 19.76 19.00
C ASP B 415 -18.68 19.49 17.87
N PRO B 416 -19.17 19.30 16.64
CA PRO B 416 -18.29 18.88 15.52
C PRO B 416 -17.24 19.90 15.11
N ASP B 417 -17.30 21.14 15.59
CA ASP B 417 -16.36 22.21 15.27
C ASP B 417 -15.09 22.21 16.14
N VAL B 418 -15.08 21.43 17.22
CA VAL B 418 -13.94 21.42 18.15
C VAL B 418 -12.75 20.75 17.49
N ILE B 419 -11.64 21.47 17.43
CA ILE B 419 -10.43 20.99 16.79
C ILE B 419 -9.50 20.44 17.87
N PHE B 420 -8.98 19.23 17.66
CA PHE B 420 -7.95 18.63 18.50
C PHE B 420 -6.60 18.59 17.78
N LEU B 421 -5.54 19.00 18.48
CA LEU B 421 -4.19 18.94 17.93
C LEU B 421 -3.36 18.01 18.80
N ALA B 422 -2.78 16.96 18.20
CA ALA B 422 -2.03 15.93 18.91
C ALA B 422 -0.54 16.21 18.90
N GLU B 423 0.04 16.46 20.08
CA GLU B 423 1.50 16.62 20.25
C GLU B 423 2.17 15.27 20.49
N ALA B 424 2.29 14.48 19.41
CA ALA B 424 2.84 13.12 19.47
C ALA B 424 4.13 13.06 18.65
N PHE B 425 5.26 13.38 19.28
CA PHE B 425 6.57 13.20 18.67
C PHE B 425 7.03 11.80 19.06
N THR B 426 6.94 10.88 18.11
CA THR B 426 7.10 9.47 18.44
C THR B 426 7.28 8.72 17.13
N ARG B 427 7.07 7.40 17.17
CA ARG B 427 7.26 6.58 15.99
C ARG B 427 6.09 6.79 15.03
N PRO B 428 6.31 6.56 13.73
CA PRO B 428 5.27 6.92 12.75
C PRO B 428 3.94 6.19 12.93
N ALA B 429 3.97 4.93 13.37
CA ALA B 429 2.73 4.19 13.56
C ALA B 429 1.77 4.94 14.49
N MET B 430 2.25 5.33 15.68
CA MET B 430 1.38 6.04 16.62
C MET B 430 0.90 7.37 16.06
N MET B 431 1.80 8.16 15.47
CA MET B 431 1.38 9.45 14.94
C MET B 431 0.29 9.31 13.89
N ALA B 432 0.40 8.29 13.04
CA ALA B 432 -0.61 8.03 12.02
C ALA B 432 -1.95 7.65 12.63
N THR B 433 -1.94 6.65 13.53
CA THR B 433 -3.17 6.14 14.13
C THR B 433 -3.96 7.22 14.88
N LEU B 434 -3.28 8.07 15.64
CA LEU B 434 -3.99 9.13 16.37
C LEU B 434 -4.68 10.09 15.41
N ALA B 435 -4.02 10.41 14.29
CA ALA B 435 -4.64 11.19 13.24
C ALA B 435 -5.86 10.45 12.69
N GLN B 436 -5.72 9.16 12.41
CA GLN B 436 -6.79 8.39 11.82
C GLN B 436 -7.95 8.13 12.80
N ILE B 437 -7.72 8.23 14.11
CA ILE B 437 -8.81 7.95 15.07
C ILE B 437 -9.60 9.21 15.41
N GLY B 438 -9.16 10.39 14.97
CA GLY B 438 -9.91 11.60 15.20
C GLY B 438 -9.16 12.91 15.21
N PHE B 439 -7.88 12.92 15.61
CA PHE B 439 -7.17 14.18 15.82
C PHE B 439 -7.16 15.05 14.56
N GLN B 440 -7.78 16.23 14.66
CA GLN B 440 -7.90 17.11 13.49
C GLN B 440 -6.54 17.56 12.98
N GLN B 441 -5.59 17.81 13.89
CA GLN B 441 -4.24 18.19 13.52
C GLN B 441 -3.23 17.33 14.26
N SER B 442 -2.01 17.36 13.76
CA SER B 442 -0.91 16.60 14.32
C SER B 442 0.30 17.50 14.36
N TYR B 443 1.06 17.42 15.44
CA TYR B 443 2.43 17.90 15.40
C TYR B 443 3.25 16.96 14.53
N THR B 444 4.38 17.46 14.02
CA THR B 444 5.14 16.76 12.98
C THR B 444 6.61 16.64 13.38
N TYR B 445 7.39 16.08 12.46
CA TYR B 445 8.85 16.04 12.58
C TYR B 445 9.52 17.30 12.03
N PHE B 446 8.76 18.37 11.81
CA PHE B 446 9.26 19.51 11.04
C PHE B 446 10.58 20.03 11.59
N THR B 447 10.72 20.11 12.91
CA THR B 447 11.92 20.77 13.44
C THR B 447 13.20 19.96 13.18
N TRP B 448 13.08 18.64 12.93
CA TRP B 448 14.19 17.73 12.65
C TRP B 448 14.38 17.45 11.16
N ARG B 449 13.78 18.28 10.29
CA ARG B 449 13.96 18.20 8.85
C ARG B 449 14.51 19.55 8.42
N ASN B 450 15.85 19.65 8.25
CA ASN B 450 16.46 20.94 7.96
C ASN B 450 17.29 20.96 6.68
N THR B 451 17.62 19.82 6.11
CA THR B 451 18.30 19.79 4.81
C THR B 451 17.27 19.81 3.68
N LYS B 452 17.75 20.11 2.47
CA LYS B 452 16.85 20.14 1.32
C LYS B 452 16.24 18.77 1.07
N GLN B 453 17.01 17.71 1.31
CA GLN B 453 16.51 16.37 1.06
C GLN B 453 15.58 15.90 2.15
N GLU B 454 15.87 16.24 3.42
CA GLU B 454 14.95 15.91 4.50
C GLU B 454 13.61 16.60 4.31
N LEU B 455 13.65 17.90 4.03
CA LEU B 455 12.44 18.70 3.86
C LEU B 455 11.59 18.19 2.71
N THR B 456 12.24 17.93 1.56
CA THR B 456 11.52 17.44 0.39
C THR B 456 10.93 16.07 0.64
N GLU B 457 11.70 15.17 1.25
CA GLU B 457 11.17 13.85 1.57
C GLU B 457 9.96 13.98 2.50
N TYR B 458 10.10 14.76 3.56
CA TYR B 458 9.00 14.87 4.54
C TYR B 458 7.76 15.45 3.90
N LEU B 459 7.91 16.48 3.10
CA LEU B 459 6.73 17.13 2.56
C LEU B 459 6.09 16.27 1.48
N THR B 460 6.90 15.61 0.67
CA THR B 460 6.34 14.64 -0.27
C THR B 460 5.47 13.62 0.46
N GLU B 461 5.85 13.28 1.69
CA GLU B 461 5.04 12.35 2.47
C GLU B 461 3.81 13.04 3.04
N LEU B 462 4.01 14.16 3.74
CA LEU B 462 2.90 14.83 4.39
C LEU B 462 1.81 15.27 3.42
N SER B 463 2.17 15.68 2.20
CA SER B 463 1.17 16.10 1.22
C SER B 463 0.78 14.99 0.26
N GLY B 464 1.39 13.81 0.38
CA GLY B 464 1.01 12.67 -0.42
C GLY B 464 -0.16 11.95 0.21
N GLU B 465 0.00 10.64 0.47
CA GLU B 465 -1.13 9.87 0.98
C GLU B 465 -1.46 10.24 2.42
N ALA B 466 -0.53 10.81 3.17
CA ALA B 466 -0.79 11.16 4.56
C ALA B 466 -1.87 12.22 4.70
N ALA B 467 -2.11 13.03 3.66
CA ALA B 467 -3.05 14.14 3.70
C ALA B 467 -4.50 13.70 3.79
N SER B 468 -4.78 12.41 3.60
N SER B 468 -4.77 12.42 3.61
CA SER B 468 -6.14 11.89 3.72
CA SER B 468 -6.12 11.92 3.71
C SER B 468 -6.56 11.67 5.16
C SER B 468 -6.56 11.67 5.15
N TYR B 469 -5.62 11.69 6.10
CA TYR B 469 -5.92 11.47 7.52
C TYR B 469 -5.18 12.38 8.49
N MET B 470 -4.09 13.03 8.10
CA MET B 470 -3.37 13.88 9.03
C MET B 470 -3.29 15.29 8.44
N ARG B 471 -3.43 16.29 9.32
CA ARG B 471 -3.23 17.69 8.97
C ARG B 471 -2.08 18.22 9.81
N PRO B 472 -1.00 18.71 9.18
CA PRO B 472 0.21 19.08 9.92
C PRO B 472 0.18 20.49 10.50
N ASN B 473 0.67 20.63 11.74
CA ASN B 473 0.87 21.90 12.40
C ASN B 473 2.38 22.13 12.51
N PHE B 474 2.91 23.02 11.65
CA PHE B 474 4.36 23.25 11.60
C PHE B 474 4.79 24.32 12.61
N PHE B 475 4.94 23.89 13.86
CA PHE B 475 5.59 24.71 14.88
C PHE B 475 7.10 24.68 14.65
N ALA B 476 7.69 25.86 14.44
CA ALA B 476 9.12 25.95 14.16
C ALA B 476 9.95 25.88 15.42
N ASN B 477 9.32 26.05 16.58
CA ASN B 477 9.94 25.83 17.88
C ASN B 477 8.81 25.55 18.86
N THR B 478 9.14 24.88 19.94
CA THR B 478 8.20 24.75 21.05
C THR B 478 8.97 25.12 22.30
N PRO B 479 8.34 25.15 23.49
CA PRO B 479 9.14 25.27 24.72
C PRO B 479 10.14 24.14 24.91
N ASP B 480 10.01 23.03 24.17
CA ASP B 480 10.82 21.82 24.32
C ASP B 480 11.75 21.51 23.17
N ILE B 481 11.72 22.28 22.08
CA ILE B 481 12.52 21.99 20.90
C ILE B 481 13.12 23.27 20.35
N LEU B 482 14.36 23.57 20.73
CA LEU B 482 15.15 24.64 20.12
C LEU B 482 16.19 23.92 19.29
N HIS B 483 15.89 23.72 18.01
CA HIS B 483 16.75 22.84 17.25
C HIS B 483 18.11 23.47 17.05
N ALA B 484 19.13 22.61 16.93
CA ALA B 484 20.50 23.07 16.75
C ALA B 484 20.64 23.96 15.53
N TYR B 485 19.84 23.70 14.48
CA TYR B 485 19.82 24.60 13.33
C TYR B 485 19.58 26.04 13.76
N LEU B 486 18.64 26.25 14.66
CA LEU B 486 18.41 27.61 15.12
C LEU B 486 19.50 28.06 16.08
N GLN B 487 20.06 27.11 16.84
CA GLN B 487 21.12 27.43 17.78
C GLN B 487 22.32 28.00 17.04
N HIS B 488 22.76 27.32 16.00
CA HIS B 488 23.96 27.69 15.29
C HIS B 488 23.71 28.71 14.20
N GLY B 489 22.51 28.73 13.62
CA GLY B 489 22.26 29.65 12.53
C GLY B 489 21.93 31.07 12.94
N GLY B 490 21.56 31.30 14.19
CA GLY B 490 21.19 32.64 14.63
C GLY B 490 19.96 33.17 13.91
N ARG B 491 19.86 34.50 13.84
CA ARG B 491 18.67 35.12 13.24
C ARG B 491 18.40 34.69 11.78
N PRO B 492 19.39 34.55 10.89
CA PRO B 492 19.05 34.08 9.53
C PRO B 492 18.46 32.69 9.52
N ALA B 493 18.84 31.84 10.46
CA ALA B 493 18.19 30.55 10.61
C ALA B 493 16.72 30.73 10.99
N PHE B 494 16.44 31.64 11.94
CA PHE B 494 15.06 31.87 12.37
C PHE B 494 14.21 32.39 11.23
N GLU B 495 14.79 33.20 10.35
CA GLU B 495 14.05 33.69 9.20
C GLU B 495 13.73 32.55 8.23
N VAL B 496 14.73 31.71 7.94
CA VAL B 496 14.55 30.63 6.96
C VAL B 496 13.44 29.69 7.40
N ARG B 497 13.44 29.29 8.68
CA ARG B 497 12.45 28.32 9.18
C ARG B 497 11.05 28.91 9.22
N ALA B 498 10.91 30.23 9.39
CA ALA B 498 9.59 30.81 9.35
C ALA B 498 9.04 30.84 7.92
N VAL B 499 9.85 31.25 6.95
CA VAL B 499 9.42 31.15 5.57
C VAL B 499 9.03 29.72 5.25
N LEU B 500 9.88 28.77 5.67
CA LEU B 500 9.67 27.36 5.34
C LEU B 500 8.37 26.87 5.95
N ALA B 501 8.16 27.14 7.25
CA ALA B 501 6.97 26.67 7.93
C ALA B 501 5.72 27.32 7.37
N ALA B 502 5.75 28.65 7.17
CA ALA B 502 4.56 29.38 6.78
C ALA B 502 4.11 29.08 5.35
N THR B 503 5.03 28.67 4.46
CA THR B 503 4.66 28.35 3.09
C THR B 503 4.58 26.86 2.78
N LEU B 504 5.22 25.99 3.57
CA LEU B 504 5.08 24.56 3.32
C LEU B 504 3.81 23.96 3.91
N SER B 505 3.27 24.56 4.97
CA SER B 505 2.07 24.01 5.56
C SER B 505 1.00 25.08 5.66
N PRO B 506 -0.27 24.70 5.52
CA PRO B 506 -1.34 25.67 5.75
C PRO B 506 -1.57 25.97 7.20
N THR B 507 -0.99 25.20 8.12
CA THR B 507 -1.00 25.56 9.53
C THR B 507 0.43 25.55 10.03
N TRP B 508 0.86 26.68 10.56
CA TRP B 508 2.18 26.81 11.16
C TRP B 508 2.05 27.61 12.43
N GLY B 509 3.09 27.58 13.25
CA GLY B 509 3.06 28.23 14.54
C GLY B 509 4.45 28.50 15.08
N ILE B 510 4.51 29.39 16.06
CA ILE B 510 5.76 29.72 16.73
C ILE B 510 5.49 29.86 18.22
N TYR B 511 6.49 29.53 19.03
CA TYR B 511 6.40 29.74 20.47
C TYR B 511 7.06 31.09 20.81
N SER B 512 6.32 31.93 21.55
CA SER B 512 6.77 33.27 21.89
C SER B 512 8.22 33.32 22.35
N GLY B 513 8.97 34.24 21.78
CA GLY B 513 10.41 34.27 21.90
C GLY B 513 11.12 33.82 20.65
N TYR B 514 10.45 33.04 19.81
CA TYR B 514 10.94 32.76 18.47
C TYR B 514 11.25 34.05 17.71
N GLU B 515 10.31 35.01 17.74
CA GLU B 515 10.48 36.25 16.97
C GLU B 515 11.68 37.08 17.46
N LEU B 516 12.05 36.97 18.74
CA LEU B 516 13.25 37.58 19.29
C LEU B 516 14.50 36.74 19.06
N CYS B 517 14.37 35.65 18.30
CA CYS B 517 15.46 34.74 17.96
C CYS B 517 16.17 34.18 19.21
N GLU B 518 15.39 33.83 20.23
CA GLU B 518 16.00 33.18 21.38
C GLU B 518 16.57 31.84 20.96
N ASN B 519 17.91 31.71 21.02
CA ASN B 519 18.60 30.54 20.50
C ASN B 519 19.70 30.06 21.45
N THR B 520 19.53 30.29 22.74
CA THR B 520 20.54 29.85 23.70
C THR B 520 20.08 28.56 24.38
N PRO B 521 20.79 27.45 24.17
CA PRO B 521 20.33 26.13 24.63
C PRO B 521 20.81 25.84 26.04
N LEU B 522 20.22 24.80 26.62
CA LEU B 522 20.60 24.36 27.96
C LEU B 522 22.09 24.00 28.03
N ARG B 523 22.54 23.12 27.14
CA ARG B 523 23.95 22.79 26.97
C ARG B 523 24.20 22.62 25.48
N GLU B 524 25.45 22.37 25.12
CA GLU B 524 25.69 21.87 23.79
C GLU B 524 25.09 20.47 23.70
N GLY B 525 24.50 20.15 22.55
CA GLY B 525 23.84 18.88 22.38
C GLY B 525 22.42 18.79 22.91
N SER B 526 21.91 19.84 23.54
CA SER B 526 20.53 19.85 24.01
C SER B 526 19.65 20.57 23.01
N GLU B 527 18.37 20.19 22.97
CA GLU B 527 17.35 21.01 22.31
C GLU B 527 16.45 21.70 23.32
N GLU B 528 16.82 21.64 24.59
CA GLU B 528 16.09 22.34 25.64
C GLU B 528 16.51 23.82 25.67
N TYR B 529 15.60 24.66 26.14
CA TYR B 529 15.89 26.07 26.29
C TYR B 529 16.66 26.32 27.58
N LEU B 530 17.70 27.15 27.50
CA LEU B 530 18.21 27.70 28.75
C LEU B 530 17.15 28.59 29.40
N ASP B 531 17.11 28.54 30.74
CA ASP B 531 16.20 29.36 31.53
C ASP B 531 14.77 29.21 31.04
N SER B 532 14.35 27.97 30.87
CA SER B 532 13.08 27.65 30.22
C SER B 532 11.90 28.35 30.87
N GLU B 533 11.07 28.99 30.03
CA GLU B 533 9.82 29.55 30.50
C GLU B 533 8.99 28.50 31.21
N LYS B 534 9.30 27.22 31.00
CA LYS B 534 8.52 26.16 31.62
C LYS B 534 8.69 26.15 33.13
N TYR B 535 9.83 26.67 33.62
CA TYR B 535 10.16 26.64 35.04
C TYR B 535 10.36 28.02 35.65
N GLN B 536 10.21 29.09 34.88
CA GLN B 536 10.44 30.42 35.41
C GLN B 536 9.66 31.45 34.59
N LEU B 537 9.21 32.49 35.27
CA LEU B 537 8.70 33.66 34.57
C LEU B 537 9.78 34.19 33.65
N LYS B 538 9.40 34.47 32.41
CA LYS B 538 10.32 34.89 31.36
C LYS B 538 9.79 36.23 30.83
N PRO B 539 10.04 37.34 31.54
CA PRO B 539 9.58 38.64 31.07
C PRO B 539 10.38 39.09 29.87
N ARG B 540 9.70 39.78 28.94
CA ARG B 540 10.33 40.21 27.72
C ARG B 540 9.87 41.63 27.42
N ASP B 541 10.82 42.48 27.04
CA ASP B 541 10.57 43.90 26.72
C ASP B 541 10.21 44.00 25.24
N TRP B 542 8.94 43.72 24.94
CA TRP B 542 8.50 43.65 23.56
C TRP B 542 8.68 44.99 22.84
N THR B 543 8.37 46.10 23.52
CA THR B 543 8.49 47.40 22.87
C THR B 543 9.94 47.71 22.51
N ARG B 544 10.86 47.41 23.44
CA ARG B 544 12.28 47.63 23.21
C ARG B 544 12.78 46.84 22.00
N ALA B 545 12.44 45.56 21.91
CA ALA B 545 12.95 44.73 20.83
C ALA B 545 12.56 45.28 19.46
N ALA B 546 11.34 45.80 19.35
CA ALA B 546 10.87 46.36 18.09
C ALA B 546 11.63 47.63 17.72
N ARG B 547 11.76 48.57 18.67
CA ARG B 547 12.58 49.76 18.42
C ARG B 547 14.01 49.37 18.05
N GLU B 548 14.58 48.42 18.79
CA GLU B 548 15.97 48.00 18.57
C GLU B 548 16.16 47.08 17.36
N GLY B 549 15.08 46.76 16.63
CA GLY B 549 15.14 45.95 15.43
C GLY B 549 15.65 44.54 15.63
N THR B 550 15.65 44.04 16.87
CA THR B 550 16.04 42.67 17.16
C THR B 550 14.87 41.71 17.22
N THR B 551 13.84 41.93 16.38
CA THR B 551 12.70 41.04 16.25
C THR B 551 12.40 40.82 14.78
N ILE B 552 12.06 39.57 14.44
CA ILE B 552 11.65 39.25 13.09
C ILE B 552 10.14 39.26 12.96
N ALA B 553 9.46 39.89 13.91
CA ALA B 553 8.02 40.11 13.80
C ALA B 553 7.60 40.75 12.48
N PRO B 554 8.34 41.71 11.90
CA PRO B 554 7.91 42.21 10.58
C PRO B 554 7.77 41.12 9.54
N LEU B 555 8.74 40.22 9.48
CA LEU B 555 8.66 39.14 8.50
C LEU B 555 7.54 38.17 8.84
N VAL B 556 7.40 37.79 10.11
CA VAL B 556 6.27 36.96 10.53
C VAL B 556 4.97 37.60 10.07
N THR B 557 4.85 38.92 10.26
CA THR B 557 3.64 39.62 9.84
C THR B 557 3.50 39.63 8.32
N ARG B 558 4.58 39.92 7.59
N ARG B 558 4.58 39.94 7.60
N ARG B 558 4.58 39.94 7.61
CA ARG B 558 4.48 39.89 6.13
CA ARG B 558 4.56 39.88 6.14
CA ARG B 558 4.57 39.88 6.15
C ARG B 558 4.14 38.49 5.63
C ARG B 558 4.15 38.50 5.65
C ARG B 558 4.13 38.50 5.67
N LEU B 559 4.68 37.45 6.28
CA LEU B 559 4.36 36.09 5.87
C LEU B 559 2.89 35.78 6.03
N ASN B 560 2.34 36.07 7.20
CA ASN B 560 0.94 35.77 7.45
C ASN B 560 0.02 36.55 6.55
N THR B 561 0.43 37.74 6.13
CA THR B 561 -0.32 38.46 5.11
C THR B 561 -0.27 37.70 3.78
N ILE B 562 0.93 37.30 3.36
CA ILE B 562 1.05 36.57 2.10
C ILE B 562 0.16 35.35 2.12
N ARG B 563 0.10 34.66 3.26
CA ARG B 563 -0.76 33.49 3.38
C ARG B 563 -2.21 33.86 3.18
N ARG B 564 -2.62 34.99 3.73
CA ARG B 564 -4.02 35.38 3.71
C ARG B 564 -4.48 35.91 2.37
N GLU B 565 -3.57 36.39 1.50
CA GLU B 565 -3.94 36.85 0.16
C GLU B 565 -3.77 35.79 -0.92
N ASN B 566 -3.15 34.65 -0.59
CA ASN B 566 -2.77 33.64 -1.57
C ASN B 566 -3.33 32.28 -1.20
N PRO B 567 -4.46 31.89 -1.80
CA PRO B 567 -5.11 30.64 -1.37
C PRO B 567 -4.28 29.41 -1.61
N ALA B 568 -3.25 29.50 -2.46
CA ALA B 568 -2.29 28.41 -2.62
C ALA B 568 -1.61 28.07 -1.31
N LEU B 569 -1.36 29.08 -0.47
CA LEU B 569 -0.77 28.84 0.84
C LEU B 569 -1.78 28.42 1.90
N ARG B 570 -3.07 28.35 1.59
CA ARG B 570 -4.09 27.94 2.54
C ARG B 570 -4.53 26.48 2.36
N GLN B 571 -3.77 25.70 1.60
CA GLN B 571 -4.08 24.29 1.37
C GLN B 571 -2.76 23.51 1.43
N LEU B 572 -2.87 22.18 1.47
CA LEU B 572 -1.70 21.37 1.74
C LEU B 572 -1.28 20.50 0.57
N ARG B 573 -2.22 19.93 -0.17
CA ARG B 573 -1.90 18.81 -1.04
C ARG B 573 -1.22 19.21 -2.35
N ASP B 574 -1.53 20.39 -2.91
CA ASP B 574 -0.87 20.79 -4.16
C ASP B 574 0.45 21.47 -3.82
N LEU B 575 1.53 20.72 -3.95
CA LEU B 575 2.86 21.21 -3.64
C LEU B 575 3.80 20.47 -4.55
N HIS B 576 4.71 21.19 -5.18
CA HIS B 576 5.62 20.53 -6.11
C HIS B 576 7.02 21.12 -5.97
N PHE B 577 8.00 20.23 -5.91
CA PHE B 577 9.39 20.64 -5.76
C PHE B 577 10.05 20.78 -7.12
N HIS B 578 10.82 21.84 -7.24
CA HIS B 578 11.54 22.21 -8.42
C HIS B 578 13.03 22.06 -8.19
N PRO B 579 13.73 21.50 -9.17
CA PRO B 579 15.17 21.26 -9.00
C PRO B 579 16.03 22.51 -9.16
N THR B 580 17.03 22.62 -8.27
CA THR B 580 18.04 23.66 -8.30
C THR B 580 19.39 22.97 -8.20
N ASP B 581 20.44 23.63 -8.70
CA ASP B 581 21.76 23.02 -8.78
C ASP B 581 22.63 23.24 -7.53
N LYS B 582 22.08 23.73 -6.44
CA LYS B 582 22.80 23.84 -5.17
C LYS B 582 22.05 23.11 -4.07
N GLU B 583 22.77 22.27 -3.32
CA GLU B 583 22.13 21.54 -2.23
C GLU B 583 21.38 22.47 -1.29
N GLU B 584 21.89 23.69 -1.08
CA GLU B 584 21.37 24.58 -0.05
C GLU B 584 20.20 25.41 -0.50
N VAL B 585 19.85 25.39 -1.78
CA VAL B 585 18.73 26.15 -2.30
C VAL B 585 17.63 25.17 -2.69
N ILE B 586 16.48 25.27 -2.01
CA ILE B 586 15.30 24.47 -2.30
C ILE B 586 14.29 25.40 -2.96
N ALA B 587 13.45 24.83 -3.83
CA ALA B 587 12.41 25.58 -4.53
C ALA B 587 11.17 24.72 -4.68
N TYR B 588 10.01 25.37 -4.67
CA TYR B 588 8.77 24.63 -4.71
C TYR B 588 7.65 25.61 -5.02
N SER B 589 6.54 25.06 -5.46
CA SER B 589 5.38 25.88 -5.74
C SER B 589 4.14 25.19 -5.21
N LYS B 590 3.13 25.99 -4.91
CA LYS B 590 1.83 25.52 -4.52
C LYS B 590 0.78 26.28 -5.31
N ARG B 591 -0.36 25.64 -5.53
CA ARG B 591 -1.38 26.17 -6.42
C ARG B 591 -2.75 25.94 -5.86
N GLN B 592 -3.60 26.94 -5.99
CA GLN B 592 -5.01 26.81 -5.64
C GLN B 592 -5.77 27.67 -6.64
N GLY B 593 -6.41 27.00 -7.61
CA GLY B 593 -7.03 27.73 -8.70
C GLY B 593 -6.01 28.52 -9.48
N SER B 594 -6.36 29.77 -9.80
CA SER B 594 -5.46 30.63 -10.55
C SER B 594 -4.26 31.09 -9.74
N ASN B 595 -4.32 30.97 -8.42
CA ASN B 595 -3.23 31.38 -7.53
C ASN B 595 -2.06 30.41 -7.62
N THR B 596 -0.88 30.94 -7.87
CA THR B 596 0.34 30.15 -7.84
C THR B 596 1.39 30.87 -7.02
N VAL B 597 1.76 30.31 -5.90
CA VAL B 597 2.89 30.82 -5.14
C VAL B 597 4.10 29.94 -5.45
N LEU B 598 5.26 30.57 -5.58
CA LEU B 598 6.49 29.89 -5.94
C LEU B 598 7.59 30.43 -5.03
N VAL B 599 8.27 29.53 -4.32
CA VAL B 599 9.17 29.93 -3.24
C VAL B 599 10.54 29.33 -3.50
N VAL B 600 11.57 30.13 -3.26
CA VAL B 600 12.96 29.71 -3.33
C VAL B 600 13.65 30.16 -2.05
N VAL B 601 14.13 29.19 -1.26
CA VAL B 601 14.70 29.42 0.06
C VAL B 601 16.17 29.00 0.08
N ASN B 602 17.00 29.80 0.74
CA ASN B 602 18.40 29.44 0.95
C ASN B 602 18.52 28.84 2.35
N LEU B 603 18.72 27.51 2.42
CA LEU B 603 18.83 26.82 3.71
C LEU B 603 20.19 27.00 4.37
N ASP B 604 21.14 27.62 3.68
CA ASP B 604 22.39 27.98 4.31
C ASP B 604 22.17 29.23 5.14
N PRO B 605 22.34 29.16 6.46
CA PRO B 605 22.18 30.37 7.28
C PRO B 605 23.40 31.27 7.27
N ARG B 606 24.56 30.79 6.81
CA ARG B 606 25.82 31.51 7.00
C ARG B 606 26.42 32.07 5.73
N HIS B 607 26.09 31.53 4.56
CA HIS B 607 26.76 31.94 3.34
C HIS B 607 25.75 32.27 2.26
N THR B 608 26.07 33.31 1.50
CA THR B 608 25.28 33.64 0.33
C THR B 608 25.32 32.49 -0.67
N GLN B 609 24.16 32.11 -1.18
CA GLN B 609 24.09 31.08 -2.20
C GLN B 609 23.50 31.66 -3.47
N GLU B 610 24.06 31.24 -4.59
CA GLU B 610 23.49 31.50 -5.90
C GLU B 610 23.25 30.16 -6.57
N ALA B 611 22.20 30.10 -7.38
CA ALA B 611 21.82 28.85 -8.00
C ALA B 611 21.01 29.15 -9.24
N THR B 612 20.88 28.14 -10.09
CA THR B 612 19.90 28.19 -11.16
C THR B 612 18.73 27.30 -10.76
N VAL B 613 17.56 27.91 -10.66
CA VAL B 613 16.33 27.18 -10.38
C VAL B 613 15.71 26.82 -11.73
N SER B 614 15.63 25.51 -12.02
CA SER B 614 15.11 25.00 -13.29
C SER B 614 13.66 24.62 -13.11
N LEU B 615 12.76 25.53 -13.50
CA LEU B 615 11.34 25.33 -13.23
C LEU B 615 10.76 24.22 -14.08
N ASP B 616 9.94 23.40 -13.43
CA ASP B 616 9.17 22.36 -14.07
C ASP B 616 7.91 23.03 -14.61
N MET B 617 8.03 23.60 -15.80
CA MET B 617 7.00 24.49 -16.34
C MET B 617 5.61 23.87 -16.37
N PRO B 618 5.40 22.61 -16.81
CA PRO B 618 4.04 22.05 -16.76
C PRO B 618 3.48 22.00 -15.35
N GLN B 619 4.33 21.79 -14.33
CA GLN B 619 3.83 21.77 -12.95
C GLN B 619 3.29 23.12 -12.52
N LEU B 620 3.74 24.21 -13.17
CA LEU B 620 3.17 25.54 -13.01
C LEU B 620 2.10 25.85 -14.04
N GLY B 621 1.83 24.94 -14.96
CA GLY B 621 0.78 25.15 -15.94
C GLY B 621 1.19 25.92 -17.17
N LEU B 622 2.46 25.84 -17.57
CA LEU B 622 2.95 26.60 -18.70
C LEU B 622 3.72 25.69 -19.65
N ASP B 623 3.79 26.09 -20.90
CA ASP B 623 4.71 25.42 -21.80
C ASP B 623 6.13 25.95 -21.57
N TRP B 624 7.11 25.12 -21.96
CA TRP B 624 8.50 25.33 -21.55
C TRP B 624 9.09 26.65 -22.03
N HIS B 625 8.38 27.38 -22.88
CA HIS B 625 8.90 28.58 -23.52
C HIS B 625 8.26 29.86 -22.98
N GLU B 626 7.36 29.76 -22.02
CA GLU B 626 6.62 30.93 -21.58
C GLU B 626 7.42 31.77 -20.58
N SER B 627 7.12 33.06 -20.60
CA SER B 627 7.58 33.98 -19.59
C SER B 627 6.71 33.77 -18.35
N VAL B 628 7.31 33.93 -17.16
CA VAL B 628 6.51 33.88 -15.95
C VAL B 628 6.74 35.16 -15.16
N PRO B 629 5.80 36.10 -15.22
CA PRO B 629 5.82 37.28 -14.35
C PRO B 629 5.53 36.92 -12.91
N VAL B 630 6.50 37.16 -12.03
CA VAL B 630 6.34 36.94 -10.61
C VAL B 630 6.55 38.26 -9.87
N ARG B 631 6.06 38.30 -8.63
CA ARG B 631 6.34 39.39 -7.71
C ARG B 631 6.81 38.79 -6.38
N ASP B 632 8.01 39.16 -5.97
CA ASP B 632 8.58 38.73 -4.69
C ASP B 632 7.80 39.38 -3.55
N GLU B 633 6.89 38.62 -2.95
CA GLU B 633 6.01 39.15 -1.90
C GLU B 633 6.76 39.63 -0.66
N LEU B 634 8.06 39.38 -0.57
CA LEU B 634 8.81 39.88 0.57
C LEU B 634 9.40 41.27 0.32
N THR B 635 9.89 41.51 -0.89
CA THR B 635 10.53 42.77 -1.25
C THR B 635 9.68 43.70 -2.11
N GLY B 636 8.59 43.21 -2.69
CA GLY B 636 7.84 43.98 -3.66
C GLY B 636 8.44 44.02 -5.06
N GLU B 637 9.68 43.56 -5.24
CA GLU B 637 10.31 43.53 -6.55
C GLU B 637 9.53 42.62 -7.50
N THR B 638 9.63 42.92 -8.79
CA THR B 638 8.97 42.15 -9.83
C THR B 638 10.02 41.61 -10.80
N TYR B 639 9.83 40.36 -11.21
CA TYR B 639 10.79 39.65 -12.04
C TYR B 639 10.06 38.94 -13.19
N HIS B 640 10.78 38.72 -14.28
CA HIS B 640 10.29 37.91 -15.40
C HIS B 640 11.08 36.62 -15.34
N TRP B 641 10.42 35.52 -15.03
CA TRP B 641 11.11 34.25 -14.87
C TRP B 641 10.75 33.34 -16.05
N GLY B 642 11.48 32.25 -16.17
CA GLY B 642 11.26 31.30 -17.26
C GLY B 642 11.57 29.90 -16.82
N ARG B 643 11.90 29.04 -17.80
CA ARG B 643 12.19 27.65 -17.48
C ARG B 643 13.42 27.50 -16.59
N ALA B 644 14.40 28.42 -16.70
CA ALA B 644 15.58 28.44 -15.83
C ALA B 644 15.87 29.85 -15.35
N ASN B 645 16.25 29.99 -14.08
CA ASN B 645 16.36 31.30 -13.43
C ASN B 645 17.52 31.33 -12.44
N TYR B 646 18.37 32.32 -12.57
CA TYR B 646 19.48 32.50 -11.67
C TYR B 646 19.03 33.35 -10.46
N VAL B 647 19.27 32.84 -9.25
CA VAL B 647 18.87 33.52 -8.03
C VAL B 647 20.10 33.73 -7.16
N ARG B 648 20.03 34.73 -6.30
CA ARG B 648 21.12 35.02 -5.36
C ARG B 648 20.50 35.45 -4.04
N LEU B 649 20.72 34.67 -2.98
CA LEU B 649 20.10 34.90 -1.67
C LEU B 649 21.18 35.09 -0.59
N GLU B 650 21.21 36.29 0.03
CA GLU B 650 22.19 36.65 1.07
C GLU B 650 21.58 36.52 2.45
N PRO B 651 22.13 35.71 3.37
CA PRO B 651 21.50 35.60 4.69
C PRO B 651 21.58 36.92 5.44
N GLY B 652 20.47 37.28 6.08
CA GLY B 652 20.35 38.59 6.69
C GLY B 652 19.55 39.54 5.84
N ARG B 653 19.89 39.65 4.55
N ARG B 653 19.91 39.65 4.55
CA ARG B 653 19.13 40.49 3.64
CA ARG B 653 19.18 40.49 3.59
C ARG B 653 17.97 39.71 3.01
C ARG B 653 17.99 39.71 3.04
N THR B 654 18.28 38.66 2.25
CA THR B 654 17.24 37.86 1.60
C THR B 654 17.34 36.38 1.97
N PRO B 655 16.49 35.90 2.89
CA PRO B 655 16.46 34.47 3.13
C PRO B 655 15.83 33.71 1.99
N ALA B 656 14.99 34.37 1.20
CA ALA B 656 14.14 33.61 0.30
C ALA B 656 13.39 34.56 -0.61
N HIS B 657 12.97 34.03 -1.76
CA HIS B 657 11.94 34.65 -2.56
C HIS B 657 10.64 33.92 -2.27
N VAL B 658 9.59 34.67 -1.98
CA VAL B 658 8.24 34.12 -1.91
C VAL B 658 7.47 34.88 -2.97
N CYS B 659 7.13 34.21 -4.06
CA CYS B 659 6.69 34.88 -5.28
C CYS B 659 5.27 34.48 -5.63
N THR B 660 4.46 35.47 -5.98
CA THR B 660 3.17 35.23 -6.59
C THR B 660 3.30 35.44 -8.09
N VAL B 661 2.66 34.60 -8.86
CA VAL B 661 2.59 34.76 -10.31
C VAL B 661 1.47 35.74 -10.66
N LEU B 662 1.69 36.51 -11.72
CA LEU B 662 0.72 37.47 -12.21
C LEU B 662 0.19 36.95 -13.55
N ARG B 663 -1.08 37.22 -13.85
CA ARG B 663 -1.73 36.60 -15.02
C ARG B 663 -1.01 36.78 -16.36
C1 PEG C . 12.51 -22.39 7.59
O1 PEG C . 13.62 -21.43 7.47
C2 PEG C . 11.30 -21.94 6.62
O2 PEG C . 10.28 -23.04 6.56
C3 PEG C . 9.29 -23.10 7.62
C4 PEG C . 8.69 -24.57 7.68
O4 PEG C . 8.93 -25.15 9.03
C02 RT6 D . -2.46 -17.49 -28.06
C03 RT6 D . -3.02 -18.85 -28.52
C05 RT6 D . -4.35 -18.60 -29.37
C07 RT6 D . -4.02 -19.19 -31.76
C08 RT6 D . -3.21 -18.72 -32.99
C10 RT6 D . -3.93 -17.64 -33.83
C12 RT6 D . -5.34 -18.22 -34.25
C14 RT6 D . -6.08 -18.61 -32.91
C15 RT6 D . -7.47 -19.28 -33.20
C18 RT6 D . -5.20 -17.54 -28.64
C19 RT6 D . -6.50 -17.12 -29.32
C21 RT6 D . -4.78 -16.75 -27.63
C22 RT6 D . -3.40 -16.86 -27.03
C24 RT6 D . -1.49 -14.87 -26.92
C25 RT6 D . -1.39 -13.30 -26.91
C26 RT6 D . -0.26 -12.71 -26.06
C27 RT6 D . 1.05 -13.36 -26.43
C28 RT6 D . 1.04 -14.85 -26.10
C29 RT6 D . -0.36 -15.54 -26.10
N23 RT6 D . -2.94 -15.38 -26.49
O01 RT6 D . -2.41 -16.59 -29.20
O04 RT6 D . -3.37 -19.49 -27.30
O06 RT6 D . -4.03 -18.18 -30.72
O09 RT6 D . -2.05 -18.19 -32.46
O11 RT6 D . -3.14 -17.26 -34.93
O13 RT6 D . -6.12 -17.23 -34.88
O16 RT6 D . -7.35 -20.19 -34.27
O17 RT6 D . -5.36 -19.51 -32.11
O20 RT6 D . -7.40 -18.17 -29.09
C02 RT6 E . 6.75 18.69 26.57
C03 RT6 E . 6.03 19.47 27.73
C05 RT6 E . 5.96 18.53 29.01
C07 RT6 E . 7.01 19.59 31.02
C08 RT6 E . 8.38 20.08 31.60
C10 RT6 E . 9.06 19.03 32.55
C12 RT6 E . 8.02 18.71 33.69
C14 RT6 E . 6.68 18.18 33.04
C15 RT6 E . 5.54 18.13 34.13
C18 RT6 E . 5.71 17.05 28.57
C19 RT6 E . 4.80 16.23 29.50
C21 RT6 E . 5.81 16.56 27.32
C22 RT6 E . 6.00 17.43 26.12
C24 RT6 E . 8.22 16.89 24.56
C25 RT6 E . 9.21 15.71 24.77
C26 RT6 E . 9.75 15.10 23.46
C27 RT6 E . 10.51 16.14 22.63
C28 RT6 E . 9.73 17.46 22.49
C29 RT6 E . 8.30 17.43 23.11
N23 RT6 E . 6.73 16.52 24.97
O01 RT6 E . 7.99 18.22 27.11
O04 RT6 E . 4.73 19.77 27.27
O06 RT6 E . 7.13 18.70 29.84
O09 RT6 E . 9.20 20.31 30.51
O11 RT6 E . 10.25 19.55 33.03
O13 RT6 E . 8.50 17.69 34.53
O16 RT6 E . 5.49 19.38 34.77
O17 RT6 E . 6.17 18.95 31.99
O20 RT6 E . 3.77 17.14 29.91
#